data_7JMN
#
_entry.id   7JMN
#
_cell.length_a   1.00
_cell.length_b   1.00
_cell.length_c   1.00
_cell.angle_alpha   90.00
_cell.angle_beta   90.00
_cell.angle_gamma   90.00
#
_symmetry.space_group_name_H-M   'P 1'
#
loop_
_entity.id
_entity.type
_entity.pdbx_description
1 polymer 'Mediator of RNA polymerase II transcription subunit 5'
2 polymer 'Mediator of RNA polymerase II transcription subunit 14'
3 polymer 'Mediator of RNA polymerase II transcription subunit 16'
4 polymer MED15
5 polymer 'Unknown peptide'
#
loop_
_entity_poly.entity_id
_entity_poly.type
_entity_poly.pdbx_seq_one_letter_code
_entity_poly.pdbx_strand_id
1 'polypeptide(L)'
;MVTVTDPLTARLEAAIKAWSDFFSDAEHERLDPAIFADQSQTLFANHPLAPVPLADLLLRPTPSNRECVDQRTLQYLQVL
QKQGRITTAAVLRALYKYSTAHTRAQTPDGKPKHGAGDSSTNDADVGGSSKADLTSRMVRWRNSYMVEEDVLWRLARAVN
HGTGIKTSHDVTEVAKVLARWTALFAEVSAAISRDAFNSMNGLQVKDESEDARNAFVLFYFAFCENQIVNETLSQPVCKD
ICRKLLDSLDAFLPTLMHLTADITGRLEHFRSEVLARYAPQEKKSMDMPSFMNDLSMSLESFQVPELPVVNTRAGLYIYL
GAALVGRPMIDDEALFSYLHNRYQGDLQAMAVHLILASFDLLANAVFRNEGAKTGHLLKSFLINKVPLILVQLVAYAATT
MYPFNAEMCITEALNQVDINMFPTLSGMFDMPNNNSFNDSVRQDFCFACQLHGLLSQAAIETLLGDITYQSLPPEGRYVK
EQLVQACLQEPDRTLKLIGELDNMNGNVGAAAQAIVEICRDLASKPLSLDVLLLFDKPHKILHPLCELLDNWAGYEEDHG
EYQPVYEEFGSVLLLLLAFVYRYNLSTADLGIRSSGSFVAKLLNGVDRCQPLEQLSEQEKSHLGGWIHGLFDTEAGGLGD
ELMSSCPPQDFYLLAPTLFHQIVNALSAGYLTDEMLKGGLEYLVDVLLLPALVPALLYLSNLLWADNQPIQNAVIKILQP
ILKPTSISNEASTMLSSVLNIVAKPLEHALKSYQRQDPECQKIEPLLLAIADNLAVSRRTGGADHTELESWCSAQITNPA
TGALIHGGLAAAVRTTIQQLVQWAQNPTLNSMNGMPAPYTHRQTLAAQQILGPHRLLGIILDELKSSPEPGIAYDVVTTM
ICAPDVRNSTISSPSTQSNNSSDHNDQAQNHQSQDAKHKHPHRLTLRDALRLEAHDFRAHLRADPVLAETVVRLYRRVEA
QLTPLALPLPPAAAAAPAVGVNVGVDAATAAAAAAAAAMMPDALGLGVVGGVELGGMEGAIAAAVAAANGSGTGGAGGDG
TQGGAGDAGMGLDGQQQGQGGSSAGDMGLGGGTADDIFSGLSGPDDFGADFGSWSMDLS
;
E
2 'polypeptide(L)'
;MEARAHGALPNNYDRERFINGVGGDDKALKRKLEEPLSDITKELDTVIAQSDVAVADPKGQLCPDADVPDEMEHITDGIL
PLNLLLIRLAEFSHSKLEELVTMLASKPVPQHAVNGNGSHSTLVEDASPESQEKKRLLLNTIQDLHSRWVKALVITEWAR
NAEKVGKLIDIRTHLFKKLELYPQVLNDFINLKRDMAWAKVPSPDLKTALHILTHGEVTWMPDFNFLDPPPLTTEETLRW
INDMNLALHARLQLEEHDKLPPPFKNYTIDSGRVTFRVRGEFEVDLSISEEDFSEQFWFINFRFDFSPAPAELTPAVRYW
MTEKVNNILKTEGLGGCYKYLHEFTLTQKIAELHRQAIALNKGRWANSLRVEKLNRNLGIHYWANRLHSQNLKSWIIIGV
HSGEDPQGLEEPKPSYLMVQWFREGVEQFIDIPFSQEKLSIEEILEFVTAKHVGYLLFSLFRKFDGKPRFTQGKKARLEL
NVWTQKPEDYYLSMQLLDDEDLKIQVNPWMGDFITTPSTGPWNRTLNSLGNPAEEGSKELENFRYIYIISVLKAQGKSHG
WSVVRSPISQDELRSIVHSESASSRETFQAAWTRFVDWDPQWYAMRSMSLAGDQWWLVEVTSQRQSISGNRLVFFTKMAP
CFSEERLTDGFFNGLRDHSRRLIAEITNLRELYPGITPSQLRKLIDPTRQPPVLPVKASKILGDFGGADAQSIAWLKDPV
WLIYRGSACDTRVSDSPQQKRTQPVLDVFEAYLDVTDRRRFQTLNPRLDRDILYNPYTGRFMFRLRAKMGVPVVPLLGIR
VRQLQRLLDFLEGLRRVGDDAVPERVTLREIVFSYGATRKRDSTNQPKVRPWRVRLDLTKEEGVGVVLEKGNPHLRVINR
LEDLVNSQKFYSLATYLTLSLPLFRAFQQLENAWQTAQENGRGSCFILHLSLDKHTIRFVLPGHQRQISLLIQPHEKEGK
LVWEVGRPRHDPELLNENCEFNRVLKERVWTISGSGFKGLVTGAAAEPDEGIERLLVLISDAVLHLSTSQPATAPPQPPQ
AQPSQQVQQVQQQQVVSQLQPQAQQPRSAMPHASVGQQQPHGAPAPMARFPPQQQQIFQQQRPPQPQPNMHGGQISQPNM
HGGPKPQLQGQHGQPGQMVAAPQQQGQRPGTGTAAGMGRSNAPLVVLD
;
N
3 'polypeptide(L)'
;MALLMEGGDPMSVDGSSTMPAHMRVMPDMGITGAPMTLDDVDLFGDAVMNNALDALPPAPGHPPPSRALQRRIAELRARG
CCQGIAWSRQGTIASISADGMSIELRFLRTNPENGDWELTDAALSLSVALVPASSPSATSSSGSGTSNTTVISAGAPFVH
LAWAPSVHTSSFELAAIDAPGRITIFLFTQNINKPYLSRKWDTDPVDDLHAVVGCYWLPLPFNVSYVANWVQTDYRYEPI
LSPAWGPIHPNHTKSALVCVTTNGLLKMLFPQNNNRIEETSIELESVTASDDLITHAAIGADRNTLLIALAMGSKQLRVV
RVGIQWWLPQVDKQQMPPSVPLRPSLRESRVAVTTLLDPEQQQSDGDAPIAQLTHLEILPSPLGETPQTVLPPVILAVRS
YLPQEGSLYAAHQEPFTVIDRWELFTDQPKAFHPAFEQLGAKNSASSQPSAMQTLRKLDPVVIPGKVVVTVNTLQFGRVV
CFGFSDGTLQYRDRFTMNEVYTEQATTNITSPLQVGFQWETEGPCLQMAFAPTNCSFVQVSEDGSVKWVKLRYPVDDPNM
TLQGPKLKAVAASLAVASVGANIAGPNIHNHCDDVMAIARPLAKKFKDFPTAWVREFVTMFKITVDYSEEAHHDQLMRNS
LLQFCLSILNHFGFNGDFQPRTFSGKFANLALAVRNIVVLITIASNAPNTIKEKLSPLDEPEVVDALASCAKWGFDLLAW
LTDRLLALSTDQTIKAMLADQKRFPDLARYLHSKNDVSLHLLLCSSTRGLLSAVCRRLQVVESLAHRATVYYESRYAVDP
AAAAQKTLPPLYHAYVKMQRVVTASLVKASDFDKLLTALSRDIQTAYIQTFSGVATQIRQHASGSGGQPLTEQQQQQCNE
QFIKKAQSHVELDMLLGQNPPPGFREVLACFFGNIFPAFRATVDPRSVFFADWSLLEEIVAEDERTLKRRREGGGRYVDV
FKRVELCGRGQVLPRGRIVASVKTERAEAVPMVPSQSQSSHQAASQAQGQQSQQQQGATPAPNATPSVPISQLNPPTGPT
QPPNSSGNTANANPNTGTNANTLGGSVPGLQGFVPVTANLAVNASQWRRCVRCAAVMEDVWGQRPGFTFVLTQQRRCACG
GGWGLVPRGD
;
P
4 'polypeptide(L)'
;MAANIPQFPNGQMAMLQQQQQQAQQQAIAANQQYMNVFILNNLRGSGTNLPGTWQAQIPPQQLLSERFQKTHILYTNIML
ASNGGDPQRCAVAALNLEKQIFQNAQDKASYDQAMAKKISEVMKRRESNGPALQNQVITDAQRQAQIQQQIQLAQAQQRQ
QQQLMLNRMAAQGLTQPPQPAFQPMQNPGQVPVIPQQMGINVAVPGMLPNAPSQPQLAMQMGQPRPGAIPVDLNQLSNQD
RMRIHEEVMRRVNSTTENSKMQIRQLMQQRLTPAQISEANASGKDLVYLYFQNQVVQVFRATMLQAQEKAQQVAQVQQAL
LMQQRQGIQGAGMPGVPPQGQVNPALMNALGQQPAISDAPMLGPNLTNEPQMGLLAQQPGQMIVPTNPAAVPGRPVTAGP
QLGAIPPQPTPGNPQAPNQTPRPGQLQQPFGMPQVNNPAAAAAAAAAAAAVQQPPQAQPGMRPPGPRTMPGQPGAITTVA
GPQPTSQSPAMNTLNAPMRQPPVAMTQATTQPVNPANAPMAGATLNAQFNHQNNARPLSMQGNMNNQAMAGMGAAANMNA
NNNPMKEFMARLQEQQRATAAAGFQGPKPGQVIGMPGQFPGGPMNALNQPGMFNQNSKPNAMVPPTAQAAALQQQQQQAN
AADMANIYKIIQTPQGQNMMNNMDIHQMILQEINKHLGGRLPPNITKWAHLRQFLAAQPNALPSEIVQRIMSYQILQFKN
FWKRASQPNAVGGIPQPVSNVPVSQFAGMNQPVAPPPGVQVPQSISQVSPQDIEGLRKNPKFANLTDDQLAEWIRKVKQQ
SFIKKAWEIHNNQSNAAQNQATNSSLIGQQKPGMTVPPTPTTAQPTSSVVQTAQSRPQGPQPTPTPQGPQGVQPQAAQPK
PTPSPAANVTTAPPATTGMSAASVQAANIRPSMPQQQQQPAPQPQAPQPPPPQQQQQQQQQQQQQQQQQQQQVPQPPQNS
RQAPMDPSPAMATKSLKRPSPDDSAEDTPAQQNITPMQRAPSQAAQVAPNAPNAASGEPPKLSPELQKLRNLASEAQLEV
SKEHLQPILMTPADQQETREKIAQVKLKMNQIRSMGLLPKWYYLTNDDNRARQFFRGRFKVVKQFTDGEAMTQLRDTFTI
TKEELNQYDNLLGSMLRDMMMSRVNQQQAAMMNQQQQTQQQTTQPTPATLANQQAAALRQAQQRVAPPPPKPVQQPPAQQ
QQPHQPAQPAQQQFQPGVQPTPAPAPEYFGDQRLTAANLVLPPRKKPKVSGNQTSPSANQQLAAGSPQVQALSPVATRKP
EPQVKPQAQIPQQQQQQQQQQQQQQQQQQPQAPPAPQFKCPEPGCTSLVAFPSEEALNAHRQEEHLKPAENPLAFMQEQM
ASVLALDAQGRAKASPKPSGQDVSTPVPTAPPMSASLSKQGQTPRLQAATPMSRNLSMQRQGSASGGKPGENMPTPGKSA
GGKGKEGATPQQMEDVWPQGTIDPANLFANLGGTLDAGTATISGSIITDFAAYRSSTPKDTPESSSSSKDSGVSEPNSDI
NENANLEIDLFWSNIDDGLLMDINNISMDGAAGSMGGSSGNAGGLVDISQFVEDPWGVDSANFSLDDFGRELDKGFGFLD
GTLGEGQQESGQGQGQGQPEVMVIE
;
O
5 'polypeptide(L)'
;(UNK)(UNK)(UNK)(UNK)(UNK)(UNK)(UNK)(UNK)(UNK)(UNK)(UNK)(UNK)(UNK)(UNK)(UNK)(UNK)
(UNK)(UNK)(UNK)(UNK)(UNK)(UNK)(UNK)(UNK)(UNK)(UNK)(UNK)(UNK)(UNK)(UNK)(UNK)(UNK)
(UNK)(UNK)(UNK)(UNK)(UNK)(UNK)(UNK)(UNK)(UNK)(UNK)(UNK)(UNK)(UNK)(UNK)(UNK)(UNK)
(UNK)(UNK)(UNK)(UNK)
;
X
#
# COMPACT_ATOMS: atom_id res chain seq x y z
N ARG A 60 32.42 15.23 -17.34
CA ARG A 60 31.37 14.38 -16.76
C ARG A 60 30.04 14.62 -17.45
N PRO A 61 29.87 14.07 -18.65
CA PRO A 61 28.63 14.28 -19.39
C PRO A 61 27.46 13.57 -18.73
N THR A 62 26.51 14.36 -18.23
CA THR A 62 25.32 13.83 -17.58
C THR A 62 24.14 14.69 -18.02
N PRO A 63 23.04 14.07 -18.46
CA PRO A 63 21.89 14.87 -18.87
C PRO A 63 21.20 15.50 -17.66
N SER A 64 20.79 16.76 -17.82
CA SER A 64 20.03 17.47 -16.81
C SER A 64 18.57 17.71 -17.20
N ASN A 65 18.29 17.86 -18.50
CA ASN A 65 16.93 18.03 -18.99
C ASN A 65 16.84 17.46 -20.39
N ARG A 66 15.73 16.80 -20.70
CA ARG A 66 15.55 16.18 -22.01
C ARG A 66 14.08 16.24 -22.42
N GLU A 67 13.85 16.43 -23.72
CA GLU A 67 12.54 16.49 -24.38
C GLU A 67 11.79 17.78 -24.06
N CYS A 68 12.31 18.56 -23.11
CA CYS A 68 11.75 19.87 -22.83
C CYS A 68 12.85 20.91 -22.70
N VAL A 69 14.09 20.55 -23.06
CA VAL A 69 15.22 21.48 -22.95
C VAL A 69 15.32 22.38 -24.16
N ASP A 70 14.36 22.30 -25.10
CA ASP A 70 14.44 23.13 -26.28
C ASP A 70 14.14 24.58 -25.96
N GLN A 71 13.15 24.84 -25.10
CA GLN A 71 12.95 26.20 -24.63
C GLN A 71 14.19 26.75 -23.96
N ARG A 72 14.85 25.92 -23.15
CA ARG A 72 16.01 26.40 -22.40
C ARG A 72 17.22 26.65 -23.32
N THR A 73 17.37 25.85 -24.37
CA THR A 73 18.45 26.06 -25.31
C THR A 73 18.08 27.06 -26.41
N LEU A 74 16.83 27.52 -26.43
CA LEU A 74 16.39 28.55 -27.34
C LEU A 74 16.48 29.94 -26.73
N GLN A 75 16.03 30.08 -25.48
CA GLN A 75 16.06 31.38 -24.84
C GLN A 75 17.49 31.88 -24.66
N TYR A 76 18.45 30.99 -24.46
CA TYR A 76 19.84 31.40 -24.38
C TYR A 76 20.27 32.05 -25.69
N LEU A 77 20.00 31.38 -26.82
CA LEU A 77 20.40 31.92 -28.12
C LEU A 77 19.72 33.25 -28.39
N GLN A 78 18.46 33.39 -28.00
CA GLN A 78 17.76 34.65 -28.25
C GLN A 78 18.32 35.78 -27.39
N VAL A 79 18.55 35.50 -26.10
CA VAL A 79 19.13 36.51 -25.22
C VAL A 79 20.50 36.93 -25.71
N LEU A 80 21.27 36.01 -26.27
CA LEU A 80 22.58 36.36 -26.78
C LEU A 80 22.50 37.15 -28.09
N GLN A 81 21.55 36.80 -28.95
CA GLN A 81 21.36 37.59 -30.18
C GLN A 81 20.80 38.98 -29.89
N LYS A 82 20.18 39.17 -28.72
CA LYS A 82 19.61 40.47 -28.38
C LYS A 82 20.60 41.61 -28.54
N GLN A 83 21.90 41.33 -28.47
CA GLN A 83 22.93 42.31 -28.82
C GLN A 83 23.35 42.06 -30.27
N GLY A 84 22.55 42.59 -31.18
CA GLY A 84 22.67 42.28 -32.59
C GLY A 84 23.98 42.78 -33.20
N ARG A 85 24.06 42.64 -34.52
CA ARG A 85 25.23 43.04 -35.30
C ARG A 85 26.50 42.35 -34.80
N ILE A 86 26.39 41.04 -34.61
CA ILE A 86 27.51 40.23 -34.14
C ILE A 86 28.61 40.15 -35.19
N PHE A 216 -13.76 26.58 -25.01
CA PHE A 216 -12.37 26.67 -25.43
C PHE A 216 -11.44 26.39 -24.26
N VAL A 217 -10.18 26.10 -24.56
CA VAL A 217 -9.16 25.89 -23.54
C VAL A 217 -8.47 27.22 -23.29
N LEU A 218 -7.78 27.30 -22.16
CA LEU A 218 -7.12 28.54 -21.73
C LEU A 218 -5.61 28.43 -21.90
N PHE A 219 -4.94 29.57 -21.77
CA PHE A 219 -3.51 29.67 -22.03
C PHE A 219 -2.89 30.56 -20.97
N TYR A 220 -1.66 31.03 -21.23
CA TYR A 220 -0.86 31.65 -20.18
C TYR A 220 -1.49 32.94 -19.66
N PHE A 221 -2.10 33.73 -20.55
CA PHE A 221 -2.77 34.94 -20.12
C PHE A 221 -3.76 34.67 -19.00
N ALA A 222 -4.34 33.47 -18.96
CA ALA A 222 -5.30 33.09 -17.92
C ALA A 222 -4.76 32.02 -16.99
N PHE A 223 -3.50 31.61 -17.14
CA PHE A 223 -2.91 30.62 -16.26
C PHE A 223 -1.76 31.17 -15.42
N CYS A 224 -1.34 32.41 -15.68
CA CYS A 224 -0.49 33.14 -14.75
C CYS A 224 -1.31 33.98 -13.78
N GLU A 225 -2.48 34.44 -14.22
CA GLU A 225 -3.40 35.13 -13.32
C GLU A 225 -3.76 34.26 -12.13
N ASN A 226 -3.88 32.95 -12.35
CA ASN A 226 -4.16 32.02 -11.25
C ASN A 226 -3.00 32.00 -10.27
N GLN A 227 -1.77 31.78 -10.76
CA GLN A 227 -0.60 31.75 -9.91
C GLN A 227 -0.38 33.06 -9.17
N ILE A 228 -0.89 34.16 -9.70
CA ILE A 228 -0.77 35.44 -8.99
C ILE A 228 -1.85 35.57 -7.93
N VAL A 229 -3.11 35.50 -8.33
CA VAL A 229 -4.22 35.67 -7.40
C VAL A 229 -4.09 34.71 -6.22
N ASN A 230 -3.55 33.51 -6.46
CA ASN A 230 -3.14 32.63 -5.37
C ASN A 230 -1.62 32.76 -5.25
N GLU A 231 -1.20 33.80 -4.54
CA GLU A 231 0.23 34.03 -4.33
C GLU A 231 0.86 32.79 -3.70
N THR A 232 2.03 32.42 -4.20
CA THR A 232 2.75 31.24 -3.70
C THR A 232 3.31 31.60 -2.33
N LEU A 233 2.43 31.57 -1.34
CA LEU A 233 2.78 31.99 0.01
C LEU A 233 3.90 31.13 0.57
N SER A 234 4.52 31.62 1.65
CA SER A 234 5.82 31.12 2.12
C SER A 234 6.84 31.24 1.01
N GLN A 235 7.09 32.48 0.60
CA GLN A 235 7.79 32.79 -0.63
C GLN A 235 9.19 33.34 -0.35
N PRO A 236 10.26 32.60 -0.64
CA PRO A 236 11.59 33.16 -0.43
C PRO A 236 11.91 34.32 -1.38
N VAL A 237 11.92 34.05 -2.68
CA VAL A 237 12.19 35.09 -3.68
C VAL A 237 11.22 34.97 -4.85
N CYS A 238 10.56 33.82 -4.96
CA CYS A 238 9.80 33.51 -6.16
C CYS A 238 8.56 34.38 -6.32
N LYS A 239 8.19 35.16 -5.31
CA LYS A 239 7.03 36.05 -5.43
C LYS A 239 7.36 37.33 -6.18
N ASP A 240 8.61 37.82 -6.07
CA ASP A 240 9.03 38.98 -6.82
C ASP A 240 8.83 38.78 -8.31
N ILE A 241 9.36 37.67 -8.84
CA ILE A 241 9.24 37.38 -10.27
C ILE A 241 7.78 37.34 -10.69
N CYS A 242 6.94 36.66 -9.91
CA CYS A 242 5.55 36.48 -10.29
C CYS A 242 4.80 37.81 -10.31
N ARG A 243 4.95 38.60 -9.25
CA ARG A 243 4.21 39.85 -9.17
C ARG A 243 4.71 40.85 -10.21
N LYS A 244 6.03 40.87 -10.47
CA LYS A 244 6.56 41.76 -11.49
C LYS A 244 6.12 41.32 -12.88
N LEU A 245 5.98 40.02 -13.11
CA LEU A 245 5.48 39.56 -14.40
C LEU A 245 4.02 39.95 -14.58
N LEU A 246 3.19 39.78 -13.54
CA LEU A 246 1.81 40.23 -13.66
C LEU A 246 1.74 41.73 -13.91
N ASP A 247 2.64 42.50 -13.30
CA ASP A 247 2.65 43.93 -13.56
C ASP A 247 3.02 44.22 -15.01
N SER A 248 4.11 43.64 -15.49
CA SER A 248 4.61 43.96 -16.83
C SER A 248 3.66 43.46 -17.92
N LEU A 249 2.93 42.38 -17.66
CA LEU A 249 2.10 41.74 -18.67
C LEU A 249 0.91 42.60 -19.10
N ASP A 250 0.74 43.79 -18.54
CA ASP A 250 -0.42 44.64 -18.84
C ASP A 250 -0.13 45.64 -19.95
N ALA A 251 0.68 45.23 -20.92
CA ALA A 251 0.75 45.97 -22.17
C ALA A 251 -0.46 45.66 -23.05
N PHE A 252 -1.00 44.45 -22.95
CA PHE A 252 -2.17 44.08 -23.74
C PHE A 252 -3.41 44.83 -23.24
N LEU A 253 -3.54 45.00 -21.94
CA LEU A 253 -4.70 45.65 -21.35
C LEU A 253 -4.57 47.17 -21.52
N PRO A 254 -5.41 47.91 -20.81
CA PRO A 254 -5.43 49.38 -20.86
C PRO A 254 -5.74 49.88 -22.27
N THR A 255 -6.59 49.15 -22.99
CA THR A 255 -6.99 49.55 -24.33
C THR A 255 -7.82 50.84 -24.29
N LEU A 299 -1.14 46.41 -4.60
CA LEU A 299 0.01 46.80 -3.79
C LEU A 299 0.22 45.81 -2.65
N GLU A 300 0.01 44.53 -2.94
CA GLU A 300 0.14 43.51 -1.91
C GLU A 300 1.60 43.29 -1.52
N SER A 301 2.43 42.90 -2.47
CA SER A 301 3.82 42.56 -2.20
C SER A 301 4.77 43.73 -2.40
N PHE A 302 4.27 44.91 -2.75
CA PHE A 302 5.08 46.12 -2.97
C PHE A 302 6.07 45.96 -4.11
N GLN A 303 5.90 44.93 -4.94
CA GLN A 303 6.70 44.67 -6.14
C GLN A 303 8.15 44.29 -5.81
N VAL A 304 8.52 44.39 -4.53
CA VAL A 304 9.78 43.89 -4.00
C VAL A 304 11.01 44.62 -4.54
N PRO A 305 10.80 45.51 -5.51
CA PRO A 305 11.89 46.25 -6.14
C PRO A 305 11.35 47.27 -7.14
N GLU A 306 12.26 48.02 -7.75
CA GLU A 306 11.94 48.90 -8.88
C GLU A 306 12.99 48.63 -9.96
N LEU A 307 12.73 47.62 -10.79
CA LEU A 307 13.73 47.20 -11.77
C LEU A 307 13.44 47.82 -13.12
N PRO A 308 14.47 48.31 -13.82
CA PRO A 308 14.23 49.01 -15.10
C PRO A 308 13.72 48.08 -16.19
N VAL A 309 13.42 48.65 -17.36
CA VAL A 309 12.96 47.89 -18.52
C VAL A 309 13.66 48.38 -19.76
N VAL A 310 13.91 47.46 -20.70
CA VAL A 310 14.64 47.75 -21.92
C VAL A 310 13.78 47.35 -23.10
N ASN A 311 13.88 48.12 -24.19
CA ASN A 311 13.21 47.82 -25.44
C ASN A 311 14.24 47.19 -26.37
N THR A 312 14.26 45.86 -26.41
CA THR A 312 15.24 45.13 -27.21
C THR A 312 14.77 45.03 -28.65
N ARG A 313 15.47 44.22 -29.44
CA ARG A 313 15.13 44.01 -30.84
C ARG A 313 14.27 42.76 -31.06
N ALA A 314 13.95 42.03 -29.99
CA ALA A 314 13.29 40.74 -30.10
C ALA A 314 11.87 40.76 -29.58
N GLY A 315 11.21 41.92 -29.60
CA GLY A 315 9.81 41.97 -29.23
C GLY A 315 8.89 41.86 -30.42
N LEU A 316 9.06 42.75 -31.38
CA LEU A 316 8.21 42.71 -32.57
C LEU A 316 8.55 41.52 -33.46
N TYR A 317 9.80 41.07 -33.42
CA TYR A 317 10.17 39.80 -34.04
C TYR A 317 9.21 38.70 -33.62
N ILE A 318 9.13 38.45 -32.31
CA ILE A 318 8.26 37.38 -31.80
C ILE A 318 6.80 37.69 -32.08
N TYR A 319 6.38 38.94 -31.88
CA TYR A 319 4.98 39.29 -32.09
C TYR A 319 4.54 38.96 -33.51
N LEU A 320 5.28 39.43 -34.51
CA LEU A 320 4.90 39.20 -35.90
C LEU A 320 5.04 37.72 -36.27
N GLY A 321 6.10 37.06 -35.80
CA GLY A 321 6.28 35.66 -36.10
C GLY A 321 5.18 34.79 -35.52
N ALA A 322 4.54 35.26 -34.44
CA ALA A 322 3.43 34.53 -33.86
C ALA A 322 2.09 34.93 -34.48
N ALA A 323 1.99 36.14 -35.00
CA ALA A 323 0.73 36.56 -35.63
C ALA A 323 0.58 36.02 -37.03
N LEU A 324 1.68 35.78 -37.74
CA LEU A 324 1.61 35.32 -39.13
C LEU A 324 1.92 33.84 -39.29
N VAL A 325 1.48 33.00 -38.35
CA VAL A 325 1.80 31.58 -38.39
C VAL A 325 0.62 30.70 -38.78
N GLY A 326 -0.60 31.22 -38.71
CA GLY A 326 -1.77 30.45 -39.10
C GLY A 326 -2.69 31.28 -39.98
N ARG A 327 -3.93 31.43 -39.58
CA ARG A 327 -4.80 32.39 -40.23
C ARG A 327 -4.28 33.79 -39.92
N PRO A 328 -3.87 34.56 -40.93
CA PRO A 328 -3.32 35.90 -40.66
C PRO A 328 -4.33 36.76 -39.91
N MET A 329 -3.91 37.24 -38.74
CA MET A 329 -4.81 37.92 -37.81
C MET A 329 -4.18 39.19 -37.28
N ILE A 330 -3.62 40.01 -38.17
CA ILE A 330 -3.09 41.32 -37.80
C ILE A 330 -4.12 42.34 -38.24
N ASP A 331 -5.01 42.71 -37.32
CA ASP A 331 -6.05 43.68 -37.60
C ASP A 331 -5.57 45.08 -37.24
N ASP A 332 -6.49 46.04 -37.23
CA ASP A 332 -6.10 47.46 -37.17
C ASP A 332 -5.81 47.88 -35.74
N GLU A 333 -6.82 47.85 -34.87
CA GLU A 333 -6.66 48.47 -33.55
C GLU A 333 -5.92 47.57 -32.58
N ALA A 334 -6.16 46.26 -32.62
CA ALA A 334 -5.43 45.36 -31.74
C ALA A 334 -3.94 45.39 -31.99
N LEU A 335 -3.50 45.94 -33.12
CA LEU A 335 -2.09 46.14 -33.41
C LEU A 335 -1.64 47.57 -33.15
N PHE A 336 -2.45 48.57 -33.51
CA PHE A 336 -2.03 49.95 -33.28
C PHE A 336 -1.99 50.29 -31.80
N SER A 337 -2.94 49.80 -31.01
CA SER A 337 -2.92 50.05 -29.58
C SER A 337 -1.98 49.06 -28.90
N TYR A 338 -0.78 48.93 -29.44
CA TYR A 338 0.31 48.14 -28.84
C TYR A 338 1.47 49.11 -28.68
N LEU A 339 1.46 49.86 -27.59
CA LEU A 339 2.41 50.95 -27.35
C LEU A 339 3.20 50.64 -26.09
N HIS A 340 4.30 49.91 -26.26
CA HIS A 340 5.38 49.98 -25.29
C HIS A 340 6.40 51.03 -25.71
N ASN A 341 6.64 51.17 -27.01
CA ASN A 341 7.18 52.40 -27.54
C ASN A 341 6.14 53.51 -27.41
N ARG A 342 6.59 54.75 -27.53
CA ARG A 342 5.67 55.87 -27.53
C ARG A 342 5.95 56.95 -28.56
N TYR A 343 7.11 56.95 -29.22
CA TYR A 343 7.49 58.10 -30.05
C TYR A 343 7.76 57.74 -31.51
N GLN A 344 8.55 56.71 -31.79
CA GLN A 344 8.98 56.46 -33.17
C GLN A 344 9.01 54.97 -33.45
N GLY A 345 8.24 54.54 -34.45
CA GLY A 345 8.20 53.17 -34.89
C GLY A 345 9.19 52.84 -35.98
N ASP A 346 10.48 52.91 -35.67
CA ASP A 346 11.53 52.42 -36.55
C ASP A 346 11.94 51.00 -36.23
N LEU A 347 11.73 50.55 -34.98
CA LEU A 347 12.01 49.18 -34.61
C LEU A 347 11.18 48.18 -35.41
N GLN A 348 10.17 48.63 -36.14
CA GLN A 348 9.46 47.78 -37.09
C GLN A 348 9.59 48.39 -38.48
N ALA A 349 10.77 48.22 -39.06
CA ALA A 349 10.98 48.19 -40.50
C ALA A 349 12.04 47.18 -40.88
N MET A 350 12.81 46.68 -39.91
CA MET A 350 13.79 45.62 -40.09
C MET A 350 13.41 44.33 -39.39
N ALA A 351 12.41 44.36 -38.51
CA ALA A 351 11.92 43.14 -37.90
C ALA A 351 11.14 42.29 -38.87
N VAL A 352 11.05 42.68 -40.13
CA VAL A 352 10.52 41.82 -41.19
C VAL A 352 11.62 41.37 -42.14
N HIS A 353 12.62 42.22 -42.37
CA HIS A 353 13.84 41.75 -43.02
C HIS A 353 14.44 40.60 -42.24
N LEU A 354 14.40 40.69 -40.90
CA LEU A 354 14.93 39.60 -40.09
C LEU A 354 14.10 38.33 -40.25
N ILE A 355 12.78 38.46 -40.42
CA ILE A 355 11.95 37.28 -40.60
C ILE A 355 12.24 36.62 -41.94
N LEU A 356 12.39 37.42 -43.00
CA LEU A 356 12.78 36.85 -44.29
C LEU A 356 14.13 36.16 -44.20
N ALA A 357 15.10 36.78 -43.53
CA ALA A 357 16.41 36.16 -43.41
C ALA A 357 16.38 34.89 -42.57
N SER A 358 15.50 34.83 -41.58
CA SER A 358 15.41 33.64 -40.74
C SER A 358 14.64 32.51 -41.41
N PHE A 359 13.75 32.82 -42.35
CA PHE A 359 12.96 31.79 -43.00
C PHE A 359 13.45 31.44 -44.40
N ASP A 360 14.49 32.12 -44.90
CA ASP A 360 15.15 31.63 -46.11
C ASP A 360 16.08 30.47 -45.78
N LEU A 361 17.09 30.70 -44.93
CA LEU A 361 17.85 29.58 -44.42
C LEU A 361 16.96 28.80 -43.45
N LEU A 362 17.35 27.55 -43.18
CA LEU A 362 16.46 26.58 -42.53
C LEU A 362 15.21 26.41 -43.38
N ALA A 363 15.42 25.86 -44.58
CA ALA A 363 14.51 25.99 -45.71
C ALA A 363 13.06 25.73 -45.33
N ASN A 364 12.23 26.75 -45.48
CA ASN A 364 10.79 26.66 -45.33
C ASN A 364 10.08 27.47 -46.41
N ALA A 365 10.70 27.58 -47.59
CA ALA A 365 10.16 28.38 -48.68
C ALA A 365 9.00 27.67 -49.36
N VAL A 366 7.90 27.55 -48.62
CA VAL A 366 6.70 26.89 -49.12
C VAL A 366 5.62 27.92 -49.43
N ASN A 369 8.16 30.84 -47.96
CA ASN A 369 6.79 31.35 -48.00
C ASN A 369 6.74 32.71 -48.69
N GLU A 370 5.63 32.98 -49.40
CA GLU A 370 5.34 34.33 -49.84
C GLU A 370 4.31 35.00 -48.97
N GLY A 371 3.48 34.25 -48.26
CA GLY A 371 2.57 34.82 -47.29
C GLY A 371 3.25 35.65 -46.23
N ALA A 372 4.58 35.58 -46.12
CA ALA A 372 5.37 36.45 -45.27
C ALA A 372 6.06 37.55 -46.06
N LYS A 373 5.64 37.78 -47.30
CA LYS A 373 6.08 38.94 -48.07
C LYS A 373 5.02 40.04 -47.98
N THR A 374 4.87 40.57 -46.76
CA THR A 374 4.11 41.78 -46.52
C THR A 374 5.00 43.01 -46.50
N GLY A 375 6.29 42.84 -46.81
CA GLY A 375 7.20 43.97 -46.80
C GLY A 375 6.83 45.05 -47.80
N HIS A 376 6.20 44.66 -48.92
CA HIS A 376 5.84 45.64 -49.94
C HIS A 376 4.40 46.12 -49.79
N LEU A 377 3.45 45.20 -49.67
CA LEU A 377 2.05 45.56 -49.81
C LEU A 377 1.48 46.14 -48.52
N LEU A 378 1.83 45.59 -47.37
CA LEU A 378 1.31 46.09 -46.10
C LEU A 378 2.31 47.04 -45.44
N LYS A 379 2.58 48.14 -46.15
CA LYS A 379 3.30 49.29 -45.59
C LYS A 379 2.43 50.54 -45.65
N SER A 380 1.12 50.35 -45.52
CA SER A 380 0.22 51.46 -45.25
C SER A 380 0.31 51.91 -43.80
N PHE A 381 1.06 51.19 -42.96
CA PHE A 381 1.27 51.61 -41.58
C PHE A 381 1.89 53.00 -41.52
N LEU A 382 2.89 53.26 -42.36
CA LEU A 382 3.57 54.56 -42.31
C LEU A 382 2.67 55.67 -42.84
N ILE A 383 1.96 55.41 -43.94
CA ILE A 383 1.08 56.44 -44.50
C ILE A 383 -0.12 56.69 -43.61
N ASN A 384 -0.47 55.74 -42.73
CA ASN A 384 -1.52 55.96 -41.75
C ASN A 384 -1.00 56.60 -40.47
N LYS A 385 0.26 56.36 -40.14
CA LYS A 385 0.85 56.91 -38.93
C LYS A 385 1.33 58.34 -39.12
N VAL A 386 1.63 58.75 -40.36
CA VAL A 386 2.01 60.14 -40.62
C VAL A 386 0.94 61.10 -40.12
N PRO A 387 -0.34 60.99 -40.54
CA PRO A 387 -1.33 62.00 -40.09
C PRO A 387 -1.79 61.81 -38.66
N LEU A 388 -1.83 60.57 -38.17
CA LEU A 388 -2.26 60.33 -36.80
C LEU A 388 -1.37 61.01 -35.78
N ILE A 389 -0.11 61.28 -36.14
CA ILE A 389 0.78 62.02 -35.27
C ILE A 389 0.82 63.47 -35.74
N LEU A 390 0.66 63.68 -37.04
CA LEU A 390 0.65 65.03 -37.59
C LEU A 390 -0.49 65.88 -37.05
N VAL A 391 -1.54 65.25 -36.52
CA VAL A 391 -2.66 66.00 -35.98
C VAL A 391 -2.21 66.94 -34.86
N GLN A 392 -1.11 66.61 -34.19
CA GLN A 392 -0.60 67.46 -33.11
C GLN A 392 0.86 67.83 -33.25
N LEU A 393 1.71 66.93 -33.77
CA LEU A 393 3.13 67.17 -33.94
C LEU A 393 3.48 67.14 -35.41
N VAL A 394 4.23 68.14 -35.87
CA VAL A 394 4.49 68.32 -37.30
C VAL A 394 5.99 68.20 -37.57
N ALA A 395 6.66 67.33 -36.80
CA ALA A 395 8.11 67.15 -36.90
C ALA A 395 8.46 65.68 -36.97
N TYR A 396 7.81 64.95 -37.87
CA TYR A 396 8.04 63.52 -38.02
C TYR A 396 9.08 63.22 -39.10
N ALA A 397 8.84 63.71 -40.32
CA ALA A 397 9.78 63.58 -41.44
C ALA A 397 10.11 62.12 -41.73
N ALA A 398 9.08 61.38 -42.17
CA ALA A 398 9.24 59.95 -42.42
C ALA A 398 10.24 59.65 -43.54
N THR A 399 10.53 60.64 -44.39
CA THR A 399 11.44 60.40 -45.50
C THR A 399 12.85 60.08 -45.00
N THR A 400 13.28 60.72 -43.92
CA THR A 400 14.57 60.46 -43.32
C THR A 400 14.49 59.50 -42.12
N MET A 401 13.35 58.84 -41.95
CA MET A 401 13.21 57.92 -40.82
C MET A 401 13.88 56.59 -41.09
N TYR A 402 13.42 55.88 -42.11
CA TYR A 402 13.99 54.57 -42.40
C TYR A 402 15.39 54.61 -43.01
N PRO A 403 15.80 55.63 -43.80
CA PRO A 403 17.14 55.57 -44.41
C PRO A 403 18.30 55.56 -43.42
N PHE A 404 18.05 55.57 -42.11
CA PHE A 404 19.04 55.12 -41.16
C PHE A 404 18.67 53.78 -40.54
N ASN A 405 17.64 53.12 -41.07
CA ASN A 405 17.37 51.72 -40.82
C ASN A 405 17.84 50.82 -41.96
N ALA A 406 17.64 51.25 -43.20
CA ALA A 406 18.04 50.52 -44.38
C ALA A 406 19.52 50.53 -44.61
N GLU A 407 20.26 51.01 -43.61
CA GLU A 407 21.71 50.88 -43.56
C GLU A 407 22.14 49.80 -42.58
N MET A 408 21.20 49.13 -41.92
CA MET A 408 21.49 48.18 -40.86
C MET A 408 20.98 46.79 -41.19
N CYS A 409 21.21 46.35 -42.43
CA CYS A 409 20.93 44.98 -42.84
C CYS A 409 22.07 44.52 -43.75
N ILE A 410 22.37 43.22 -43.69
CA ILE A 410 23.52 42.68 -44.41
C ILE A 410 23.34 42.90 -45.91
N THR A 411 24.48 43.06 -46.59
CA THR A 411 24.49 43.28 -48.04
C THR A 411 24.94 42.05 -48.81
N GLU A 412 24.83 40.86 -48.20
CA GLU A 412 25.10 39.61 -48.88
C GLU A 412 23.84 38.80 -49.12
N ALA A 413 22.92 38.75 -48.16
CA ALA A 413 21.65 38.08 -48.38
C ALA A 413 20.67 39.00 -49.11
N LEU A 414 20.32 40.12 -48.49
CA LEU A 414 19.40 41.09 -49.09
C LEU A 414 20.23 42.07 -49.92
N ASN A 415 20.42 41.74 -51.18
CA ASN A 415 21.37 42.45 -52.04
C ASN A 415 20.82 43.83 -52.40
N GLN A 416 21.54 44.55 -53.26
CA GLN A 416 21.25 45.94 -53.57
C GLN A 416 20.89 46.21 -55.02
N VAL A 417 20.86 45.18 -55.87
CA VAL A 417 20.49 45.39 -57.28
C VAL A 417 19.49 44.32 -57.72
N ASN A 438 14.88 33.20 -54.13
CA ASN A 438 16.05 34.06 -54.05
C ASN A 438 15.66 35.39 -53.41
N ASP A 439 16.62 36.32 -53.31
CA ASP A 439 16.41 37.58 -52.60
C ASP A 439 16.92 38.74 -53.44
N SER A 440 16.00 39.57 -53.92
CA SER A 440 16.30 40.85 -54.54
C SER A 440 15.31 41.90 -54.03
N VAL A 441 15.13 41.93 -52.72
CA VAL A 441 13.99 42.63 -52.11
C VAL A 441 14.25 44.10 -51.85
N ARG A 442 15.51 44.50 -51.67
CA ARG A 442 15.79 45.91 -51.36
C ARG A 442 15.47 46.81 -52.54
N GLN A 443 15.80 46.37 -53.75
CA GLN A 443 15.55 47.18 -54.93
C GLN A 443 14.06 47.38 -55.18
N ASP A 444 13.21 46.53 -54.61
CA ASP A 444 11.78 46.58 -54.89
C ASP A 444 10.95 47.09 -53.73
N PHE A 445 11.44 47.04 -52.49
CA PHE A 445 10.70 47.63 -51.39
C PHE A 445 10.54 49.13 -51.61
N CYS A 446 11.66 49.86 -51.58
CA CYS A 446 11.63 51.25 -51.93
C CYS A 446 11.53 51.40 -53.45
N PHE A 447 11.19 52.61 -53.88
CA PHE A 447 11.05 52.94 -55.31
C PHE A 447 9.87 52.21 -55.93
N ALA A 448 9.21 51.35 -55.17
CA ALA A 448 7.98 50.71 -55.61
C ALA A 448 6.89 50.73 -54.55
N CYS A 449 7.22 50.86 -53.27
CA CYS A 449 6.22 51.13 -52.26
C CYS A 449 6.43 52.46 -51.56
N GLN A 450 7.66 52.98 -51.52
CA GLN A 450 7.95 54.27 -50.90
C GLN A 450 7.91 55.41 -51.90
N LEU A 451 7.27 55.20 -53.05
CA LEU A 451 6.83 56.29 -53.91
C LEU A 451 5.32 56.33 -54.04
N HIS A 452 4.63 55.20 -53.90
CA HIS A 452 3.17 55.17 -53.81
C HIS A 452 2.80 55.60 -52.39
N GLY A 453 2.82 56.90 -52.17
CA GLY A 453 2.58 57.45 -50.85
C GLY A 453 3.52 58.59 -50.53
N LEU A 454 4.34 59.00 -51.50
CA LEU A 454 5.24 60.14 -51.39
C LEU A 454 6.05 60.10 -50.09
N LEU A 455 6.85 59.03 -49.97
CA LEU A 455 7.70 58.83 -48.81
C LEU A 455 9.17 58.72 -49.18
N SER A 456 9.53 58.95 -50.45
CA SER A 456 10.93 58.97 -50.86
C SER A 456 11.04 59.65 -52.21
N GLN A 457 11.79 60.75 -52.28
CA GLN A 457 12.11 61.42 -53.53
C GLN A 457 13.61 61.53 -53.65
N ALA A 458 14.09 61.51 -54.90
CA ALA A 458 15.52 61.42 -55.19
C ALA A 458 16.14 60.23 -54.46
N ALA A 459 15.41 59.11 -54.44
CA ALA A 459 15.82 57.89 -53.76
C ALA A 459 16.89 57.16 -54.57
N ILE A 460 18.03 57.82 -54.73
CA ILE A 460 19.14 57.25 -55.49
C ILE A 460 20.08 56.46 -54.59
N GLU A 461 20.47 57.02 -53.45
CA GLU A 461 21.26 56.28 -52.46
C GLU A 461 20.38 55.53 -51.47
N THR A 462 19.10 55.35 -51.79
CA THR A 462 18.16 54.63 -50.93
C THR A 462 18.12 55.19 -49.51
N GLY A 465 0.93 54.04 -61.38
CA GLY A 465 -0.53 54.11 -61.29
C GLY A 465 -1.00 53.84 -59.86
N ASP A 466 -1.24 54.92 -59.11
CA ASP A 466 -1.73 54.82 -57.74
C ASP A 466 -3.22 54.52 -57.75
N ILE A 467 -3.54 53.27 -58.13
CA ILE A 467 -4.93 52.84 -58.13
C ILE A 467 -5.48 52.90 -56.70
N THR A 468 -6.73 53.31 -56.58
CA THR A 468 -7.31 53.65 -55.29
C THR A 468 -8.50 52.76 -54.98
N TYR A 469 -9.12 53.02 -53.83
CA TYR A 469 -10.29 52.31 -53.35
C TYR A 469 -11.55 52.63 -54.13
N GLN A 470 -11.47 53.46 -55.16
CA GLN A 470 -12.62 53.82 -56.00
C GLN A 470 -12.45 53.27 -57.41
N SER A 471 -12.01 52.02 -57.49
CA SER A 471 -12.00 51.25 -58.73
C SER A 471 -13.20 50.35 -58.80
N LEU A 472 -14.34 50.84 -58.32
CA LEU A 472 -15.56 50.05 -58.21
C LEU A 472 -16.72 50.54 -59.07
N PRO A 473 -16.53 50.80 -60.36
CA PRO A 473 -17.65 50.68 -61.31
C PRO A 473 -17.64 49.32 -61.99
N PRO A 474 -18.05 48.23 -61.30
CA PRO A 474 -18.06 46.91 -61.94
C PRO A 474 -19.32 46.67 -62.76
N GLU A 475 -19.72 47.68 -63.52
CA GLU A 475 -20.93 47.62 -64.33
C GLU A 475 -20.67 47.95 -65.79
N GLY A 476 -19.82 48.92 -66.07
CA GLY A 476 -19.35 49.13 -67.43
C GLY A 476 -18.28 48.19 -67.87
N ARG A 477 -17.88 47.26 -66.98
CA ARG A 477 -16.83 46.29 -67.26
C ARG A 477 -16.92 45.21 -66.19
N TYR A 478 -16.19 44.13 -66.41
CA TYR A 478 -16.14 43.02 -65.46
C TYR A 478 -14.71 42.54 -65.29
N VAL A 479 -13.80 43.48 -65.07
CA VAL A 479 -12.38 43.20 -64.89
C VAL A 479 -12.13 42.48 -63.56
N LYS A 480 -13.20 42.25 -62.80
CA LYS A 480 -13.08 41.57 -61.52
C LYS A 480 -12.60 40.13 -61.65
N GLU A 481 -12.36 39.66 -62.86
CA GLU A 481 -11.66 38.40 -63.09
C GLU A 481 -10.24 38.64 -63.59
N GLN A 482 -9.80 39.90 -63.61
CA GLN A 482 -8.40 40.27 -63.75
C GLN A 482 -7.81 40.78 -62.45
N LEU A 483 -8.60 41.51 -61.67
CA LEU A 483 -8.19 41.85 -60.31
C LEU A 483 -7.90 40.59 -59.51
N VAL A 484 -8.81 39.62 -59.57
CA VAL A 484 -8.65 38.37 -58.83
C VAL A 484 -7.46 37.56 -59.34
N GLN A 485 -6.94 37.90 -60.51
CA GLN A 485 -5.75 37.25 -61.04
C GLN A 485 -4.46 37.99 -60.71
N ALA A 486 -4.53 39.30 -60.51
CA ALA A 486 -3.36 40.11 -60.19
C ALA A 486 -3.16 40.24 -58.69
N CYS A 487 -3.56 39.24 -57.91
CA CYS A 487 -3.32 39.28 -56.47
C CYS A 487 -1.92 38.83 -56.10
N LEU A 488 -1.36 37.86 -56.83
CA LEU A 488 -0.02 37.36 -56.54
C LEU A 488 1.05 38.09 -57.35
N GLN A 489 1.00 39.42 -57.28
CA GLN A 489 1.99 40.28 -57.92
C GLN A 489 2.25 41.44 -56.98
N GLU A 490 3.53 41.73 -56.73
CA GLU A 490 3.92 42.63 -55.64
C GLU A 490 4.84 43.76 -56.10
N PRO A 491 4.41 44.60 -57.07
CA PRO A 491 5.05 45.91 -57.18
C PRO A 491 4.60 46.81 -56.05
N ASP A 492 3.27 46.97 -55.96
CA ASP A 492 2.58 47.62 -54.86
C ASP A 492 1.09 47.42 -55.09
N ARG A 493 0.26 48.21 -54.40
CA ARG A 493 -1.16 48.34 -54.68
C ARG A 493 -1.86 46.98 -54.81
N THR A 494 -1.66 46.15 -53.79
CA THR A 494 -2.60 45.07 -53.50
C THR A 494 -3.71 45.55 -52.57
N LEU A 495 -3.96 46.86 -52.58
CA LEU A 495 -5.13 47.47 -51.96
C LEU A 495 -6.39 47.24 -52.80
N LYS A 496 -6.29 46.59 -53.94
CA LYS A 496 -7.45 46.17 -54.70
C LYS A 496 -8.00 44.86 -54.17
N LEU A 497 -8.16 44.79 -52.85
CA LEU A 497 -8.79 43.70 -52.12
C LEU A 497 -9.96 44.19 -51.28
N ILE A 498 -9.79 45.32 -50.59
CA ILE A 498 -10.94 45.97 -49.98
C ILE A 498 -11.89 46.45 -51.07
N GLY A 499 -11.35 46.85 -52.22
CA GLY A 499 -12.14 47.19 -53.39
C GLY A 499 -12.60 46.00 -54.19
N GLU A 500 -12.35 44.80 -53.70
CA GLU A 500 -12.83 43.58 -54.31
C GLU A 500 -13.78 42.80 -53.41
N LEU A 501 -13.72 43.01 -52.10
CA LEU A 501 -14.69 42.44 -51.17
C LEU A 501 -15.96 43.27 -51.07
N ASP A 502 -16.14 44.26 -51.94
CA ASP A 502 -17.40 44.97 -52.07
C ASP A 502 -18.16 44.54 -53.32
N ASN A 503 -17.81 43.38 -53.88
CA ASN A 503 -18.59 42.73 -54.92
C ASN A 503 -19.31 41.50 -54.41
N MET A 504 -18.69 40.75 -53.50
CA MET A 504 -19.36 39.65 -52.81
C MET A 504 -20.48 40.15 -51.90
N ASN A 505 -20.67 41.45 -51.79
CA ASN A 505 -21.80 42.03 -51.08
C ASN A 505 -22.84 42.60 -52.03
N GLY A 506 -22.42 43.27 -53.10
CA GLY A 506 -23.37 43.69 -54.11
C GLY A 506 -24.07 42.51 -54.76
N ASN A 507 -23.32 41.47 -55.09
CA ASN A 507 -23.90 40.29 -55.71
C ASN A 507 -24.53 39.33 -54.70
N VAL A 508 -24.83 39.81 -53.50
CA VAL A 508 -25.62 39.04 -52.55
C VAL A 508 -26.82 39.88 -52.15
N GLY A 509 -26.67 41.21 -52.20
CA GLY A 509 -27.83 42.07 -52.17
C GLY A 509 -28.61 42.05 -53.46
N ALA A 510 -28.01 41.53 -54.53
CA ALA A 510 -28.66 41.34 -55.81
C ALA A 510 -28.56 39.87 -56.20
N ALA A 511 -28.88 39.56 -57.45
CA ALA A 511 -28.99 38.19 -57.90
C ALA A 511 -27.63 37.61 -58.32
N ALA A 512 -27.57 36.28 -58.33
CA ALA A 512 -26.41 35.51 -58.72
C ALA A 512 -26.31 35.40 -60.24
N GLN A 513 -25.51 34.44 -60.72
CA GLN A 513 -25.19 34.13 -62.10
C GLN A 513 -24.12 35.07 -62.66
N ALA A 514 -23.72 36.11 -61.92
CA ALA A 514 -22.51 36.86 -62.22
C ALA A 514 -21.41 36.55 -61.22
N ILE A 515 -21.51 35.41 -60.52
CA ILE A 515 -20.63 35.08 -59.42
C ILE A 515 -20.05 33.68 -59.61
N VAL A 516 -20.60 32.94 -60.58
CA VAL A 516 -20.16 31.57 -60.80
C VAL A 516 -18.69 31.54 -61.22
N GLU A 517 -18.30 32.41 -62.16
CA GLU A 517 -16.91 32.44 -62.60
C GLU A 517 -15.98 32.90 -61.48
N ILE A 518 -16.41 33.90 -60.71
CA ILE A 518 -15.58 34.38 -59.60
C ILE A 518 -15.33 33.28 -58.60
N CYS A 519 -16.38 32.53 -58.25
CA CYS A 519 -16.21 31.45 -57.27
C CYS A 519 -15.36 30.32 -57.84
N ARG A 520 -15.55 30.00 -59.12
CA ARG A 520 -14.74 28.94 -59.74
C ARG A 520 -13.27 29.33 -59.78
N ASP A 521 -12.96 30.62 -59.94
CA ASP A 521 -11.57 31.06 -60.01
C ASP A 521 -10.94 31.34 -58.66
N LEU A 522 -11.75 31.56 -57.62
CA LEU A 522 -11.20 31.62 -56.26
C LEU A 522 -11.12 30.26 -55.59
N ALA A 523 -11.89 29.27 -56.04
CA ALA A 523 -11.80 27.95 -55.43
C ALA A 523 -10.44 27.32 -55.69
N SER A 524 -9.90 27.51 -56.88
CA SER A 524 -8.54 27.07 -57.17
C SER A 524 -7.55 28.10 -56.62
N LYS A 525 -6.26 27.79 -56.74
CA LYS A 525 -5.19 28.62 -56.22
C LYS A 525 -5.42 28.95 -54.75
N PRO A 526 -5.28 27.97 -53.85
CA PRO A 526 -5.52 28.25 -52.43
C PRO A 526 -4.45 29.09 -51.77
N LEU A 527 -3.29 29.27 -52.41
CA LEU A 527 -2.26 30.14 -51.87
C LEU A 527 -2.62 31.62 -51.99
N SER A 528 -3.67 31.94 -52.73
CA SER A 528 -4.14 33.31 -52.90
C SER A 528 -5.40 33.58 -52.08
N LEU A 529 -5.60 32.82 -51.01
CA LEU A 529 -6.71 33.04 -50.11
C LEU A 529 -6.31 33.70 -48.79
N ASP A 530 -5.04 33.59 -48.40
CA ASP A 530 -4.56 34.29 -47.21
C ASP A 530 -4.39 35.78 -47.43
N VAL A 531 -4.19 36.20 -48.69
CA VAL A 531 -3.97 37.61 -48.96
C VAL A 531 -5.23 38.42 -48.68
N LEU A 532 -6.42 37.82 -48.87
CA LEU A 532 -7.65 38.52 -48.54
C LEU A 532 -7.76 38.76 -47.05
N LEU A 533 -7.42 37.76 -46.24
CA LEU A 533 -7.53 37.89 -44.80
C LEU A 533 -6.42 38.73 -44.20
N LEU A 534 -5.30 38.90 -44.92
CA LEU A 534 -4.31 39.89 -44.49
C LEU A 534 -4.94 41.27 -44.35
N PHE A 535 -5.85 41.62 -45.27
CA PHE A 535 -6.33 42.98 -45.38
C PHE A 535 -7.72 43.19 -44.79
N ASP A 536 -8.62 42.22 -44.89
CA ASP A 536 -9.98 42.41 -44.41
C ASP A 536 -10.33 41.42 -43.31
N LYS A 537 -11.34 41.79 -42.53
CA LYS A 537 -11.82 40.95 -41.45
C LYS A 537 -12.45 39.68 -42.00
N PRO A 538 -12.49 38.62 -41.19
CA PRO A 538 -13.10 37.37 -41.65
C PRO A 538 -14.62 37.40 -41.72
N HIS A 539 -15.28 38.21 -40.91
CA HIS A 539 -16.73 38.23 -40.88
C HIS A 539 -17.35 39.04 -42.01
N LYS A 540 -16.54 39.63 -42.89
CA LYS A 540 -17.05 40.38 -44.02
C LYS A 540 -17.19 39.53 -45.28
N ILE A 541 -16.75 38.27 -45.24
CA ILE A 541 -16.86 37.36 -46.37
C ILE A 541 -17.85 36.23 -46.08
N LEU A 542 -17.67 35.54 -44.96
CA LEU A 542 -18.52 34.40 -44.62
C LEU A 542 -19.97 34.83 -44.43
N HIS A 543 -20.21 35.71 -43.46
CA HIS A 543 -21.58 36.11 -43.12
C HIS A 543 -22.41 36.58 -44.32
N PRO A 544 -21.88 37.33 -45.29
CA PRO A 544 -22.67 37.65 -46.49
C PRO A 544 -22.59 36.61 -47.60
N LEU A 545 -21.93 35.48 -47.37
CA LEU A 545 -21.92 34.38 -48.31
C LEU A 545 -22.63 33.14 -47.80
N CYS A 546 -22.68 32.95 -46.48
CA CYS A 546 -23.45 31.85 -45.91
C CYS A 546 -24.95 32.14 -45.87
N GLU A 547 -25.34 33.42 -45.98
CA GLU A 547 -26.74 33.79 -45.97
C GLU A 547 -27.34 33.91 -47.36
N LEU A 548 -26.83 33.15 -48.31
CA LEU A 548 -27.46 32.99 -49.60
C LEU A 548 -27.88 31.56 -49.87
N LEU A 549 -27.08 30.58 -49.45
CA LEU A 549 -27.47 29.19 -49.57
C LEU A 549 -28.69 28.90 -48.70
N ASP A 550 -28.72 29.46 -47.49
CA ASP A 550 -29.81 29.20 -46.56
C ASP A 550 -31.11 29.88 -46.94
N ASN A 551 -31.10 30.77 -47.94
CA ASN A 551 -32.31 31.40 -48.43
C ASN A 551 -32.56 31.13 -49.91
N TRP A 552 -31.71 30.36 -50.57
CA TRP A 552 -31.97 29.93 -51.94
C TRP A 552 -31.45 28.52 -52.18
N TYR A 562 -34.69 23.03 -64.63
CA TYR A 562 -33.69 24.03 -64.99
C TYR A 562 -32.28 23.54 -64.70
N GLN A 563 -31.44 23.54 -65.74
CA GLN A 563 -30.08 23.04 -65.58
C GLN A 563 -29.19 23.99 -64.80
N PRO A 564 -29.00 25.25 -65.22
CA PRO A 564 -27.93 26.07 -64.59
C PRO A 564 -28.17 26.45 -63.14
N VAL A 565 -29.35 26.17 -62.57
CA VAL A 565 -29.56 26.47 -61.16
C VAL A 565 -28.68 25.56 -60.30
N TYR A 566 -28.64 24.27 -60.63
CA TYR A 566 -27.74 23.36 -59.96
C TYR A 566 -26.30 23.84 -60.05
N GLU A 567 -25.90 24.35 -61.21
CA GLU A 567 -24.54 24.83 -61.40
C GLU A 567 -24.25 26.04 -60.51
N GLU A 568 -25.18 26.99 -60.50
CA GLU A 568 -25.00 28.18 -59.67
C GLU A 568 -24.95 27.82 -58.19
N PHE A 569 -25.66 26.76 -57.79
CA PHE A 569 -25.59 26.34 -56.39
C PHE A 569 -24.25 25.68 -56.09
N GLY A 570 -23.82 24.75 -56.94
CA GLY A 570 -22.59 24.02 -56.67
C GLY A 570 -21.36 24.91 -56.71
N SER A 571 -21.27 25.79 -57.70
CA SER A 571 -20.10 26.65 -57.81
C SER A 571 -19.98 27.63 -56.65
N VAL A 572 -21.10 27.97 -55.99
CA VAL A 572 -21.02 28.82 -54.82
C VAL A 572 -20.72 27.99 -53.58
N LEU A 573 -21.26 26.77 -53.51
CA LEU A 573 -20.95 25.90 -52.37
C LEU A 573 -19.48 25.51 -52.35
N LEU A 574 -18.83 25.44 -53.51
CA LEU A 574 -17.44 25.01 -53.58
C LEU A 574 -16.48 25.90 -52.80
N LEU A 575 -16.89 27.09 -52.37
CA LEU A 575 -16.02 28.03 -51.69
C LEU A 575 -16.08 27.90 -50.17
N LEU A 576 -17.28 27.72 -49.61
CA LEU A 576 -17.41 27.54 -48.18
C LEU A 576 -16.65 26.32 -47.71
N LEU A 577 -16.71 25.22 -48.47
CA LEU A 577 -15.99 24.01 -48.08
C LEU A 577 -14.48 24.14 -48.26
N ALA A 578 -14.01 25.16 -48.96
CA ALA A 578 -12.57 25.42 -48.99
C ALA A 578 -12.16 26.26 -47.80
N PHE A 579 -12.91 27.34 -47.52
CA PHE A 579 -12.60 28.18 -46.37
C PHE A 579 -12.68 27.40 -45.07
N VAL A 580 -13.68 26.52 -44.93
CA VAL A 580 -13.87 25.83 -43.66
C VAL A 580 -12.78 24.79 -43.43
N TYR A 581 -12.31 24.13 -44.49
CA TYR A 581 -11.39 23.02 -44.33
C TYR A 581 -9.92 23.40 -44.45
N ARG A 582 -9.60 24.53 -45.08
CA ARG A 582 -8.20 24.94 -45.12
C ARG A 582 -7.73 25.51 -43.78
N TYR A 583 -8.60 26.22 -43.07
CA TYR A 583 -8.26 26.83 -41.79
C TYR A 583 -8.88 26.11 -40.61
N ASN A 584 -9.63 25.04 -40.84
CA ASN A 584 -10.27 24.26 -39.77
C ASN A 584 -11.18 25.14 -38.91
N LEU A 585 -12.21 25.69 -39.55
CA LEU A 585 -13.17 26.54 -38.85
C LEU A 585 -14.18 25.67 -38.12
N SER A 586 -15.23 26.30 -37.59
CA SER A 586 -16.30 25.60 -36.89
C SER A 586 -17.61 26.25 -37.26
N THR A 587 -18.66 25.94 -36.50
CA THR A 587 -19.99 26.52 -36.74
C THR A 587 -20.14 27.80 -35.93
N ALA A 588 -19.25 28.76 -36.23
CA ALA A 588 -19.24 30.06 -35.59
C ALA A 588 -19.67 31.17 -36.54
N ASP A 589 -20.66 30.90 -37.39
CA ASP A 589 -21.10 31.86 -38.40
C ASP A 589 -22.59 32.17 -38.32
N LEU A 590 -23.41 31.20 -37.93
CA LEU A 590 -24.87 31.33 -37.97
C LEU A 590 -25.52 31.08 -36.62
N GLY A 591 -24.73 31.01 -35.54
CA GLY A 591 -25.30 30.78 -34.21
C GLY A 591 -26.27 31.89 -33.83
N ILE A 592 -25.90 33.14 -34.14
CA ILE A 592 -26.73 34.31 -33.84
C ILE A 592 -27.08 34.39 -32.35
N GLY A 605 -31.23 25.47 -37.50
CA GLY A 605 -32.03 24.97 -38.61
C GLY A 605 -31.69 25.71 -39.90
N VAL A 606 -30.73 25.17 -40.65
CA VAL A 606 -30.31 25.77 -41.90
C VAL A 606 -29.62 24.72 -42.75
N ASP A 607 -29.50 25.00 -44.05
CA ASP A 607 -28.81 24.08 -44.94
C ASP A 607 -27.35 23.94 -44.57
N ARG A 608 -26.76 24.98 -43.99
CA ARG A 608 -25.36 24.90 -43.58
C ARG A 608 -25.15 24.07 -42.33
N CYS A 609 -26.16 23.34 -41.85
CA CYS A 609 -25.98 22.42 -40.73
C CYS A 609 -25.48 21.05 -41.17
N GLN A 610 -25.19 20.86 -42.46
CA GLN A 610 -24.74 19.59 -43.01
C GLN A 610 -23.36 19.14 -42.52
N PRO A 611 -22.42 20.02 -42.14
CA PRO A 611 -21.13 19.51 -41.63
C PRO A 611 -21.25 18.58 -40.44
N LEU A 612 -22.44 18.43 -39.85
CA LEU A 612 -22.60 17.51 -38.73
C LEU A 612 -22.89 16.10 -39.19
N GLU A 613 -23.47 15.93 -40.37
CA GLU A 613 -23.94 14.62 -40.85
C GLU A 613 -22.94 14.08 -41.86
N GLN A 614 -22.11 13.14 -41.42
CA GLN A 614 -21.24 12.35 -42.29
C GLN A 614 -21.36 10.87 -41.94
N LEU A 615 -22.59 10.42 -41.68
CA LEU A 615 -22.87 9.04 -41.30
C LEU A 615 -24.17 8.62 -41.97
N SER A 616 -24.16 7.44 -42.59
CA SER A 616 -25.37 6.91 -43.21
C SER A 616 -26.43 6.70 -42.14
N GLU A 617 -27.50 7.51 -42.19
CA GLU A 617 -28.48 7.56 -41.11
C GLU A 617 -29.18 6.22 -40.89
N GLN A 618 -29.99 5.79 -41.85
CA GLN A 618 -30.80 4.59 -41.69
C GLN A 618 -31.61 4.31 -42.96
N GLU A 619 -32.31 3.18 -42.97
CA GLU A 619 -33.22 2.84 -44.05
C GLU A 619 -34.53 2.37 -43.45
N LYS A 620 -35.62 2.57 -44.20
CA LYS A 620 -36.99 2.12 -43.92
C LYS A 620 -37.67 2.93 -42.83
N SER A 621 -37.08 4.02 -42.33
CA SER A 621 -37.76 4.82 -41.32
C SER A 621 -38.74 5.79 -41.95
N HIS A 622 -38.24 6.76 -42.73
CA HIS A 622 -39.10 7.66 -43.48
C HIS A 622 -38.54 7.98 -44.86
N LEU A 623 -37.52 7.25 -45.32
CA LEU A 623 -36.92 7.54 -46.62
C LEU A 623 -37.74 6.91 -47.74
N GLY A 624 -37.80 5.57 -47.76
CA GLY A 624 -38.60 4.82 -48.71
C GLY A 624 -38.50 5.28 -50.15
N GLY A 625 -37.32 5.74 -50.56
CA GLY A 625 -37.19 6.32 -51.88
C GLY A 625 -38.00 7.59 -52.02
N TRP A 626 -37.89 8.47 -51.02
CA TRP A 626 -38.61 9.73 -51.03
C TRP A 626 -38.38 10.48 -52.34
N ILE A 627 -37.14 10.82 -52.62
CA ILE A 627 -36.73 11.38 -53.90
C ILE A 627 -35.63 10.47 -54.43
N HIS A 628 -36.03 9.45 -55.20
CA HIS A 628 -35.07 8.50 -55.76
C HIS A 628 -35.40 8.21 -57.21
N GLY A 629 -35.87 9.23 -57.93
CA GLY A 629 -35.78 9.18 -59.37
C GLY A 629 -34.35 9.04 -59.82
N LEU A 630 -33.43 9.69 -59.11
CA LEU A 630 -32.02 9.37 -59.22
C LEU A 630 -31.79 7.91 -58.83
N PHE A 631 -30.64 7.37 -59.26
CA PHE A 631 -30.27 5.97 -59.05
C PHE A 631 -31.11 5.07 -59.96
N ASP A 632 -32.11 5.65 -60.63
CA ASP A 632 -32.79 5.00 -61.73
C ASP A 632 -32.22 5.45 -63.07
N THR A 633 -31.48 6.55 -63.09
CA THR A 633 -30.74 7.04 -64.25
C THR A 633 -29.28 7.31 -63.93
N GLU A 634 -28.98 7.77 -62.72
CA GLU A 634 -27.59 8.10 -62.39
C GLU A 634 -26.68 6.87 -62.40
N ALA A 635 -27.23 5.70 -62.10
CA ALA A 635 -26.47 4.46 -62.16
C ALA A 635 -27.08 3.41 -63.07
N GLY A 636 -28.29 3.65 -63.58
CA GLY A 636 -28.90 2.72 -64.51
C GLY A 636 -28.24 2.76 -65.87
N GLY A 637 -28.68 1.82 -66.72
CA GLY A 637 -28.20 1.77 -68.09
C GLY A 637 -29.31 2.04 -69.08
N LEU A 638 -30.12 3.04 -68.79
CA LEU A 638 -31.33 3.31 -69.56
C LEU A 638 -31.26 4.62 -70.34
N GLY A 639 -30.97 5.74 -69.68
CA GLY A 639 -30.97 7.02 -70.37
C GLY A 639 -30.46 8.20 -69.58
N ASP A 640 -30.94 9.39 -69.93
CA ASP A 640 -30.45 10.64 -69.37
C ASP A 640 -31.34 11.06 -68.19
N GLU A 641 -31.11 12.27 -67.67
CA GLU A 641 -31.89 12.80 -66.56
C GLU A 641 -32.38 14.19 -66.94
N LEU A 642 -33.65 14.30 -67.32
CA LEU A 642 -34.27 15.57 -67.64
C LEU A 642 -35.46 15.89 -66.77
N MET A 643 -36.39 14.94 -66.61
CA MET A 643 -37.63 15.20 -65.89
C MET A 643 -37.47 15.22 -64.39
N SER A 644 -36.35 14.76 -63.85
CA SER A 644 -36.13 14.78 -62.41
C SER A 644 -36.10 16.22 -61.93
N SER A 645 -37.17 16.65 -61.27
CA SER A 645 -37.32 18.03 -60.81
C SER A 645 -37.40 18.02 -59.29
N CYS A 646 -36.26 18.03 -58.63
CA CYS A 646 -36.14 18.16 -57.20
C CYS A 646 -35.31 19.38 -56.86
N PRO A 647 -35.60 20.06 -55.75
CA PRO A 647 -34.81 21.24 -55.39
C PRO A 647 -33.35 20.85 -55.23
N PRO A 648 -32.43 21.74 -55.60
CA PRO A 648 -31.00 21.39 -55.56
C PRO A 648 -30.47 21.14 -54.16
N GLN A 649 -31.28 21.34 -53.12
CA GLN A 649 -30.84 21.07 -51.77
C GLN A 649 -31.00 19.60 -51.41
N ASP A 650 -30.47 18.71 -52.26
CA ASP A 650 -30.38 17.29 -51.94
C ASP A 650 -28.94 16.85 -51.74
N PHE A 651 -27.98 17.78 -51.81
CA PHE A 651 -26.60 17.46 -51.47
C PHE A 651 -26.52 16.79 -50.11
N TYR A 652 -27.23 17.33 -49.13
CA TYR A 652 -27.20 16.81 -47.77
C TYR A 652 -28.29 15.76 -47.59
N LEU A 653 -27.99 14.79 -46.73
CA LEU A 653 -28.90 13.72 -46.33
C LEU A 653 -29.08 12.69 -47.44
N LEU A 654 -28.53 12.95 -48.62
CA LEU A 654 -28.65 11.99 -49.72
C LEU A 654 -27.37 11.74 -50.49
N ALA A 655 -26.26 12.35 -50.13
CA ALA A 655 -24.99 11.90 -50.72
C ALA A 655 -24.48 10.66 -50.00
N PRO A 656 -24.31 10.68 -48.67
CA PRO A 656 -23.72 9.51 -48.01
C PRO A 656 -24.59 8.26 -48.09
N THR A 657 -25.90 8.39 -47.87
CA THR A 657 -26.76 7.21 -47.94
C THR A 657 -26.78 6.63 -49.35
N LEU A 658 -26.87 7.50 -50.36
CA LEU A 658 -26.84 7.03 -51.73
C LEU A 658 -25.56 6.26 -52.04
N PHE A 659 -24.41 6.83 -51.65
CA PHE A 659 -23.15 6.16 -51.97
C PHE A 659 -22.98 4.87 -51.17
N HIS A 660 -23.49 4.83 -49.93
CA HIS A 660 -23.42 3.61 -49.15
C HIS A 660 -24.26 2.51 -49.79
N GLN A 661 -25.45 2.86 -50.27
CA GLN A 661 -26.28 1.87 -50.96
C GLN A 661 -25.64 1.43 -52.26
N ILE A 662 -24.96 2.34 -52.96
CA ILE A 662 -24.26 1.96 -54.18
C ILE A 662 -23.14 0.97 -53.88
N VAL A 663 -22.37 1.23 -52.82
CA VAL A 663 -21.29 0.33 -52.44
C VAL A 663 -21.84 -1.05 -52.07
N ASN A 664 -22.95 -1.07 -51.32
CA ASN A 664 -23.55 -2.36 -50.98
C ASN A 664 -24.04 -3.09 -52.22
N ALA A 665 -24.69 -2.39 -53.15
CA ALA A 665 -25.18 -3.03 -54.35
C ALA A 665 -24.05 -3.52 -55.25
N LEU A 666 -22.88 -2.88 -55.17
CA LEU A 666 -21.76 -3.31 -55.98
C LEU A 666 -20.99 -4.47 -55.33
N SER A 667 -20.98 -4.53 -53.99
CA SER A 667 -20.29 -5.62 -53.31
C SER A 667 -20.79 -6.97 -53.80
N ALA A 668 -22.07 -7.26 -53.57
CA ALA A 668 -22.71 -8.38 -54.24
C ALA A 668 -22.86 -8.06 -55.72
N GLY A 669 -23.15 -9.10 -56.51
CA GLY A 669 -23.23 -8.87 -57.94
C GLY A 669 -24.59 -8.41 -58.40
N TYR A 670 -24.76 -7.11 -58.52
CA TYR A 670 -25.98 -6.52 -59.07
C TYR A 670 -25.70 -5.47 -60.14
N LEU A 671 -24.64 -4.68 -59.97
CA LEU A 671 -24.24 -3.65 -60.93
C LEU A 671 -22.96 -4.09 -61.62
N THR A 672 -23.07 -4.48 -62.88
CA THR A 672 -21.88 -4.85 -63.65
C THR A 672 -21.02 -3.61 -63.91
N ASP A 673 -19.78 -3.86 -64.31
CA ASP A 673 -18.82 -2.78 -64.48
C ASP A 673 -19.23 -1.81 -65.59
N GLU A 674 -19.91 -2.31 -66.62
CA GLU A 674 -20.33 -1.43 -67.72
C GLU A 674 -21.36 -0.42 -67.22
N MET A 675 -22.37 -0.88 -66.49
CA MET A 675 -23.32 0.05 -65.89
C MET A 675 -22.63 0.96 -64.88
N LEU A 676 -21.66 0.43 -64.14
CA LEU A 676 -20.94 1.24 -63.17
C LEU A 676 -20.22 2.40 -63.84
N LYS A 677 -19.53 2.12 -64.95
CA LYS A 677 -18.79 3.17 -65.64
C LYS A 677 -19.74 4.15 -66.34
N GLY A 678 -20.79 3.63 -66.98
CA GLY A 678 -21.77 4.52 -67.57
C GLY A 678 -22.47 5.41 -66.56
N GLY A 679 -22.50 4.98 -65.30
CA GLY A 679 -23.01 5.82 -64.25
C GLY A 679 -22.00 6.85 -63.78
N LEU A 680 -20.79 6.39 -63.44
CA LEU A 680 -19.74 7.27 -62.96
C LEU A 680 -19.31 8.30 -64.00
N GLU A 681 -19.69 8.12 -65.26
CA GLU A 681 -19.44 9.14 -66.27
C GLU A 681 -20.46 10.27 -66.24
N TYR A 682 -21.37 10.28 -65.27
CA TYR A 682 -22.38 11.33 -65.14
C TYR A 682 -21.99 12.40 -64.14
N LEU A 683 -20.81 12.32 -63.54
CA LEU A 683 -20.47 13.17 -62.41
C LEU A 683 -19.26 14.05 -62.70
N VAL A 684 -19.22 14.69 -63.86
CA VAL A 684 -18.14 15.60 -64.20
C VAL A 684 -18.75 16.90 -64.75
N ASP A 685 -18.64 17.98 -63.97
CA ASP A 685 -19.07 19.34 -64.35
C ASP A 685 -20.53 19.41 -64.73
N VAL A 686 -21.33 18.38 -64.42
CA VAL A 686 -22.76 18.39 -64.65
C VAL A 686 -23.52 18.99 -63.48
N LEU A 687 -22.87 19.87 -62.71
CA LEU A 687 -23.38 20.43 -61.46
C LEU A 687 -23.51 19.37 -60.38
N LEU A 688 -22.87 18.23 -60.57
CA LEU A 688 -22.84 17.17 -59.57
C LEU A 688 -21.43 16.89 -59.08
N LEU A 689 -20.42 17.58 -59.61
CA LEU A 689 -19.05 17.33 -59.16
C LEU A 689 -18.79 17.86 -57.76
N PRO A 690 -19.18 19.09 -57.40
CA PRO A 690 -18.97 19.54 -56.01
C PRO A 690 -19.78 18.78 -54.98
N ALA A 691 -20.58 17.79 -55.38
CA ALA A 691 -21.27 16.93 -54.43
C ALA A 691 -20.40 15.79 -53.93
N LEU A 692 -19.23 15.57 -54.54
CA LEU A 692 -18.37 14.46 -54.15
C LEU A 692 -17.59 14.73 -52.87
N VAL A 693 -17.58 15.97 -52.37
CA VAL A 693 -16.83 16.28 -51.16
C VAL A 693 -17.39 15.49 -49.99
N PRO A 694 -18.67 15.64 -49.62
CA PRO A 694 -19.17 14.78 -48.53
C PRO A 694 -19.21 13.32 -48.90
N ALA A 695 -19.46 13.01 -50.17
CA ALA A 695 -19.54 11.63 -50.62
C ALA A 695 -18.27 10.86 -50.24
N LEU A 696 -17.12 11.28 -50.75
CA LEU A 696 -15.88 10.58 -50.45
C LEU A 696 -15.14 11.18 -49.26
N LEU A 697 -15.78 12.05 -48.50
CA LEU A 697 -15.36 12.25 -47.11
C LEU A 697 -15.96 11.20 -46.19
N TYR A 698 -17.18 10.75 -46.49
CA TYR A 698 -17.76 9.64 -45.75
C TYR A 698 -17.26 8.29 -46.26
N LEU A 699 -17.01 8.19 -47.57
CA LEU A 699 -16.49 6.96 -48.16
C LEU A 699 -15.07 6.65 -47.72
N SER A 700 -14.42 7.54 -46.97
CA SER A 700 -13.09 7.27 -46.44
C SER A 700 -13.13 6.60 -45.08
N ASN A 701 -14.32 6.41 -44.51
CA ASN A 701 -14.46 5.62 -43.30
C ASN A 701 -14.78 4.16 -43.58
N LEU A 702 -15.18 3.84 -44.81
CA LEU A 702 -15.43 2.46 -45.19
C LEU A 702 -14.17 1.76 -45.69
N LEU A 703 -13.12 2.51 -45.99
CA LEU A 703 -11.84 1.89 -46.35
C LEU A 703 -10.94 1.70 -45.15
N TRP A 704 -11.11 2.51 -44.11
CA TRP A 704 -10.41 2.27 -42.85
C TRP A 704 -10.96 1.06 -42.12
N ALA A 705 -12.18 0.65 -42.42
CA ALA A 705 -12.80 -0.48 -41.76
C ALA A 705 -12.14 -1.78 -42.24
N ASP A 706 -12.68 -2.92 -41.80
CA ASP A 706 -12.02 -4.21 -42.00
C ASP A 706 -13.03 -5.24 -42.52
N ASN A 707 -13.18 -5.30 -43.85
CA ASN A 707 -13.80 -6.44 -44.50
C ASN A 707 -13.45 -6.42 -45.98
N GLN A 708 -12.92 -7.55 -46.46
CA GLN A 708 -12.32 -7.60 -47.79
C GLN A 708 -13.28 -7.26 -48.91
N PRO A 709 -14.52 -7.77 -48.96
CA PRO A 709 -15.40 -7.43 -50.09
C PRO A 709 -15.67 -5.95 -50.21
N ILE A 710 -16.03 -5.28 -49.11
CA ILE A 710 -16.34 -3.86 -49.19
C ILE A 710 -15.09 -3.05 -49.48
N GLN A 711 -13.96 -3.42 -48.88
CA GLN A 711 -12.73 -2.69 -49.18
C GLN A 711 -12.38 -2.79 -50.67
N ASN A 712 -12.51 -3.99 -51.24
CA ASN A 712 -12.20 -4.15 -52.66
C ASN A 712 -13.22 -3.45 -53.53
N ALA A 713 -14.48 -3.36 -53.10
CA ALA A 713 -15.47 -2.59 -53.86
C ALA A 713 -15.12 -1.12 -53.90
N VAL A 714 -14.71 -0.56 -52.75
CA VAL A 714 -14.30 0.85 -52.74
C VAL A 714 -13.07 1.06 -53.60
N ILE A 715 -12.13 0.12 -53.57
CA ILE A 715 -10.93 0.24 -54.40
C ILE A 715 -11.30 0.21 -55.87
N LYS A 716 -12.27 -0.64 -56.24
CA LYS A 716 -12.70 -0.72 -57.64
C LYS A 716 -13.51 0.49 -58.06
N ILE A 717 -14.16 1.19 -57.13
CA ILE A 717 -14.89 2.39 -57.48
C ILE A 717 -14.01 3.63 -57.47
N LEU A 718 -12.84 3.57 -56.84
CA LEU A 718 -11.94 4.72 -56.77
C LEU A 718 -11.03 4.86 -57.99
N GLN A 719 -11.09 3.95 -58.94
CA GLN A 719 -10.17 4.00 -60.08
C GLN A 719 -10.58 5.03 -61.13
N PRO A 720 -11.86 5.11 -61.54
CA PRO A 720 -12.22 6.11 -62.57
C PRO A 720 -12.44 7.50 -62.00
N ILE A 721 -12.00 7.75 -60.78
CA ILE A 721 -12.16 9.06 -60.17
C ILE A 721 -10.84 9.81 -60.17
N LEU A 722 -9.82 9.23 -59.54
CA LEU A 722 -8.53 9.91 -59.44
C LEU A 722 -7.93 10.14 -60.83
N LYS A 723 -7.62 9.05 -61.54
CA LYS A 723 -7.08 9.16 -62.89
C LYS A 723 -8.24 9.16 -63.89
N PRO A 724 -8.56 10.28 -64.50
CA PRO A 724 -9.72 10.32 -65.40
C PRO A 724 -9.38 9.94 -66.83
N THR A 725 -10.36 10.00 -67.72
CA THR A 725 -10.18 9.70 -69.13
C THR A 725 -9.75 10.94 -69.92
N SER A 726 -9.26 11.98 -69.23
CA SER A 726 -8.74 13.20 -69.84
C SER A 726 -9.81 13.87 -70.72
N ILE A 727 -10.86 14.32 -70.06
CA ILE A 727 -11.98 15.00 -70.72
C ILE A 727 -12.25 16.33 -70.02
N SER A 728 -12.66 17.32 -70.80
CA SER A 728 -13.28 18.55 -70.29
C SER A 728 -12.36 19.26 -69.30
N ASN A 729 -11.27 19.80 -69.84
CA ASN A 729 -10.25 20.50 -69.05
C ASN A 729 -10.84 21.40 -67.95
N GLU A 730 -11.99 22.02 -68.22
CA GLU A 730 -12.69 22.76 -67.18
C GLU A 730 -13.05 21.85 -66.01
N ALA A 731 -13.69 20.71 -66.30
CA ALA A 731 -13.98 19.74 -65.25
C ALA A 731 -12.71 19.20 -64.62
N SER A 732 -11.62 19.12 -65.39
CA SER A 732 -10.36 18.66 -64.83
C SER A 732 -9.84 19.62 -63.78
N THR A 733 -9.89 20.92 -64.06
CA THR A 733 -9.47 21.91 -63.07
C THR A 733 -10.42 21.94 -61.88
N MET A 734 -11.71 21.72 -62.12
CA MET A 734 -12.64 21.63 -61.00
C MET A 734 -12.29 20.44 -60.09
N LEU A 735 -11.91 19.32 -60.70
CA LEU A 735 -11.51 18.14 -59.92
C LEU A 735 -10.21 18.41 -59.17
N SER A 736 -9.26 19.09 -59.82
CA SER A 736 -7.99 19.40 -59.16
C SER A 736 -8.17 20.42 -58.05
N SER A 737 -9.25 21.20 -58.08
CA SER A 737 -9.56 22.10 -56.97
C SER A 737 -10.36 21.41 -55.88
N VAL A 738 -11.12 20.38 -56.23
CA VAL A 738 -11.83 19.61 -55.20
C VAL A 738 -10.87 18.74 -54.41
N LEU A 739 -9.89 18.14 -55.11
CA LEU A 739 -9.07 17.10 -54.48
C LEU A 739 -8.27 17.63 -53.29
N ASN A 740 -7.87 18.89 -53.32
CA ASN A 740 -7.03 19.39 -52.23
C ASN A 740 -7.83 19.74 -50.98
N ILE A 741 -9.14 19.52 -51.00
CA ILE A 741 -9.95 19.64 -49.78
C ILE A 741 -9.96 18.34 -49.00
N VAL A 742 -9.97 17.20 -49.71
CA VAL A 742 -10.12 15.89 -49.12
C VAL A 742 -8.85 15.05 -49.26
N ALA A 743 -7.75 15.64 -49.73
CA ALA A 743 -6.54 14.87 -49.92
C ALA A 743 -5.87 14.49 -48.60
N LYS A 744 -6.20 15.16 -47.52
CA LYS A 744 -5.60 14.83 -46.23
C LYS A 744 -6.25 13.61 -45.57
N PRO A 745 -7.58 13.54 -45.45
CA PRO A 745 -8.19 12.38 -44.80
C PRO A 745 -8.36 11.18 -45.71
N LEU A 746 -7.92 11.25 -46.97
CA LEU A 746 -8.11 10.16 -47.91
C LEU A 746 -6.89 9.28 -48.09
N GLU A 747 -5.68 9.85 -48.01
CA GLU A 747 -4.49 9.03 -48.13
C GLU A 747 -4.16 8.29 -46.84
N HIS A 748 -4.67 8.77 -45.70
CA HIS A 748 -4.49 8.05 -44.45
C HIS A 748 -5.09 6.65 -44.53
N ALA A 749 -6.32 6.54 -45.01
CA ALA A 749 -6.97 5.25 -45.13
C ALA A 749 -6.27 4.36 -46.15
N LEU A 750 -5.79 4.96 -47.24
CA LEU A 750 -5.05 4.19 -48.24
C LEU A 750 -3.78 3.59 -47.65
N LYS A 751 -3.03 4.41 -46.89
CA LYS A 751 -1.82 3.91 -46.24
C LYS A 751 -2.17 2.84 -45.21
N SER A 752 -3.29 3.00 -44.51
CA SER A 752 -3.69 2.00 -43.52
C SER A 752 -3.98 0.66 -44.17
N TYR A 753 -4.72 0.66 -45.28
CA TYR A 753 -5.00 -0.59 -45.97
C TYR A 753 -3.73 -1.19 -46.56
N GLN A 754 -2.83 -0.33 -47.06
CA GLN A 754 -1.56 -0.82 -47.57
C GLN A 754 -0.76 -1.51 -46.48
N ARG A 755 -0.80 -0.97 -45.26
CA ARG A 755 -0.11 -1.62 -44.15
C ARG A 755 -0.80 -2.92 -43.75
N GLN A 756 -2.13 -2.94 -43.80
CA GLN A 756 -2.85 -4.16 -43.44
C GLN A 756 -2.54 -5.30 -44.39
N ASP A 757 -2.42 -5.01 -45.69
CA ASP A 757 -2.11 -6.02 -46.70
C ASP A 757 -0.81 -5.66 -47.41
N PRO A 758 0.34 -5.82 -46.73
CA PRO A 758 1.61 -5.46 -47.37
C PRO A 758 2.23 -6.59 -48.16
N GLU A 759 1.44 -7.31 -48.94
CA GLU A 759 1.98 -8.36 -49.82
C GLU A 759 1.63 -8.11 -51.28
N CYS A 760 0.36 -7.86 -51.58
CA CYS A 760 -0.12 -7.67 -52.95
C CYS A 760 -1.00 -6.43 -52.98
N GLN A 761 -0.38 -5.28 -53.24
CA GLN A 761 -1.15 -4.05 -53.44
C GLN A 761 -1.40 -3.86 -54.93
N LYS A 762 -0.32 -3.62 -55.70
CA LYS A 762 -0.32 -3.60 -57.15
C LYS A 762 -1.31 -2.59 -57.72
N ILE A 763 -2.05 -1.91 -56.86
CA ILE A 763 -3.03 -0.92 -57.27
C ILE A 763 -2.79 0.37 -56.50
N GLU A 764 -2.21 0.25 -55.30
CA GLU A 764 -2.17 1.36 -54.35
C GLU A 764 -1.14 2.42 -54.72
N PRO A 765 0.13 2.07 -55.00
CA PRO A 765 1.07 3.13 -55.40
C PRO A 765 0.63 3.86 -56.65
N LEU A 766 -0.08 3.18 -57.55
CA LEU A 766 -0.65 3.83 -58.72
C LEU A 766 -1.52 5.02 -58.34
N LEU A 767 -2.16 4.97 -57.17
CA LEU A 767 -3.02 6.06 -56.70
C LEU A 767 -2.32 7.00 -55.74
N LEU A 768 -1.37 6.49 -54.95
CA LEU A 768 -0.65 7.35 -54.02
C LEU A 768 0.33 8.27 -54.75
N ALA A 769 0.91 7.82 -55.86
CA ALA A 769 1.76 8.67 -56.66
C ALA A 769 0.96 9.61 -57.56
N ILE A 770 -0.35 9.70 -57.36
CA ILE A 770 -1.22 10.60 -58.10
C ILE A 770 -1.91 11.59 -57.17
N ALA A 771 -2.52 11.10 -56.09
CA ALA A 771 -3.08 11.98 -55.08
C ALA A 771 -2.01 12.43 -54.11
N ASP A 772 -0.89 12.95 -54.63
CA ASP A 772 0.22 13.40 -53.83
C ASP A 772 0.60 14.86 -54.08
N ASN A 773 0.56 15.31 -55.34
CA ASN A 773 0.85 16.70 -55.63
C ASN A 773 -0.15 17.65 -55.00
N LEU A 774 -1.38 17.18 -54.75
CA LEU A 774 -2.42 18.00 -54.15
C LEU A 774 -2.48 17.85 -52.63
N ALA A 775 -1.37 17.49 -52.00
CA ALA A 775 -1.28 17.50 -50.55
C ALA A 775 -0.59 18.78 -50.06
N VAL A 776 -1.23 19.91 -50.37
CA VAL A 776 -0.76 21.23 -49.92
C VAL A 776 -1.99 21.97 -49.40
N SER A 777 -2.24 21.89 -48.10
CA SER A 777 -3.41 22.46 -47.47
C SER A 777 -3.18 22.47 -45.96
N ARG A 778 -4.24 22.74 -45.21
CA ARG A 778 -4.22 22.71 -43.75
C ARG A 778 -3.21 23.71 -43.18
N ARG A 779 -3.49 25.00 -43.43
CA ARG A 779 -2.75 26.08 -42.78
C ARG A 779 -3.36 26.32 -41.40
N THR A 780 -3.10 25.37 -40.50
CA THR A 780 -3.70 25.37 -39.17
C THR A 780 -2.70 25.62 -38.05
N GLY A 781 -1.45 25.92 -38.38
CA GLY A 781 -0.46 26.21 -37.36
C GLY A 781 -0.15 25.04 -36.45
N GLY A 782 0.41 23.98 -37.01
CA GLY A 782 0.77 22.81 -36.22
C GLY A 782 2.05 22.20 -36.75
N ALA A 783 2.77 21.52 -35.85
CA ALA A 783 4.04 20.90 -36.22
C ALA A 783 3.78 19.67 -37.09
N ASP A 784 4.86 18.98 -37.44
CA ASP A 784 4.74 17.81 -38.31
C ASP A 784 5.82 16.80 -37.92
N HIS A 785 5.95 15.77 -38.76
CA HIS A 785 6.70 14.57 -38.39
C HIS A 785 8.18 14.86 -38.27
N THR A 786 8.78 15.46 -39.29
CA THR A 786 10.22 15.62 -39.34
C THR A 786 10.74 16.71 -38.41
N GLU A 787 9.85 17.45 -37.75
CA GLU A 787 10.24 18.41 -36.72
C GLU A 787 9.96 17.87 -35.33
N LEU A 788 8.84 17.17 -35.15
CA LEU A 788 8.58 16.54 -33.87
C LEU A 788 9.60 15.47 -33.56
N GLU A 789 9.96 14.66 -34.55
CA GLU A 789 11.00 13.65 -34.31
C GLU A 789 12.39 14.24 -34.29
N SER A 790 12.54 15.55 -34.53
CA SER A 790 13.85 16.16 -34.59
C SER A 790 14.14 17.12 -33.46
N TRP A 791 13.13 17.59 -32.71
CA TRP A 791 13.48 18.38 -31.54
C TRP A 791 13.05 17.71 -30.24
N CYS A 792 13.40 16.44 -30.08
CA CYS A 792 13.45 15.79 -28.77
C CYS A 792 14.92 15.46 -28.50
N SER A 793 15.59 16.35 -27.74
CA SER A 793 17.04 16.31 -27.62
C SER A 793 17.51 16.43 -26.18
N ALA A 794 18.82 16.63 -25.99
CA ALA A 794 19.51 16.47 -24.72
C ALA A 794 20.24 17.74 -24.32
N GLN A 795 20.82 17.71 -23.11
CA GLN A 795 21.65 18.82 -22.63
C GLN A 795 22.56 18.28 -21.52
N ILE A 796 23.86 18.22 -21.79
CA ILE A 796 24.84 17.73 -20.82
C ILE A 796 25.25 18.86 -19.88
N THR A 797 25.95 18.52 -18.81
CA THR A 797 26.37 19.49 -17.80
C THR A 797 27.81 19.94 -17.95
N ASN A 798 28.63 19.24 -18.72
CA ASN A 798 30.04 19.60 -18.84
C ASN A 798 30.25 20.60 -19.96
N MET A 832 25.53 33.40 -37.03
CA MET A 832 26.71 34.16 -36.62
C MET A 832 27.39 34.78 -37.83
N ASN A 833 26.59 35.10 -38.86
CA ASN A 833 27.09 35.77 -40.06
C ASN A 833 26.18 36.92 -40.48
N GLY A 834 25.40 37.46 -39.55
CA GLY A 834 24.42 38.50 -39.82
C GLY A 834 22.99 38.04 -39.66
N MET A 835 22.74 36.76 -39.86
CA MET A 835 21.40 36.21 -39.72
C MET A 835 20.96 36.26 -38.26
N PRO A 836 19.65 36.20 -38.01
CA PRO A 836 19.15 36.28 -36.64
C PRO A 836 19.18 34.91 -35.97
N ALA A 837 18.82 34.90 -34.69
CA ALA A 837 18.71 33.65 -33.97
C ALA A 837 17.45 32.90 -34.41
N PRO A 838 17.46 31.57 -34.31
CA PRO A 838 16.32 30.80 -34.82
C PRO A 838 15.15 30.84 -33.86
N TYR A 839 13.94 30.90 -34.43
CA TYR A 839 12.72 30.84 -33.65
C TYR A 839 11.55 30.49 -34.56
N THR A 840 10.55 29.84 -33.99
CA THR A 840 9.34 29.48 -34.74
C THR A 840 8.21 29.25 -33.75
N HIS A 841 7.15 30.05 -33.84
CA HIS A 841 6.09 30.00 -32.86
C HIS A 841 5.29 28.71 -32.92
N ARG A 842 5.52 27.84 -33.90
CA ARG A 842 4.89 26.53 -33.89
C ARG A 842 5.44 25.62 -32.81
N GLN A 843 6.45 26.06 -32.08
CA GLN A 843 7.06 25.28 -31.01
C GLN A 843 6.41 25.56 -29.66
N THR A 844 6.13 26.82 -29.36
CA THR A 844 5.57 27.18 -28.07
C THR A 844 4.17 26.59 -27.89
N LEU A 845 3.28 26.81 -28.85
CA LEU A 845 1.92 26.31 -28.75
C LEU A 845 1.79 24.85 -29.17
N ALA A 846 2.91 24.17 -29.44
CA ALA A 846 2.92 22.73 -29.55
C ALA A 846 3.49 22.04 -28.33
N ALA A 847 4.38 22.72 -27.59
CA ALA A 847 4.78 22.23 -26.28
C ALA A 847 3.72 22.51 -25.23
N GLN A 848 2.97 23.61 -25.37
CA GLN A 848 1.90 23.93 -24.44
C GLN A 848 0.79 22.89 -24.50
N GLN A 849 0.63 22.18 -25.61
CA GLN A 849 -0.38 21.15 -25.71
C GLN A 849 0.09 19.81 -25.16
N ILE A 850 1.33 19.43 -25.45
CA ILE A 850 1.87 18.17 -24.92
C ILE A 850 2.10 18.29 -23.42
N LEU A 851 2.98 19.19 -23.01
CA LEU A 851 3.19 19.46 -21.60
C LEU A 851 2.07 20.36 -21.08
N GLY A 852 1.82 20.29 -19.78
CA GLY A 852 0.83 21.15 -19.17
C GLY A 852 1.24 22.61 -19.24
N PRO A 853 0.25 23.50 -19.36
CA PRO A 853 0.56 24.94 -19.31
C PRO A 853 1.21 25.35 -18.01
N HIS A 854 0.78 24.76 -16.89
CA HIS A 854 1.42 25.08 -15.62
C HIS A 854 2.84 24.55 -15.57
N ARG A 855 3.09 23.38 -16.15
CA ARG A 855 4.46 22.87 -16.23
C ARG A 855 5.35 23.78 -17.04
N LEU A 856 4.86 24.26 -18.19
CA LEU A 856 5.68 25.13 -19.02
C LEU A 856 5.89 26.49 -18.35
N LEU A 857 4.89 26.96 -17.61
CA LEU A 857 5.07 28.19 -16.83
C LEU A 857 6.15 28.00 -15.77
N GLY A 858 6.15 26.86 -15.09
CA GLY A 858 7.20 26.56 -14.14
C GLY A 858 8.57 26.55 -14.80
N ILE A 859 8.66 25.95 -15.99
CA ILE A 859 9.93 25.92 -16.71
C ILE A 859 10.40 27.33 -17.03
N ILE A 860 9.50 28.17 -17.55
CA ILE A 860 9.86 29.54 -17.90
C ILE A 860 10.32 30.31 -16.68
N LEU A 861 9.61 30.17 -15.55
CA LEU A 861 10.00 30.90 -14.35
C LEU A 861 11.35 30.43 -13.82
N ASP A 862 11.57 29.11 -13.81
CA ASP A 862 12.86 28.58 -13.35
C ASP A 862 13.99 29.09 -14.23
N GLU A 863 13.76 29.17 -15.55
CA GLU A 863 14.80 29.66 -16.45
C GLU A 863 15.07 31.15 -16.22
N LEU A 864 14.00 31.95 -16.08
CA LEU A 864 14.17 33.39 -15.94
C LEU A 864 14.79 33.76 -14.60
N LYS A 865 14.55 32.96 -13.56
CA LYS A 865 15.13 33.27 -12.25
C LYS A 865 16.65 33.19 -12.29
N SER A 866 17.20 32.28 -13.07
CA SER A 866 18.64 32.05 -13.09
C SER A 866 19.35 32.70 -14.26
N SER A 867 18.64 33.03 -15.34
CA SER A 867 19.29 33.60 -16.51
C SER A 867 19.90 34.96 -16.17
N PRO A 868 21.16 35.20 -16.52
CA PRO A 868 21.76 36.52 -16.29
C PRO A 868 21.13 37.58 -17.19
N GLU A 869 21.57 38.83 -17.00
CA GLU A 869 21.03 39.97 -17.73
C GLU A 869 19.51 40.09 -17.62
N PRO A 870 18.98 40.33 -16.42
CA PRO A 870 17.58 40.73 -16.32
C PRO A 870 17.41 42.14 -16.85
N GLY A 871 16.20 42.44 -17.33
CA GLY A 871 15.96 43.61 -18.12
C GLY A 871 16.05 43.33 -19.62
N ILE A 872 16.85 42.36 -20.00
CA ILE A 872 16.79 41.77 -21.34
C ILE A 872 16.12 40.40 -21.30
N ALA A 873 16.32 39.65 -20.22
CA ALA A 873 15.66 38.36 -20.07
C ALA A 873 14.19 38.48 -19.69
N TYR A 874 13.66 39.69 -19.50
CA TYR A 874 12.25 39.90 -19.23
C TYR A 874 11.43 40.22 -20.46
N ASP A 875 12.00 41.00 -21.39
CA ASP A 875 11.28 41.40 -22.60
C ASP A 875 10.86 40.18 -23.41
N VAL A 876 11.79 39.23 -23.60
CA VAL A 876 11.51 38.02 -24.35
C VAL A 876 10.29 37.30 -23.77
N VAL A 877 10.32 37.03 -22.46
CA VAL A 877 9.25 36.24 -21.84
C VAL A 877 7.94 37.01 -21.85
N THR A 878 7.98 38.31 -21.59
CA THR A 878 6.75 39.11 -21.59
C THR A 878 6.08 39.09 -22.95
N THR A 879 6.83 39.42 -24.00
CA THR A 879 6.25 39.46 -25.33
C THR A 879 6.04 38.08 -25.93
N MET A 880 6.54 37.03 -25.28
CA MET A 880 6.21 35.67 -25.68
C MET A 880 4.93 35.18 -25.02
N ILE A 881 4.61 35.68 -23.82
CA ILE A 881 3.36 35.31 -23.18
C ILE A 881 2.20 36.13 -23.74
N CYS A 882 2.42 37.41 -24.01
CA CYS A 882 1.35 38.30 -24.45
C CYS A 882 1.16 38.32 -25.96
N ALA A 883 1.54 37.22 -26.66
CA ALA A 883 1.41 37.12 -28.10
C ALA A 883 0.05 36.52 -28.47
N PRO A 884 -0.47 36.81 -29.67
CA PRO A 884 -1.79 36.30 -30.05
C PRO A 884 -1.76 34.82 -30.34
N ASP A 885 -2.59 34.06 -29.63
CA ASP A 885 -2.73 32.64 -29.89
C ASP A 885 -3.73 32.40 -31.00
N VAL A 886 -3.41 31.47 -31.89
CA VAL A 886 -4.27 31.21 -33.04
C VAL A 886 -5.24 30.06 -32.81
N ARG A 887 -4.82 29.04 -32.04
CA ARG A 887 -5.68 27.88 -31.83
C ARG A 887 -6.90 28.22 -30.99
N ASN A 888 -6.70 28.95 -29.90
CA ASN A 888 -7.74 29.15 -28.89
C ASN A 888 -8.43 30.50 -29.03
N SER A 889 -8.61 30.97 -30.26
CA SER A 889 -9.27 32.25 -30.51
C SER A 889 -10.29 32.07 -31.63
N THR A 890 -11.53 32.46 -31.35
CA THR A 890 -12.63 32.35 -32.30
C THR A 890 -13.10 33.74 -32.71
N ILE A 891 -13.61 33.84 -33.93
CA ILE A 891 -14.06 35.11 -34.48
C ILE A 891 -15.46 35.43 -33.96
N SER A 892 -15.89 36.67 -34.13
CA SER A 892 -17.20 37.11 -33.67
C SER A 892 -17.60 38.35 -34.46
N SER A 893 -18.71 38.97 -34.07
CA SER A 893 -19.20 40.16 -34.74
C SER A 893 -18.79 41.42 -34.01
N LEU B 797 35.22 13.89 60.36
CA LEU B 797 34.84 13.47 59.01
C LEU B 797 33.44 12.89 58.98
N GLY B 798 32.47 13.71 58.55
CA GLY B 798 31.07 13.31 58.45
C GLY B 798 30.52 12.88 59.82
N ILE B 799 30.90 13.62 60.86
CA ILE B 799 30.52 13.25 62.22
C ILE B 799 29.00 13.21 62.37
N ARG B 800 28.34 14.36 62.22
CA ARG B 800 26.90 14.38 62.25
C ARG B 800 26.28 13.82 60.97
N VAL B 801 27.02 13.83 59.87
CA VAL B 801 26.51 13.27 58.63
C VAL B 801 26.27 11.76 58.75
N ARG B 802 27.01 11.09 59.62
CA ARG B 802 26.77 9.66 59.84
C ARG B 802 25.36 9.43 60.37
N GLN B 803 25.00 10.11 61.46
CA GLN B 803 23.65 9.96 62.01
C GLN B 803 22.61 10.49 61.02
N LEU B 804 22.95 11.54 60.28
CA LEU B 804 22.03 12.08 59.27
C LEU B 804 21.67 11.01 58.25
N GLN B 805 22.68 10.37 57.67
CA GLN B 805 22.44 9.33 56.66
C GLN B 805 21.77 8.11 57.28
N ARG B 806 22.12 7.78 58.53
CA ARG B 806 21.48 6.65 59.20
C ARG B 806 19.98 6.87 59.33
N LEU B 807 19.58 8.03 59.83
CA LEU B 807 18.16 8.33 59.97
C LEU B 807 17.48 8.44 58.62
N LEU B 808 18.15 9.07 57.64
CA LEU B 808 17.56 9.23 56.32
C LEU B 808 17.36 7.89 55.61
N ASP B 809 18.17 6.90 55.95
CA ASP B 809 18.01 5.57 55.37
C ASP B 809 17.06 4.70 56.18
N PHE B 810 16.94 4.92 57.48
CA PHE B 810 16.07 4.12 58.32
C PHE B 810 14.62 4.59 58.28
N LEU B 811 14.38 5.88 58.01
CA LEU B 811 13.01 6.38 57.99
C LEU B 811 12.17 5.75 56.88
N GLU B 812 12.80 5.06 55.92
CA GLU B 812 12.05 4.44 54.84
C GLU B 812 11.08 3.38 55.34
N GLY B 813 11.48 2.64 56.38
CA GLY B 813 10.62 1.59 56.91
C GLY B 813 9.39 2.14 57.63
N LEU B 814 9.42 3.42 58.01
CA LEU B 814 8.27 4.01 58.71
C LEU B 814 7.04 4.07 57.81
N ARG B 815 7.24 4.10 56.48
CA ARG B 815 6.10 4.13 55.57
C ARG B 815 5.53 2.73 55.36
N ARG B 816 6.38 1.72 55.33
CA ARG B 816 5.96 0.35 55.05
C ARG B 816 5.65 -0.46 56.30
N VAL B 817 5.84 0.12 57.49
CA VAL B 817 5.55 -0.60 58.73
C VAL B 817 4.10 -1.08 58.77
N GLY B 818 3.16 -0.13 58.75
CA GLY B 818 1.71 -0.39 58.78
C GLY B 818 1.27 -0.95 60.13
N ASP B 819 2.21 -1.21 61.02
CA ASP B 819 1.94 -1.59 62.40
C ASP B 819 1.97 -0.34 63.26
N ASP B 820 2.00 -0.53 64.58
CA ASP B 820 2.20 0.60 65.48
C ASP B 820 3.59 1.19 65.22
N ALA B 821 3.62 2.39 64.62
CA ALA B 821 4.81 2.86 63.93
C ALA B 821 6.04 3.01 64.82
N VAL B 822 6.01 3.95 65.76
CA VAL B 822 7.20 4.20 66.58
C VAL B 822 6.86 5.07 67.78
N PRO B 823 7.23 4.66 69.00
CA PRO B 823 7.15 5.54 70.16
C PRO B 823 8.49 6.20 70.55
N GLU B 824 9.54 6.04 69.76
CA GLU B 824 10.88 6.46 70.15
C GLU B 824 11.46 7.42 69.13
N ARG B 825 12.55 8.06 69.51
CA ARG B 825 13.23 9.07 68.72
C ARG B 825 14.65 8.61 68.40
N VAL B 826 15.46 9.54 67.89
CA VAL B 826 16.81 9.22 67.45
C VAL B 826 17.65 8.68 68.62
N THR B 827 18.76 8.04 68.26
CA THR B 827 19.72 7.38 69.15
C THR B 827 19.14 6.06 69.67
N LEU B 828 17.87 5.82 69.39
CA LEU B 828 17.21 4.55 69.66
C LEU B 828 16.14 4.34 68.59
N ARG B 829 15.24 3.40 68.83
CA ARG B 829 14.04 3.21 68.03
C ARG B 829 13.15 2.18 68.72
N GLU B 830 11.95 2.01 68.17
CA GLU B 830 11.02 0.97 68.59
C GLU B 830 9.90 0.85 67.56
N ILE B 831 9.63 -0.36 67.08
CA ILE B 831 8.61 -0.56 66.05
C ILE B 831 7.55 -1.54 66.54
N VAL B 832 7.28 -1.52 67.84
CA VAL B 832 6.44 -2.50 68.52
C VAL B 832 5.23 -3.01 67.75
N PHE B 833 5.06 -4.33 67.75
CA PHE B 833 3.97 -5.00 67.05
C PHE B 833 3.44 -6.09 67.97
N SER B 834 2.19 -5.94 68.41
CA SER B 834 1.53 -6.93 69.25
C SER B 834 0.09 -7.08 68.80
N TYR B 835 -0.69 -7.86 69.55
CA TYR B 835 -2.07 -8.13 69.17
C TYR B 835 -3.00 -7.00 69.59
N GLY B 836 -3.12 -6.76 70.89
CA GLY B 836 -4.03 -5.75 71.40
C GLY B 836 -3.43 -5.04 72.61
N TRP B 852 4.73 -7.48 71.09
CA TRP B 852 6.06 -7.19 71.64
C TRP B 852 6.77 -6.14 70.81
N ARG B 853 7.67 -5.39 71.44
CA ARG B 853 8.47 -4.40 70.76
C ARG B 853 9.93 -4.84 70.73
N VAL B 854 10.66 -4.32 69.75
CA VAL B 854 12.07 -4.65 69.57
C VAL B 854 12.88 -3.37 69.77
N ARG B 855 13.80 -3.41 70.73
CA ARG B 855 14.64 -2.26 71.03
C ARG B 855 15.87 -2.30 70.15
N LEU B 856 15.92 -1.44 69.14
CA LEU B 856 17.09 -1.37 68.28
C LEU B 856 18.19 -0.62 69.02
N ASP B 857 19.34 -0.46 68.37
CA ASP B 857 20.39 0.40 68.91
C ASP B 857 21.03 1.13 67.74
N LEU B 858 21.62 2.28 68.04
CA LEU B 858 22.30 3.06 67.00
C LEU B 858 23.65 3.59 67.45
N THR B 859 23.94 3.63 68.74
CA THR B 859 25.24 4.07 69.25
C THR B 859 25.80 3.00 70.18
N LYS B 860 27.05 3.20 70.60
CA LYS B 860 27.73 2.26 71.48
C LYS B 860 28.84 2.96 72.25
N GLY B 865 31.72 -1.13 68.71
CA GLY B 865 30.93 -1.82 67.70
C GLY B 865 30.18 -0.82 66.83
N VAL B 866 29.13 -1.29 66.15
CA VAL B 866 28.38 -0.44 65.22
C VAL B 866 26.91 -0.39 65.60
N VAL B 867 26.25 -1.55 65.60
CA VAL B 867 24.81 -1.64 65.80
C VAL B 867 24.50 -2.83 66.69
N LEU B 868 23.25 -2.90 67.15
CA LEU B 868 22.82 -3.98 68.03
C LEU B 868 21.30 -4.03 68.03
N GLU B 869 20.76 -5.22 68.31
CA GLU B 869 19.34 -5.44 68.43
C GLU B 869 19.03 -6.05 69.79
N LYS B 870 17.82 -5.82 70.28
CA LYS B 870 17.42 -6.32 71.60
C LYS B 870 15.95 -6.70 71.58
N GLY B 871 15.61 -7.83 72.21
CA GLY B 871 14.26 -8.34 72.18
C GLY B 871 13.75 -8.68 73.57
N ASN B 872 12.46 -9.00 73.63
CA ASN B 872 11.56 -9.43 74.68
C ASN B 872 11.48 -10.95 74.74
N PRO B 873 11.43 -11.53 75.93
CA PRO B 873 11.70 -12.96 76.05
C PRO B 873 10.59 -13.89 75.55
N HIS B 874 10.33 -13.89 74.24
CA HIS B 874 9.62 -15.01 73.63
C HIS B 874 9.61 -14.89 72.12
N LEU B 875 9.55 -16.07 71.47
CA LEU B 875 9.10 -16.38 70.12
C LEU B 875 10.09 -16.03 69.02
N ARG B 876 11.14 -15.28 69.28
CA ARG B 876 12.12 -15.08 68.22
C ARG B 876 13.57 -15.05 68.71
N VAL B 877 13.83 -15.29 69.99
CA VAL B 877 15.20 -15.27 70.48
C VAL B 877 16.04 -16.39 69.87
N ILE B 878 15.40 -17.30 69.12
CA ILE B 878 16.14 -18.33 68.40
C ILE B 878 16.92 -17.78 67.22
N ASN B 879 16.71 -16.51 66.87
CA ASN B 879 17.39 -15.93 65.72
C ASN B 879 17.89 -14.51 66.01
N ARG B 880 18.18 -14.19 67.27
CA ARG B 880 18.77 -12.90 67.58
C ARG B 880 20.25 -12.85 67.26
N LEU B 881 20.78 -13.85 66.56
CA LEU B 881 22.13 -13.79 66.02
C LEU B 881 22.16 -13.85 64.50
N GLU B 882 21.05 -14.19 63.86
CA GLU B 882 20.92 -14.11 62.41
C GLU B 882 20.33 -12.80 61.95
N ASP B 883 19.70 -12.03 62.85
CA ASP B 883 19.07 -10.77 62.48
C ASP B 883 20.06 -9.62 62.39
N LEU B 884 21.17 -9.69 63.14
CA LEU B 884 22.12 -8.58 63.15
C LEU B 884 22.64 -8.28 61.75
N VAL B 885 23.05 -9.32 61.03
CA VAL B 885 23.61 -9.13 59.69
C VAL B 885 22.56 -8.58 58.75
N ASN B 886 21.36 -9.16 58.77
CA ASN B 886 20.29 -8.68 57.89
C ASN B 886 19.95 -7.23 58.18
N SER B 887 20.01 -6.82 59.44
CA SER B 887 19.63 -5.45 59.79
C SER B 887 20.71 -4.46 59.39
N GLN B 888 21.98 -4.77 59.70
CA GLN B 888 23.02 -3.77 59.49
C GLN B 888 23.57 -3.76 58.07
N LYS B 889 23.61 -4.91 57.40
CA LYS B 889 24.34 -5.00 56.13
C LYS B 889 23.44 -4.79 54.91
N PHE B 890 22.43 -5.66 54.75
CA PHE B 890 21.64 -5.67 53.53
C PHE B 890 20.89 -4.36 53.34
N TYR B 891 19.93 -4.08 54.21
CA TYR B 891 19.12 -2.88 54.15
C TYR B 891 18.44 -2.69 55.50
N SER B 892 17.49 -1.76 55.56
CA SER B 892 16.67 -1.54 56.74
C SER B 892 15.23 -1.99 56.52
N LEU B 893 15.04 -2.99 55.65
CA LEU B 893 13.70 -3.43 55.27
C LEU B 893 13.38 -4.72 56.02
N ALA B 894 12.93 -4.57 57.26
CA ALA B 894 12.56 -5.71 58.11
C ALA B 894 11.06 -5.91 58.08
N THR B 895 10.56 -6.27 56.89
CA THR B 895 9.19 -6.76 56.72
C THR B 895 9.12 -8.28 56.82
N TYR B 896 10.11 -8.90 57.45
CA TYR B 896 10.22 -10.35 57.51
C TYR B 896 9.45 -10.92 58.69
N LEU B 897 9.41 -10.19 59.81
CA LEU B 897 8.71 -10.65 60.99
C LEU B 897 7.21 -10.77 60.74
N THR B 898 6.63 -9.74 60.12
CA THR B 898 5.19 -9.68 59.94
C THR B 898 4.65 -10.81 59.09
N LEU B 899 5.51 -11.51 58.34
CA LEU B 899 5.08 -12.65 57.56
C LEU B 899 5.72 -13.96 57.99
N SER B 900 6.67 -13.94 58.93
CA SER B 900 7.23 -15.17 59.45
C SER B 900 6.83 -15.44 60.90
N LEU B 901 5.94 -14.63 61.47
CA LEU B 901 5.50 -14.88 62.85
C LEU B 901 4.78 -16.21 63.04
N PRO B 902 3.76 -16.57 62.25
CA PRO B 902 2.99 -17.79 62.58
C PRO B 902 3.83 -19.06 62.52
N LEU B 903 4.79 -19.13 61.60
CA LEU B 903 5.65 -20.30 61.52
C LEU B 903 6.41 -20.50 62.83
N PHE B 904 6.99 -19.42 63.37
CA PHE B 904 7.73 -19.55 64.61
C PHE B 904 6.82 -19.83 65.79
N ARG B 905 5.61 -19.28 65.78
CA ARG B 905 4.64 -19.65 66.81
C ARG B 905 4.37 -21.15 66.79
N ALA B 906 4.22 -21.72 65.59
CA ALA B 906 4.00 -23.16 65.48
C ALA B 906 5.22 -23.94 65.95
N PHE B 907 6.42 -23.48 65.59
CA PHE B 907 7.64 -24.09 66.09
C PHE B 907 7.62 -24.19 67.60
N GLN B 908 7.35 -23.06 68.27
CA GLN B 908 7.38 -23.02 69.73
C GLN B 908 6.30 -23.91 70.33
N GLN B 909 5.10 -23.88 69.76
CA GLN B 909 4.03 -24.70 70.34
C GLN B 909 4.30 -26.18 70.16
N LEU B 910 4.94 -26.59 69.06
CA LEU B 910 5.30 -28.00 68.90
C LEU B 910 6.38 -28.40 69.90
N GLU B 911 7.43 -27.57 70.03
CA GLU B 911 8.50 -27.88 70.97
C GLU B 911 8.01 -27.88 72.40
N ASN B 912 6.88 -27.20 72.67
CA ASN B 912 6.30 -27.26 74.01
C ASN B 912 5.40 -28.48 74.17
N ALA B 913 4.68 -28.86 73.12
CA ALA B 913 3.75 -29.98 73.23
C ALA B 913 4.49 -31.31 73.31
N TRP B 914 5.70 -31.39 72.77
CA TRP B 914 6.46 -32.63 72.88
C TRP B 914 7.12 -32.81 74.24
N GLN B 915 6.67 -32.07 75.26
CA GLN B 915 7.35 -32.09 76.55
C GLN B 915 7.28 -33.45 77.21
N THR B 916 6.08 -34.04 77.26
CA THR B 916 5.88 -35.27 78.05
C THR B 916 6.75 -36.42 77.56
N ALA B 917 7.30 -36.34 76.35
CA ALA B 917 8.11 -37.44 75.85
C ALA B 917 9.55 -37.36 76.35
N GLN B 918 10.10 -36.15 76.43
CA GLN B 918 11.51 -36.01 76.83
C GLN B 918 11.75 -36.44 78.27
N GLU B 919 10.73 -36.35 79.14
CA GLU B 919 10.89 -36.84 80.50
C GLU B 919 11.23 -38.33 80.51
N ASN B 920 10.36 -39.15 79.93
CA ASN B 920 10.60 -40.57 79.81
C ASN B 920 11.55 -40.82 78.63
N GLY B 921 11.67 -42.07 78.22
CA GLY B 921 12.56 -42.47 77.12
C GLY B 921 11.79 -42.65 75.82
N ARG B 922 10.79 -41.80 75.56
CA ARG B 922 9.94 -41.99 74.39
C ARG B 922 10.60 -41.51 73.11
N GLY B 923 10.92 -40.23 73.03
CA GLY B 923 11.51 -39.71 71.82
C GLY B 923 12.00 -38.28 72.01
N SER B 924 12.44 -37.68 70.91
CA SER B 924 12.93 -36.32 70.98
C SER B 924 12.79 -35.64 69.62
N CYS B 925 12.74 -34.32 69.65
CA CYS B 925 12.53 -33.50 68.45
C CYS B 925 13.45 -32.29 68.51
N PHE B 926 14.23 -32.07 67.45
CA PHE B 926 15.16 -30.97 67.34
C PHE B 926 14.79 -30.09 66.14
N ILE B 927 15.23 -28.83 66.19
CA ILE B 927 15.04 -27.86 65.11
C ILE B 927 16.37 -27.17 64.86
N LEU B 928 16.71 -26.95 63.59
CA LEU B 928 18.10 -26.57 63.29
C LEU B 928 18.29 -25.23 62.58
N HIS B 929 17.35 -24.78 61.74
CA HIS B 929 17.44 -23.49 61.06
C HIS B 929 18.72 -23.40 60.20
N LEU B 930 18.75 -24.20 59.13
CA LEU B 930 19.97 -24.29 58.32
C LEU B 930 20.39 -22.93 57.77
N SER B 931 19.45 -22.02 57.61
CA SER B 931 19.74 -20.67 57.13
C SER B 931 18.71 -19.74 57.72
N LEU B 932 18.57 -18.54 57.15
CA LEU B 932 17.54 -17.63 57.62
C LEU B 932 16.14 -18.06 57.20
N ASP B 933 16.01 -18.86 56.15
CA ASP B 933 14.70 -19.32 55.70
C ASP B 933 14.58 -20.83 55.58
N LYS B 934 15.63 -21.52 55.12
CA LYS B 934 15.57 -22.98 55.02
C LYS B 934 15.71 -23.59 56.41
N HIS B 935 14.62 -24.16 56.91
CA HIS B 935 14.63 -24.74 58.24
C HIS B 935 14.49 -26.26 58.17
N THR B 936 14.88 -26.94 59.23
CA THR B 936 14.80 -28.38 59.25
C THR B 936 14.46 -28.86 60.65
N ILE B 937 13.64 -29.91 60.71
CA ILE B 937 13.15 -30.47 61.96
C ILE B 937 13.44 -31.96 61.95
N ARG B 938 13.75 -32.52 63.12
CA ARG B 938 14.25 -33.88 63.18
C ARG B 938 13.65 -34.64 64.36
N PHE B 939 13.05 -35.79 64.08
CA PHE B 939 12.51 -36.68 65.09
C PHE B 939 13.45 -37.86 65.29
N VAL B 940 13.67 -38.22 66.56
CA VAL B 940 14.51 -39.35 66.91
C VAL B 940 13.81 -40.19 67.95
N LEU B 941 13.93 -41.52 67.81
CA LEU B 941 13.30 -42.52 68.65
C LEU B 941 14.37 -43.39 69.31
N PRO B 942 14.05 -44.07 70.43
CA PRO B 942 15.11 -44.54 71.35
C PRO B 942 16.14 -45.50 70.77
N GLY B 943 15.71 -46.66 70.31
CA GLY B 943 16.64 -47.74 70.04
C GLY B 943 17.14 -47.83 68.62
N HIS B 944 17.53 -46.68 68.06
CA HIS B 944 17.84 -46.56 66.63
C HIS B 944 16.71 -47.12 65.76
N GLN B 945 15.48 -47.02 66.28
CA GLN B 945 14.34 -47.44 65.48
C GLN B 945 14.18 -46.55 64.26
N ARG B 946 14.34 -45.24 64.43
CA ARG B 946 14.19 -44.31 63.32
C ARG B 946 14.99 -43.06 63.60
N GLN B 947 15.28 -42.32 62.52
CA GLN B 947 15.94 -41.02 62.59
C GLN B 947 15.43 -40.25 61.38
N ILE B 948 14.39 -39.44 61.56
CA ILE B 948 13.74 -38.84 60.41
C ILE B 948 13.95 -37.33 60.48
N SER B 949 14.02 -36.70 59.31
CA SER B 949 14.28 -35.27 59.21
C SER B 949 13.49 -34.70 58.04
N LEU B 950 12.69 -33.68 58.33
CA LEU B 950 11.88 -33.01 57.31
C LEU B 950 12.38 -31.59 57.10
N LEU B 951 12.43 -31.18 55.84
CA LEU B 951 12.88 -29.86 55.45
C LEU B 951 11.68 -28.97 55.15
N ILE B 952 11.78 -27.71 55.58
CA ILE B 952 10.75 -26.69 55.38
C ILE B 952 11.39 -25.52 54.65
N GLN B 953 10.73 -25.04 53.60
CA GLN B 953 11.35 -24.10 52.68
C GLN B 953 10.29 -23.36 51.89
N PRO B 954 10.44 -22.05 51.69
CA PRO B 954 9.48 -21.31 50.87
C PRO B 954 9.73 -21.53 49.39
N HIS B 955 8.71 -21.22 48.59
CA HIS B 955 8.83 -21.42 47.16
C HIS B 955 8.21 -20.23 46.42
N GLU B 956 7.95 -20.42 45.13
CA GLU B 956 7.60 -19.36 44.20
C GLU B 956 6.44 -18.50 44.68
N LYS B 957 6.35 -17.29 44.14
CA LYS B 957 5.40 -16.30 44.64
C LYS B 957 4.41 -15.87 43.57
N GLU B 958 3.80 -16.83 42.88
CA GLU B 958 2.83 -16.52 41.82
C GLU B 958 1.78 -15.54 42.33
N GLY B 959 0.98 -15.94 43.31
CA GLY B 959 0.16 -15.00 44.06
C GLY B 959 0.86 -14.56 45.33
N LYS B 960 1.27 -15.53 46.14
CA LYS B 960 1.93 -15.27 47.41
C LYS B 960 2.87 -16.43 47.70
N LEU B 961 3.65 -16.29 48.77
CA LEU B 961 4.62 -17.32 49.12
C LEU B 961 3.90 -18.55 49.66
N VAL B 962 4.52 -19.72 49.44
CA VAL B 962 3.97 -21.00 49.86
C VAL B 962 5.10 -21.84 50.44
N TRP B 963 4.87 -22.40 51.62
CA TRP B 963 5.85 -23.29 52.24
C TRP B 963 5.63 -24.70 51.74
N GLU B 964 6.71 -25.39 51.38
CA GLU B 964 6.62 -26.74 50.83
C GLU B 964 7.43 -27.68 51.73
N VAL B 965 6.76 -28.24 52.73
CA VAL B 965 7.40 -29.07 53.76
C VAL B 965 7.38 -30.53 53.33
N GLY B 966 8.51 -31.20 53.51
CA GLY B 966 8.56 -32.61 53.19
C GLY B 966 9.97 -33.16 53.31
N ARG B 967 10.12 -34.38 52.81
CA ARG B 967 11.43 -35.04 52.83
C ARG B 967 12.37 -34.35 51.85
N PRO B 968 13.67 -34.26 52.16
CA PRO B 968 14.60 -33.58 51.25
C PRO B 968 14.63 -34.23 49.88
N ARG B 969 15.03 -33.43 48.88
CA ARG B 969 14.79 -33.79 47.49
C ARG B 969 15.50 -35.09 47.11
N HIS B 970 16.83 -35.08 47.11
CA HIS B 970 17.61 -36.23 46.65
C HIS B 970 18.14 -37.07 47.81
N ASP B 971 17.38 -37.17 48.89
CA ASP B 971 17.67 -38.10 49.95
C ASP B 971 17.08 -39.46 49.60
N PRO B 972 17.85 -40.55 49.67
CA PRO B 972 17.28 -41.88 49.43
C PRO B 972 16.09 -42.12 50.34
N GLU B 973 14.91 -42.23 49.74
CA GLU B 973 13.67 -42.21 50.50
C GLU B 973 13.55 -43.40 51.45
N LEU B 974 14.26 -44.49 51.19
CA LEU B 974 14.16 -45.73 51.97
C LEU B 974 12.71 -46.20 52.03
N LEU B 975 12.16 -46.46 50.84
CA LEU B 975 10.72 -46.60 50.65
C LEU B 975 10.12 -47.64 51.59
N ASN B 976 8.98 -47.28 52.20
CA ASN B 976 8.11 -48.21 52.91
C ASN B 976 8.81 -48.88 54.09
N GLU B 977 9.22 -48.06 55.04
CA GLU B 977 9.60 -48.55 56.38
C GLU B 977 8.74 -47.93 57.46
N ASN B 978 8.53 -46.62 57.43
CA ASN B 978 7.50 -45.97 58.22
C ASN B 978 6.80 -44.85 57.47
N CYS B 979 7.24 -44.52 56.25
CA CYS B 979 6.44 -43.69 55.37
C CYS B 979 5.10 -44.34 55.09
N GLU B 980 5.03 -45.67 55.17
CA GLU B 980 3.76 -46.37 55.15
C GLU B 980 2.77 -45.73 56.12
N PHE B 981 3.17 -45.61 57.39
CA PHE B 981 2.32 -44.96 58.36
C PHE B 981 2.20 -43.47 58.09
N ASN B 982 3.30 -42.81 57.73
CA ASN B 982 3.25 -41.37 57.54
C ASN B 982 2.41 -40.95 56.34
N ARG B 983 1.95 -41.90 55.53
CA ARG B 983 1.07 -41.61 54.41
C ARG B 983 -0.41 -41.59 54.81
N VAL B 984 -0.71 -41.35 56.08
CA VAL B 984 -2.08 -41.06 56.50
C VAL B 984 -2.20 -39.54 56.61
N LEU B 985 -1.21 -38.84 56.07
CA LEU B 985 -1.23 -37.39 55.96
C LEU B 985 -0.65 -36.92 54.64
N LYS B 986 -0.33 -37.85 53.73
CA LYS B 986 0.28 -37.62 52.42
C LYS B 986 1.76 -37.25 52.56
N GLU B 987 2.21 -36.98 53.78
CA GLU B 987 3.62 -36.93 54.15
C GLU B 987 4.41 -35.82 53.47
N ARG B 988 3.81 -35.08 52.55
CA ARG B 988 4.53 -34.06 51.80
C ARG B 988 3.54 -32.94 51.48
N VAL B 989 3.54 -31.90 52.30
CA VAL B 989 2.45 -30.94 52.27
C VAL B 989 2.80 -29.72 51.43
N TRP B 990 1.93 -28.72 51.47
CA TRP B 990 2.19 -27.40 50.89
C TRP B 990 1.15 -26.46 51.47
N THR B 991 1.60 -25.38 52.09
CA THR B 991 0.70 -24.57 52.89
C THR B 991 0.93 -23.08 52.65
N ILE B 992 -0.12 -22.31 52.88
CA ILE B 992 -0.05 -20.86 52.81
C ILE B 992 0.44 -20.28 54.13
N SER B 993 0.76 -18.99 54.11
CA SER B 993 1.39 -18.34 55.25
C SER B 993 0.40 -17.95 56.34
N GLY B 994 -0.81 -18.53 56.37
CA GLY B 994 -1.80 -18.19 57.38
C GLY B 994 -2.37 -19.37 58.14
N SER B 995 -2.22 -20.60 57.62
CA SER B 995 -2.78 -21.77 58.27
C SER B 995 -1.81 -22.94 58.23
N GLY B 996 -0.53 -22.68 58.53
CA GLY B 996 0.46 -23.76 58.61
C GLY B 996 0.42 -24.49 59.94
N PHE B 997 -0.17 -23.87 60.97
CA PHE B 997 -0.20 -24.49 62.29
C PHE B 997 -1.00 -25.77 62.30
N LYS B 998 -2.10 -25.82 61.55
CA LYS B 998 -2.90 -27.05 61.50
C LYS B 998 -2.09 -28.20 60.91
N GLY B 999 -1.32 -27.92 59.84
CA GLY B 999 -0.49 -28.96 59.25
C GLY B 999 0.61 -29.40 60.21
N LEU B 1000 1.23 -28.44 60.91
CA LEU B 1000 2.28 -28.80 61.86
C LEU B 1000 1.73 -29.68 62.98
N VAL B 1001 0.56 -29.33 63.52
CA VAL B 1001 -0.02 -30.14 64.59
C VAL B 1001 -0.45 -31.51 64.09
N THR B 1002 -1.02 -31.58 62.88
CA THR B 1002 -1.43 -32.87 62.33
C THR B 1002 -0.23 -33.75 62.02
N GLY B 1003 0.92 -33.15 61.69
CA GLY B 1003 2.12 -33.94 61.47
C GLY B 1003 2.82 -34.35 62.76
N ALA B 1004 2.63 -33.57 63.83
CA ALA B 1004 3.21 -33.97 65.11
C ALA B 1004 2.40 -35.07 65.79
N ALA B 1005 1.07 -34.98 65.71
CA ALA B 1005 0.22 -35.94 66.41
C ALA B 1005 0.41 -37.36 65.87
N ALA B 1006 0.60 -37.50 64.55
CA ALA B 1006 0.77 -38.82 63.96
C ALA B 1006 2.05 -39.49 64.48
N GLU B 1007 3.17 -38.77 64.44
CA GLU B 1007 4.41 -39.33 64.97
C GLU B 1007 4.31 -39.58 66.46
N PRO B 1008 3.54 -38.77 67.19
CA PRO B 1008 3.35 -39.04 68.62
C PRO B 1008 2.61 -40.36 68.84
N ASP B 1009 1.54 -40.59 68.07
CA ASP B 1009 0.79 -41.82 68.21
C ASP B 1009 1.60 -43.03 67.75
N GLU B 1010 2.51 -42.84 66.80
CA GLU B 1010 3.38 -43.93 66.39
C GLU B 1010 4.53 -44.17 67.36
N GLY B 1011 4.91 -43.16 68.15
CA GLY B 1011 5.98 -43.33 69.12
C GLY B 1011 5.47 -43.89 70.44
N ILE B 1012 4.23 -43.61 70.79
CA ILE B 1012 3.64 -44.16 72.02
C ILE B 1012 3.02 -45.53 71.78
N GLU B 1013 3.79 -46.44 71.20
CA GLU B 1013 3.31 -47.77 70.87
C GLU B 1013 4.47 -48.74 70.65
N ARG C 71 -10.71 26.90 -4.33
CA ARG C 71 -10.65 25.73 -5.20
C ARG C 71 -9.44 25.82 -6.13
N ARG C 72 -8.38 26.47 -5.66
CA ARG C 72 -7.18 26.67 -6.46
C ARG C 72 -6.40 25.39 -6.71
N ILE C 73 -6.87 24.26 -6.20
CA ILE C 73 -6.24 22.97 -6.47
C ILE C 73 -7.16 22.06 -7.26
N ALA C 74 -8.44 22.02 -6.92
CA ALA C 74 -9.42 21.37 -7.78
C ALA C 74 -9.55 22.06 -9.12
N GLU C 75 -8.98 23.24 -9.27
CA GLU C 75 -8.89 23.92 -10.55
C GLU C 75 -7.52 23.71 -11.20
N LEU C 76 -6.69 22.86 -10.62
CA LEU C 76 -5.35 22.56 -11.09
C LEU C 76 -5.24 21.09 -11.47
N ARG C 77 -6.25 20.59 -12.18
CA ARG C 77 -6.31 19.18 -12.57
C ARG C 77 -6.10 19.04 -14.06
N ALA C 78 -5.25 18.09 -14.45
CA ALA C 78 -4.83 17.92 -15.83
C ALA C 78 -5.71 16.91 -16.54
N ARG C 79 -6.17 17.30 -17.73
CA ARG C 79 -6.89 16.41 -18.63
C ARG C 79 -6.16 16.31 -19.98
N GLY C 80 -4.84 16.40 -19.95
CA GLY C 80 -4.04 16.30 -21.16
C GLY C 80 -3.49 14.90 -21.37
N CYS C 81 -3.51 14.09 -20.32
CA CYS C 81 -3.07 12.70 -20.41
C CYS C 81 -3.86 11.89 -19.38
N CYS C 82 -3.62 10.59 -19.37
CA CYS C 82 -4.19 9.70 -18.35
C CYS C 82 -3.16 9.50 -17.24
N GLN C 83 -2.96 10.60 -16.49
CA GLN C 83 -1.88 10.63 -15.49
C GLN C 83 -2.07 9.57 -14.42
N GLY C 84 -3.30 9.15 -14.17
CA GLY C 84 -3.53 8.05 -13.26
C GLY C 84 -3.37 8.42 -11.80
N ILE C 85 -4.12 7.75 -10.93
CA ILE C 85 -4.08 8.07 -9.51
C ILE C 85 -2.66 7.88 -8.97
N ALA C 86 -2.33 8.63 -7.92
CA ALA C 86 -1.07 8.48 -7.23
C ALA C 86 -1.17 7.58 -6.01
N TRP C 87 -2.38 7.33 -5.51
CA TRP C 87 -2.59 6.39 -4.42
C TRP C 87 -3.10 5.06 -4.97
N SER C 88 -2.88 4.00 -4.20
CA SER C 88 -3.26 2.66 -4.60
C SER C 88 -3.14 1.74 -3.39
N ARG C 89 -3.74 0.55 -3.51
CA ARG C 89 -3.71 -0.40 -2.40
C ARG C 89 -4.11 -1.78 -2.88
N GLN C 90 -3.30 -2.78 -2.52
CA GLN C 90 -3.65 -4.19 -2.64
C GLN C 90 -2.65 -4.98 -1.83
N GLY C 91 -3.14 -5.97 -1.09
CA GLY C 91 -2.28 -6.70 -0.18
C GLY C 91 -1.93 -5.96 1.08
N THR C 92 -2.75 -4.98 1.46
CA THR C 92 -2.60 -4.18 2.68
C THR C 92 -1.37 -3.28 2.66
N ILE C 93 -1.07 -2.65 1.53
CA ILE C 93 -0.03 -1.63 1.44
C ILE C 93 -0.63 -0.42 0.77
N ALA C 94 -0.05 0.75 1.02
CA ALA C 94 -0.47 1.98 0.38
C ALA C 94 0.76 2.82 0.09
N SER C 95 0.93 3.20 -1.18
CA SER C 95 2.10 3.94 -1.61
C SER C 95 1.66 5.19 -2.35
N ILE C 96 2.37 6.29 -2.09
CA ILE C 96 2.03 7.59 -2.67
C ILE C 96 3.28 8.25 -3.21
N SER C 97 3.09 9.10 -4.22
CA SER C 97 4.19 9.86 -4.82
C SER C 97 4.16 11.27 -4.22
N ALA C 98 5.16 11.57 -3.38
CA ALA C 98 5.17 12.81 -2.60
C ALA C 98 5.83 13.92 -3.41
N ASP C 99 5.02 14.64 -4.17
CA ASP C 99 5.41 15.85 -4.88
C ASP C 99 6.46 15.63 -5.96
N GLY C 100 6.63 14.38 -6.42
CA GLY C 100 7.39 14.12 -7.62
C GLY C 100 8.85 13.74 -7.44
N MET C 101 9.27 13.35 -6.26
CA MET C 101 10.65 12.92 -6.06
C MET C 101 10.81 11.65 -5.22
N SER C 102 9.73 11.15 -4.61
CA SER C 102 9.86 10.01 -3.73
C SER C 102 8.53 9.26 -3.66
N ILE C 103 8.63 7.96 -3.44
CA ILE C 103 7.50 7.09 -3.18
C ILE C 103 7.53 6.71 -1.71
N GLU C 104 6.41 6.93 -1.01
CA GLU C 104 6.29 6.67 0.41
C GLU C 104 5.34 5.50 0.62
N LEU C 105 5.71 4.60 1.53
CA LEU C 105 4.96 3.39 1.84
C LEU C 105 4.32 3.51 3.22
N ARG C 106 3.18 2.84 3.39
CA ARG C 106 2.55 2.78 4.71
C ARG C 106 1.47 1.70 4.71
N PHE C 107 1.27 1.07 5.86
CA PHE C 107 0.29 -0.01 5.95
C PHE C 107 -0.64 0.18 7.15
N LEU C 108 -1.45 -0.84 7.45
CA LEU C 108 -2.51 -0.76 8.46
C LEU C 108 -2.15 -1.73 9.60
N ARG C 109 -1.86 -1.16 10.76
CA ARG C 109 -1.35 -1.95 11.88
C ARG C 109 -2.40 -2.10 12.98
N THR C 110 -1.99 -2.72 14.09
CA THR C 110 -2.94 -3.09 15.14
C THR C 110 -2.72 -2.26 16.40
N ASN C 111 -1.74 -1.35 16.39
CA ASN C 111 -1.41 -0.51 17.53
C ASN C 111 -1.00 -1.36 18.73
N PRO C 112 0.20 -1.93 18.73
CA PRO C 112 0.62 -2.85 19.81
C PRO C 112 0.30 -2.41 21.23
N GLU C 113 0.06 -1.12 21.47
CA GLU C 113 -0.38 -0.65 22.77
C GLU C 113 -1.90 -0.54 22.77
N ASN C 114 -2.54 -1.06 23.83
CA ASN C 114 -3.99 -1.09 24.03
C ASN C 114 -4.74 -1.24 22.70
N GLY C 115 -4.45 -2.36 22.03
CA GLY C 115 -4.70 -2.50 20.61
C GLY C 115 -6.06 -2.08 20.10
N ASP C 116 -6.05 -0.98 19.34
CA ASP C 116 -7.20 -0.52 18.56
C ASP C 116 -6.77 -0.50 17.10
N TRP C 117 -7.57 -1.11 16.24
CA TRP C 117 -7.17 -1.28 14.85
C TRP C 117 -6.90 0.05 14.15
N GLU C 118 -7.41 1.15 14.68
CA GLU C 118 -7.31 2.45 14.03
C GLU C 118 -5.87 2.93 14.10
N LEU C 119 -5.09 2.64 13.06
CA LEU C 119 -3.71 3.12 12.99
C LEU C 119 -3.22 3.04 11.56
N THR C 120 -2.89 4.18 10.97
CA THR C 120 -2.20 4.25 9.68
C THR C 120 -0.81 4.82 9.94
N ASP C 121 0.22 4.06 9.60
CA ASP C 121 1.58 4.42 9.97
C ASP C 121 1.98 5.75 9.35
N ALA C 122 2.73 6.54 10.12
CA ALA C 122 3.16 7.87 9.69
C ALA C 122 4.54 7.83 9.03
N ALA C 123 4.70 6.96 8.03
CA ALA C 123 5.91 6.88 7.21
C ALA C 123 7.15 6.64 8.07
N LEU C 124 7.14 5.52 8.80
CA LEU C 124 8.31 5.05 9.53
C LEU C 124 9.06 3.97 8.77
N SER C 125 8.82 3.85 7.46
CA SER C 125 9.41 2.84 6.61
C SER C 125 10.48 3.47 5.72
N LEU C 126 11.00 2.67 4.79
CA LEU C 126 12.09 3.10 3.90
C LEU C 126 11.48 3.52 2.57
N SER C 127 11.36 4.83 2.37
CA SER C 127 10.84 5.35 1.12
C SER C 127 11.86 5.17 0.00
N VAL C 128 11.42 5.45 -1.23
CA VAL C 128 12.27 5.36 -2.41
C VAL C 128 12.41 6.75 -3.01
N ALA C 129 13.64 7.14 -3.35
CA ALA C 129 13.91 8.49 -3.80
C ALA C 129 14.60 8.50 -5.15
N LEU C 130 14.19 9.45 -6.00
CA LEU C 130 14.86 9.68 -7.28
C LEU C 130 16.18 10.39 -7.03
N VAL C 131 17.29 9.76 -7.40
CA VAL C 131 18.59 10.41 -7.23
C VAL C 131 18.89 11.23 -8.49
N PRO C 132 19.18 12.53 -8.35
CA PRO C 132 19.43 13.38 -9.52
C PRO C 132 20.86 13.37 -10.02
N ALA C 133 21.82 13.04 -9.16
CA ALA C 133 23.21 12.97 -9.60
C ALA C 133 23.37 11.86 -10.63
N SER C 134 24.48 11.90 -11.35
CA SER C 134 24.72 10.93 -12.42
C SER C 134 26.22 10.90 -12.69
N SER C 135 26.58 10.25 -13.79
CA SER C 135 27.96 10.02 -14.18
C SER C 135 27.97 9.63 -15.65
N PRO C 136 29.10 9.78 -16.34
CA PRO C 136 29.15 9.33 -17.74
C PRO C 136 28.64 7.91 -17.95
N SER C 137 28.80 7.03 -16.96
CA SER C 137 28.23 5.69 -17.01
C SER C 137 27.89 5.27 -15.59
N ALA C 138 26.62 5.38 -15.22
CA ALA C 138 26.14 4.96 -13.91
C ALA C 138 24.88 4.12 -14.09
N THR C 139 24.54 3.37 -13.04
CA THR C 139 23.42 2.44 -13.10
C THR C 139 22.59 2.55 -11.83
N SER C 140 21.32 2.15 -11.94
CA SER C 140 20.43 2.15 -10.79
C SER C 140 20.89 1.13 -9.77
N SER C 141 20.80 1.48 -8.50
CA SER C 141 21.23 0.60 -7.42
C SER C 141 20.06 -0.24 -6.92
N SER C 142 20.39 -1.25 -6.13
CA SER C 142 19.42 -2.12 -5.49
C SER C 142 19.37 -1.83 -3.99
N GLY C 143 18.42 -2.45 -3.32
CA GLY C 143 18.20 -2.20 -1.91
C GLY C 143 19.08 -3.02 -0.99
N SER C 144 20.16 -2.42 -0.49
CA SER C 144 21.10 -3.11 0.39
C SER C 144 20.56 -3.09 1.82
N GLY C 145 21.41 -3.43 2.78
CA GLY C 145 21.00 -3.50 4.18
C GLY C 145 20.44 -2.22 4.74
N THR C 146 20.73 -1.09 4.11
CA THR C 146 20.19 0.20 4.52
C THR C 146 19.19 0.69 3.46
N SER C 147 18.70 1.91 3.65
CA SER C 147 17.63 2.48 2.83
C SER C 147 18.05 2.79 1.41
N ASN C 148 19.24 2.40 0.96
CA ASN C 148 19.67 2.77 -0.38
C ASN C 148 18.90 2.00 -1.44
N THR C 149 17.82 2.59 -1.93
CA THR C 149 17.09 2.09 -3.11
C THR C 149 16.91 3.30 -4.02
N THR C 150 17.91 3.56 -4.85
CA THR C 150 17.97 4.78 -5.64
C THR C 150 17.81 4.46 -7.12
N VAL C 151 16.98 5.25 -7.80
CA VAL C 151 16.82 5.19 -9.23
C VAL C 151 17.29 6.52 -9.82
N ILE C 152 18.10 6.44 -10.87
CA ILE C 152 18.75 7.61 -11.45
C ILE C 152 17.74 8.35 -12.31
N SER C 153 17.56 9.64 -12.04
CA SER C 153 16.58 10.42 -12.77
C SER C 153 17.20 11.04 -14.03
N ALA C 154 16.35 11.67 -14.84
CA ALA C 154 16.78 12.42 -16.00
C ALA C 154 15.97 13.71 -16.14
N GLY C 155 15.49 14.25 -15.03
CA GLY C 155 14.76 15.50 -15.05
C GLY C 155 13.28 15.35 -15.29
N ALA C 156 12.62 14.46 -14.54
CA ALA C 156 11.19 14.25 -14.67
C ALA C 156 10.68 13.50 -13.47
N PRO C 157 9.50 13.84 -12.95
CA PRO C 157 8.97 13.19 -11.75
C PRO C 157 8.12 11.97 -12.07
N PHE C 158 7.95 11.13 -11.04
CA PHE C 158 7.02 10.01 -11.14
C PHE C 158 5.62 10.52 -11.43
N VAL C 159 4.86 9.77 -12.23
CA VAL C 159 3.49 10.16 -12.52
C VAL C 159 2.48 9.06 -12.34
N HIS C 160 2.83 7.78 -12.39
CA HIS C 160 1.80 6.73 -12.36
C HIS C 160 2.29 5.52 -11.57
N LEU C 161 1.39 4.98 -10.75
CA LEU C 161 1.67 3.82 -9.92
C LEU C 161 0.57 2.78 -10.14
N ALA C 162 0.95 1.52 -10.30
CA ALA C 162 -0.05 0.48 -10.43
C ALA C 162 0.45 -0.81 -9.81
N TRP C 163 -0.50 -1.61 -9.32
CA TRP C 163 -0.21 -2.88 -8.67
C TRP C 163 -0.42 -4.03 -9.66
N ALA C 164 -0.36 -5.26 -9.15
CA ALA C 164 -0.56 -6.43 -9.97
C ALA C 164 -1.10 -7.56 -9.11
N PRO C 165 -2.04 -8.35 -9.62
CA PRO C 165 -2.55 -9.50 -8.86
C PRO C 165 -1.43 -10.46 -8.48
N SER C 166 -1.68 -11.22 -7.41
CA SER C 166 -0.71 -12.16 -6.88
C SER C 166 -1.41 -13.14 -5.96
N VAL C 167 -0.75 -14.27 -5.69
CA VAL C 167 -1.29 -15.30 -4.81
C VAL C 167 -0.23 -15.65 -3.77
N HIS C 168 -0.23 -14.91 -2.66
CA HIS C 168 0.37 -15.33 -1.40
C HIS C 168 1.90 -15.46 -1.43
N THR C 169 2.52 -15.31 -2.59
CA THR C 169 3.94 -15.63 -2.72
C THR C 169 4.81 -14.38 -2.84
N SER C 170 4.56 -13.52 -3.81
CA SER C 170 5.37 -12.33 -4.00
C SER C 170 4.53 -11.27 -4.68
N SER C 171 4.67 -10.02 -4.23
CA SER C 171 3.90 -8.93 -4.79
C SER C 171 4.61 -8.36 -6.01
N PHE C 172 3.96 -7.41 -6.68
CA PHE C 172 4.54 -6.69 -7.80
C PHE C 172 3.91 -5.31 -7.85
N GLU C 173 4.69 -4.33 -8.31
CA GLU C 173 4.22 -2.95 -8.33
C GLU C 173 5.10 -2.17 -9.29
N LEU C 174 4.49 -1.56 -10.31
CA LEU C 174 5.25 -0.84 -11.31
C LEU C 174 4.91 0.64 -11.27
N ALA C 175 5.89 1.44 -11.70
CA ALA C 175 5.79 2.89 -11.71
C ALA C 175 6.24 3.42 -13.05
N ALA C 176 5.39 4.22 -13.68
CA ALA C 176 5.68 4.84 -14.97
C ALA C 176 5.92 6.33 -14.75
N ILE C 177 6.97 6.85 -15.36
CA ILE C 177 7.40 8.23 -15.13
C ILE C 177 6.88 9.12 -16.25
N ASP C 178 6.50 10.36 -15.91
CA ASP C 178 5.98 11.30 -16.90
C ASP C 178 7.05 11.72 -17.88
N ALA C 179 8.24 11.17 -17.71
CA ALA C 179 9.38 11.29 -18.60
C ALA C 179 9.01 10.64 -19.93
N PRO C 180 9.93 10.57 -20.90
CA PRO C 180 9.63 9.89 -22.15
C PRO C 180 8.91 8.55 -22.06
N GLY C 181 8.62 8.06 -20.86
CA GLY C 181 7.76 6.91 -20.72
C GLY C 181 8.48 5.69 -20.20
N ARG C 182 9.34 5.90 -19.22
CA ARG C 182 10.15 4.83 -18.66
C ARG C 182 9.42 4.17 -17.49
N ILE C 183 9.61 2.86 -17.37
CA ILE C 183 8.84 2.01 -16.46
C ILE C 183 9.82 1.29 -15.54
N THR C 184 9.52 1.28 -14.25
CA THR C 184 10.27 0.48 -13.30
C THR C 184 9.32 -0.49 -12.59
N ILE C 185 9.89 -1.58 -12.09
CA ILE C 185 9.12 -2.64 -11.46
C ILE C 185 9.82 -3.04 -10.17
N PHE C 186 9.12 -2.90 -9.05
CA PHE C 186 9.63 -3.29 -7.75
C PHE C 186 9.07 -4.66 -7.35
N LEU C 187 9.65 -5.22 -6.30
CA LEU C 187 9.30 -6.58 -5.87
C LEU C 187 9.33 -6.64 -4.35
N PHE C 188 8.23 -7.14 -3.78
CA PHE C 188 8.12 -7.40 -2.36
C PHE C 188 7.98 -8.90 -2.15
N THR C 189 8.68 -9.43 -1.15
CA THR C 189 8.80 -10.87 -0.95
C THR C 189 8.09 -11.39 0.28
N GLN C 190 8.08 -10.65 1.39
CA GLN C 190 7.43 -11.13 2.61
C GLN C 190 6.62 -10.02 3.29
N ASN C 191 6.10 -9.08 2.50
CA ASN C 191 5.33 -7.93 2.96
C ASN C 191 6.17 -7.04 3.87
N ILE C 192 7.42 -7.42 4.09
CA ILE C 192 8.36 -6.52 4.74
C ILE C 192 8.52 -5.35 3.80
N ASN C 193 8.10 -4.16 4.24
CA ASN C 193 8.02 -3.00 3.36
C ASN C 193 9.45 -2.56 3.03
N LYS C 194 10.05 -3.34 2.12
CA LYS C 194 11.45 -3.16 1.74
C LYS C 194 11.60 -3.73 0.35
N PRO C 195 11.41 -2.92 -0.68
CA PRO C 195 11.32 -3.43 -2.04
C PRO C 195 12.68 -3.62 -2.72
N TYR C 196 12.71 -4.58 -3.63
CA TYR C 196 13.85 -4.81 -4.51
C TYR C 196 13.46 -4.46 -5.95
N LEU C 197 14.44 -4.51 -6.85
CA LEU C 197 14.23 -4.15 -8.23
C LEU C 197 14.08 -5.38 -9.10
N SER C 198 13.34 -5.25 -10.20
CA SER C 198 13.26 -6.30 -11.21
C SER C 198 13.53 -5.80 -12.63
N ARG C 199 13.35 -4.52 -12.92
CA ARG C 199 13.72 -3.94 -14.20
C ARG C 199 14.31 -2.56 -13.94
N LYS C 200 15.38 -2.24 -14.67
CA LYS C 200 16.22 -1.10 -14.31
C LYS C 200 16.00 0.14 -15.16
N TRP C 201 15.36 0.02 -16.32
CA TRP C 201 15.13 1.12 -17.26
C TRP C 201 16.37 2.01 -17.40
N ASP C 202 17.46 1.40 -17.82
CA ASP C 202 18.67 2.13 -18.15
C ASP C 202 18.99 2.06 -19.64
N THR C 203 18.16 1.40 -20.43
CA THR C 203 18.25 1.42 -21.89
C THR C 203 16.85 1.72 -22.41
N ASP C 204 16.51 3.00 -22.48
CA ASP C 204 15.21 3.47 -22.94
C ASP C 204 15.41 4.81 -23.63
N PRO C 205 14.67 5.08 -24.70
CA PRO C 205 14.85 6.32 -25.43
C PRO C 205 14.29 7.52 -24.66
N VAL C 206 14.61 8.70 -25.16
CA VAL C 206 14.16 9.96 -24.56
C VAL C 206 13.47 10.75 -25.66
N ASP C 207 12.15 10.56 -25.78
CA ASP C 207 11.37 11.18 -26.84
C ASP C 207 9.90 11.21 -26.41
N ASP C 208 9.00 11.37 -27.37
CA ASP C 208 7.59 11.64 -27.12
C ASP C 208 6.76 10.37 -26.96
N LEU C 209 7.36 9.28 -26.46
CA LEU C 209 6.57 8.09 -26.20
C LEU C 209 5.47 8.41 -25.19
N HIS C 210 5.85 8.72 -23.95
CA HIS C 210 4.90 9.20 -22.94
C HIS C 210 3.74 8.20 -22.78
N ALA C 211 4.10 7.01 -22.31
CA ALA C 211 3.19 5.87 -22.26
C ALA C 211 2.19 5.94 -21.12
N VAL C 212 1.97 7.13 -20.55
CA VAL C 212 1.09 7.27 -19.40
C VAL C 212 -0.37 7.11 -19.77
N VAL C 213 -0.71 7.03 -21.05
CA VAL C 213 -2.09 7.15 -21.50
C VAL C 213 -2.89 5.89 -21.24
N GLY C 214 -2.29 4.91 -20.56
CA GLY C 214 -3.05 3.76 -20.12
C GLY C 214 -2.23 2.49 -19.93
N CYS C 215 -2.61 1.69 -18.93
CA CYS C 215 -1.92 0.43 -18.68
C CYS C 215 -2.94 -0.58 -18.18
N TYR C 216 -2.55 -1.86 -18.23
CA TYR C 216 -3.47 -2.92 -17.85
C TYR C 216 -2.69 -4.20 -17.59
N TRP C 217 -2.86 -4.78 -16.42
CA TRP C 217 -2.31 -6.09 -16.12
C TRP C 217 -3.33 -7.15 -16.51
N LEU C 218 -2.89 -8.17 -17.24
CA LEU C 218 -3.82 -9.21 -17.64
C LEU C 218 -4.35 -9.94 -16.41
N PRO C 219 -5.55 -10.51 -16.48
CA PRO C 219 -6.08 -11.26 -15.35
C PRO C 219 -5.49 -12.67 -15.28
N LEU C 220 -5.53 -13.23 -14.08
CA LEU C 220 -5.02 -14.57 -13.89
C LEU C 220 -6.18 -15.53 -13.63
N PRO C 221 -6.10 -16.75 -14.16
CA PRO C 221 -7.30 -17.59 -14.27
C PRO C 221 -7.73 -18.18 -12.94
N PHE C 222 -8.76 -19.02 -13.02
CA PHE C 222 -9.32 -19.73 -11.88
C PHE C 222 -9.44 -21.21 -12.24
N ASN C 223 -9.42 -22.06 -11.22
CA ASN C 223 -9.44 -23.50 -11.44
C ASN C 223 -10.86 -24.05 -11.53
N VAL C 224 -11.66 -23.44 -12.41
CA VAL C 224 -13.05 -23.81 -12.64
C VAL C 224 -13.50 -23.10 -13.91
N SER C 225 -14.81 -23.14 -14.17
CA SER C 225 -15.36 -22.45 -15.33
C SER C 225 -15.57 -20.96 -15.07
N TYR C 226 -16.16 -20.59 -13.94
CA TYR C 226 -16.50 -19.20 -13.65
C TYR C 226 -15.92 -18.76 -12.32
N VAL C 227 -16.31 -17.56 -11.87
CA VAL C 227 -16.00 -17.07 -10.54
C VAL C 227 -17.30 -16.87 -9.80
N ALA C 228 -17.31 -17.19 -8.51
CA ALA C 228 -18.53 -17.22 -7.71
C ALA C 228 -18.51 -16.16 -6.63
N ASN C 229 -19.66 -15.55 -6.38
CA ASN C 229 -19.87 -14.66 -5.25
C ASN C 229 -21.30 -14.82 -4.77
N TRP C 230 -21.48 -14.73 -3.46
CA TRP C 230 -22.69 -15.21 -2.80
C TRP C 230 -23.66 -14.07 -2.49
N VAL C 231 -24.88 -14.46 -2.13
CA VAL C 231 -25.97 -13.54 -1.80
C VAL C 231 -26.77 -14.17 -0.67
N GLN C 232 -26.77 -13.54 0.50
CA GLN C 232 -27.47 -14.06 1.66
C GLN C 232 -28.92 -13.59 1.63
N THR C 233 -29.86 -14.53 1.67
CA THR C 233 -31.28 -14.20 1.61
C THR C 233 -32.05 -14.85 2.74
N ASP C 234 -33.37 -14.70 2.73
CA ASP C 234 -34.28 -15.48 3.58
C ASP C 234 -34.00 -15.25 5.06
N TYR C 235 -34.17 -14.00 5.49
CA TYR C 235 -33.90 -13.64 6.88
C TYR C 235 -35.04 -14.12 7.76
N ARG C 236 -34.79 -15.21 8.46
CA ARG C 236 -35.69 -15.88 9.38
C ARG C 236 -34.81 -16.74 10.28
N TYR C 237 -35.39 -17.82 10.82
CA TYR C 237 -34.71 -18.75 11.71
C TYR C 237 -33.24 -18.96 11.36
N GLU C 238 -32.92 -19.02 10.07
CA GLU C 238 -31.54 -18.92 9.63
C GLU C 238 -31.51 -18.55 8.15
N PRO C 239 -30.59 -17.69 7.73
CA PRO C 239 -30.54 -17.33 6.31
C PRO C 239 -29.67 -18.27 5.47
N ILE C 240 -30.28 -18.93 4.50
CA ILE C 240 -29.52 -19.69 3.52
C ILE C 240 -29.07 -18.78 2.40
N LEU C 241 -28.00 -19.18 1.71
CA LEU C 241 -27.30 -18.31 0.79
C LEU C 241 -27.02 -19.04 -0.52
N SER C 242 -27.18 -18.34 -1.64
CA SER C 242 -27.04 -18.89 -2.97
C SER C 242 -25.93 -18.17 -3.73
N PRO C 243 -25.26 -18.86 -4.65
CA PRO C 243 -24.13 -18.23 -5.37
C PRO C 243 -24.51 -17.55 -6.67
N ALA C 244 -23.96 -16.36 -6.92
CA ALA C 244 -24.00 -15.71 -8.21
C ALA C 244 -22.63 -15.87 -8.88
N TRP C 245 -22.58 -15.64 -10.20
CA TRP C 245 -21.36 -15.98 -10.91
C TRP C 245 -21.26 -15.22 -12.23
N GLY C 246 -20.03 -14.85 -12.59
CA GLY C 246 -19.73 -14.22 -13.86
C GLY C 246 -18.53 -14.87 -14.53
N PRO C 247 -18.27 -14.51 -15.78
CA PRO C 247 -17.24 -15.21 -16.56
C PRO C 247 -15.87 -14.53 -16.49
N ILE C 248 -14.85 -15.29 -16.89
CA ILE C 248 -13.46 -14.84 -16.97
C ILE C 248 -12.88 -15.33 -18.29
N HIS C 249 -12.68 -14.42 -19.25
CA HIS C 249 -12.33 -14.82 -20.60
C HIS C 249 -10.85 -15.19 -20.81
N PRO C 250 -9.88 -14.27 -20.59
CA PRO C 250 -8.49 -14.55 -21.01
C PRO C 250 -7.59 -15.13 -19.93
N ASN C 251 -6.35 -15.47 -20.28
CA ASN C 251 -5.38 -16.00 -19.32
C ASN C 251 -3.96 -15.75 -19.85
N HIS C 252 -2.97 -16.41 -19.24
CA HIS C 252 -1.56 -16.18 -19.54
C HIS C 252 -0.74 -17.45 -19.74
N THR C 253 -1.29 -18.63 -19.40
CA THR C 253 -0.59 -19.93 -19.49
C THR C 253 0.55 -20.04 -18.48
N LYS C 254 0.32 -19.55 -17.27
CA LYS C 254 1.22 -19.73 -16.13
C LYS C 254 0.48 -19.25 -14.88
N SER C 255 1.20 -19.17 -13.77
CA SER C 255 0.74 -18.47 -12.58
C SER C 255 1.43 -17.12 -12.41
N ALA C 256 2.25 -16.73 -13.37
CA ALA C 256 2.83 -15.39 -13.41
C ALA C 256 1.85 -14.46 -14.10
N LEU C 257 2.29 -13.26 -14.45
CA LEU C 257 1.35 -12.30 -15.02
C LEU C 257 2.09 -11.46 -16.06
N VAL C 258 1.39 -10.48 -16.63
CA VAL C 258 1.89 -9.72 -17.76
C VAL C 258 1.20 -8.37 -17.88
N CYS C 259 2.00 -7.32 -18.05
CA CYS C 259 1.50 -5.95 -18.14
C CYS C 259 1.56 -5.47 -19.58
N VAL C 260 0.46 -4.89 -20.06
CA VAL C 260 0.40 -4.25 -21.36
C VAL C 260 0.06 -2.78 -21.13
N THR C 261 0.99 -1.90 -21.48
CA THR C 261 0.76 -0.46 -21.44
C THR C 261 0.56 0.02 -22.86
N THR C 262 -0.46 0.84 -23.07
CA THR C 262 -0.92 1.13 -24.42
C THR C 262 0.04 2.09 -25.10
N ASN C 263 -0.42 2.64 -26.23
CA ASN C 263 0.42 3.40 -27.13
C ASN C 263 1.27 4.45 -26.42
N GLY C 264 2.53 4.53 -26.82
CA GLY C 264 3.30 5.71 -26.55
C GLY C 264 2.87 6.80 -27.52
N LEU C 265 1.55 7.03 -27.58
CA LEU C 265 0.88 7.89 -28.55
C LEU C 265 0.96 7.32 -29.96
N LEU C 266 1.76 6.27 -30.17
CA LEU C 266 1.80 5.59 -31.45
C LEU C 266 1.80 4.06 -31.32
N LYS C 267 2.52 3.54 -30.32
CA LYS C 267 3.03 2.18 -30.33
C LYS C 267 2.06 1.20 -29.67
N MET C 268 2.55 -0.01 -29.39
CA MET C 268 1.83 -0.97 -28.54
C MET C 268 2.60 -1.28 -27.27
N LEU C 269 3.84 -1.74 -27.36
CA LEU C 269 4.83 -1.68 -26.27
C LEU C 269 4.34 -2.37 -24.99
N PHE C 270 4.20 -3.70 -25.07
CA PHE C 270 3.89 -4.43 -23.84
C PHE C 270 5.10 -5.25 -23.41
N PRO C 271 5.78 -4.90 -22.30
CA PRO C 271 6.83 -5.76 -21.76
C PRO C 271 6.37 -6.80 -20.75
N GLN C 272 6.25 -8.06 -21.15
CA GLN C 272 6.39 -9.19 -20.24
C GLN C 272 6.52 -10.48 -21.03
N ASN C 273 7.67 -11.13 -20.93
CA ASN C 273 7.89 -12.44 -21.55
C ASN C 273 8.71 -13.32 -20.62
N ASN C 274 8.28 -13.38 -19.35
CA ASN C 274 9.03 -14.12 -18.33
C ASN C 274 9.29 -15.54 -18.83
N ASN C 275 10.55 -15.84 -19.11
CA ASN C 275 10.92 -17.06 -19.82
C ASN C 275 11.14 -18.20 -18.82
N ARG C 276 11.77 -19.28 -19.29
CA ARG C 276 12.25 -20.30 -18.38
C ARG C 276 13.22 -19.70 -17.36
N ILE C 277 14.05 -18.75 -17.81
CA ILE C 277 14.85 -17.93 -16.91
C ILE C 277 13.93 -16.97 -16.19
N GLU C 278 14.44 -16.26 -15.18
CA GLU C 278 13.61 -15.41 -14.33
C GLU C 278 13.86 -13.92 -14.60
N GLU C 279 14.02 -13.54 -15.86
CA GLU C 279 14.22 -12.16 -16.26
C GLU C 279 13.05 -11.71 -17.11
N THR C 280 12.51 -10.52 -16.82
CA THR C 280 11.43 -9.95 -17.62
C THR C 280 11.98 -9.53 -18.97
N SER C 281 11.70 -10.33 -20.00
CA SER C 281 12.31 -10.14 -21.30
C SER C 281 11.83 -8.84 -21.94
N ILE C 282 12.42 -8.53 -23.10
CA ILE C 282 12.13 -7.29 -23.78
C ILE C 282 10.66 -7.27 -24.22
N GLU C 283 10.14 -6.07 -24.42
CA GLU C 283 8.74 -5.89 -24.78
C GLU C 283 8.47 -6.40 -26.19
N LEU C 284 7.19 -6.35 -26.57
CA LEU C 284 6.76 -6.52 -27.95
C LEU C 284 6.04 -5.26 -28.39
N GLU C 285 6.19 -4.91 -29.68
CA GLU C 285 5.60 -3.71 -30.23
C GLU C 285 4.91 -4.03 -31.54
N SER C 286 3.91 -3.21 -31.86
CA SER C 286 3.21 -3.31 -33.14
C SER C 286 2.51 -1.98 -33.38
N VAL C 287 2.88 -1.29 -34.46
CA VAL C 287 2.34 0.03 -34.70
C VAL C 287 0.84 -0.04 -34.97
N THR C 288 0.09 0.87 -34.37
CA THR C 288 -1.35 0.97 -34.57
C THR C 288 -1.72 2.44 -34.72
N ALA C 289 -2.31 2.79 -35.86
CA ALA C 289 -2.78 4.14 -36.13
C ALA C 289 -1.64 5.16 -36.03
N SER C 290 -0.71 5.02 -36.97
CA SER C 290 0.44 5.92 -37.03
C SER C 290 0.00 7.37 -37.21
N ASP C 291 0.90 8.29 -36.90
CA ASP C 291 0.62 9.72 -36.91
C ASP C 291 1.63 10.46 -37.77
N ASP C 292 1.17 11.53 -38.41
CA ASP C 292 2.02 12.35 -39.25
C ASP C 292 1.76 13.85 -39.08
N LEU C 293 1.01 14.25 -38.07
CA LEU C 293 0.65 15.65 -37.85
C LEU C 293 0.51 15.84 -36.33
N ILE C 294 -0.15 16.92 -35.92
CA ILE C 294 -0.50 17.03 -34.51
C ILE C 294 -1.92 16.51 -34.35
N THR C 295 -2.05 15.19 -34.23
CA THR C 295 -3.28 14.50 -33.83
C THR C 295 -2.82 13.32 -32.98
N HIS C 296 -2.73 13.53 -31.67
CA HIS C 296 -2.17 12.55 -30.77
C HIS C 296 -3.26 11.88 -29.96
N ALA C 297 -3.04 10.60 -29.61
CA ALA C 297 -3.99 9.89 -28.80
C ALA C 297 -3.94 10.43 -27.38
N ALA C 298 -4.79 11.41 -27.08
CA ALA C 298 -4.76 12.05 -25.77
C ALA C 298 -5.14 11.07 -24.68
N ILE C 299 -6.22 10.32 -24.88
CA ILE C 299 -6.72 9.38 -23.87
C ILE C 299 -7.13 8.08 -24.56
N GLY C 300 -6.62 6.97 -24.03
CA GLY C 300 -7.01 5.66 -24.51
C GLY C 300 -7.18 4.71 -23.35
N ALA C 301 -7.96 3.66 -23.59
CA ALA C 301 -8.25 2.68 -22.55
C ALA C 301 -8.56 1.33 -23.19
N ASP C 302 -8.20 0.27 -22.47
CA ASP C 302 -8.32 -1.08 -23.01
C ASP C 302 -8.84 -2.02 -21.95
N ARG C 303 -9.49 -3.08 -22.40
CA ARG C 303 -9.99 -4.13 -21.52
C ARG C 303 -9.91 -5.44 -22.29
N ASN C 304 -10.61 -6.46 -21.80
CA ASN C 304 -10.52 -7.80 -22.37
C ASN C 304 -11.92 -8.39 -22.58
N THR C 305 -12.41 -8.31 -23.81
CA THR C 305 -13.70 -8.89 -24.16
C THR C 305 -13.47 -10.35 -24.58
N LEU C 306 -14.49 -10.95 -25.17
CA LEU C 306 -14.52 -12.41 -25.31
C LEU C 306 -13.28 -12.93 -26.03
N LEU C 307 -12.43 -13.60 -25.25
CA LEU C 307 -11.25 -14.32 -25.69
C LEU C 307 -10.10 -13.40 -26.10
N ILE C 308 -10.33 -12.08 -26.20
CA ILE C 308 -9.32 -11.20 -26.78
C ILE C 308 -9.44 -9.79 -26.20
N ALA C 309 -8.35 -9.04 -26.28
CA ALA C 309 -8.30 -7.69 -25.78
C ALA C 309 -9.13 -6.75 -26.67
N LEU C 310 -9.29 -5.52 -26.20
CA LEU C 310 -10.12 -4.54 -26.89
C LEU C 310 -9.68 -3.15 -26.44
N ALA C 311 -9.05 -2.39 -27.32
CA ALA C 311 -8.52 -1.07 -26.99
C ALA C 311 -9.29 0.00 -27.76
N MET C 312 -9.34 1.20 -27.18
CA MET C 312 -10.02 2.30 -27.85
C MET C 312 -9.34 3.61 -27.50
N GLY C 313 -9.20 4.48 -28.49
CA GLY C 313 -8.52 5.74 -28.30
C GLY C 313 -9.37 6.90 -28.78
N SER C 314 -9.06 8.08 -28.23
CA SER C 314 -9.70 9.33 -28.63
C SER C 314 -8.59 10.30 -29.02
N LYS C 315 -8.38 10.46 -30.33
CA LYS C 315 -7.17 11.08 -30.86
C LYS C 315 -7.39 12.57 -31.14
N GLN C 316 -7.46 13.34 -30.06
CA GLN C 316 -7.32 14.79 -30.10
C GLN C 316 -8.49 15.47 -30.81
N LEU C 317 -9.37 14.68 -31.42
CA LEU C 317 -10.48 15.23 -32.18
C LEU C 317 -11.79 14.67 -31.67
N ARG C 318 -12.87 14.95 -32.38
CA ARG C 318 -14.17 14.39 -32.01
C ARG C 318 -14.34 12.96 -32.50
N VAL C 319 -13.30 12.36 -33.06
CA VAL C 319 -13.34 10.99 -33.53
C VAL C 319 -12.78 10.08 -32.45
N VAL C 320 -13.48 8.97 -32.20
CA VAL C 320 -13.02 7.93 -31.29
C VAL C 320 -12.94 6.63 -32.08
N ARG C 321 -11.80 5.94 -31.97
CA ARG C 321 -11.57 4.73 -32.73
C ARG C 321 -11.45 3.54 -31.78
N VAL C 322 -11.84 2.38 -32.27
CA VAL C 322 -11.85 1.15 -31.47
C VAL C 322 -11.10 0.08 -32.26
N GLY C 323 -9.95 -0.35 -31.73
CA GLY C 323 -9.16 -1.41 -32.33
C GLY C 323 -9.24 -2.66 -31.46
N ILE C 324 -9.63 -3.77 -32.09
CA ILE C 324 -9.76 -5.03 -31.39
C ILE C 324 -8.49 -5.83 -31.67
N GLN C 325 -7.65 -5.96 -30.66
CA GLN C 325 -6.31 -6.52 -30.83
C GLN C 325 -6.37 -7.99 -30.40
N TRP C 326 -6.69 -8.86 -31.35
CA TRP C 326 -6.77 -10.27 -31.05
C TRP C 326 -5.38 -10.89 -31.07
N TRP C 327 -5.10 -11.72 -30.07
CA TRP C 327 -3.84 -12.44 -30.07
C TRP C 327 -3.85 -13.61 -29.09
N LEU C 328 -3.52 -14.79 -29.56
CA LEU C 328 -3.05 -15.84 -28.68
C LEU C 328 -1.94 -16.69 -29.32
N PRO C 329 -0.93 -16.08 -29.98
CA PRO C 329 0.27 -16.87 -30.27
C PRO C 329 1.27 -16.80 -29.14
N GLN C 330 1.51 -17.94 -28.49
CA GLN C 330 2.60 -18.09 -27.54
C GLN C 330 3.27 -19.43 -27.80
N VAL C 331 3.58 -19.67 -29.07
CA VAL C 331 3.86 -20.98 -29.65
C VAL C 331 4.73 -21.84 -28.76
N ASP C 332 4.33 -23.09 -28.57
CA ASP C 332 5.06 -24.03 -27.73
C ASP C 332 5.72 -25.12 -28.56
N THR C 354 10.04 -24.63 -23.80
CA THR C 354 11.20 -23.99 -24.40
C THR C 354 11.14 -22.48 -24.24
N THR C 355 12.04 -21.77 -24.91
CA THR C 355 12.04 -20.33 -24.91
C THR C 355 10.81 -19.82 -25.66
N LEU C 356 9.87 -19.24 -24.94
CA LEU C 356 8.61 -18.81 -25.54
C LEU C 356 8.75 -17.41 -26.11
N LEU C 357 8.32 -17.24 -27.35
CA LEU C 357 8.19 -15.94 -27.99
C LEU C 357 6.75 -15.77 -28.42
N ASP C 358 6.25 -14.53 -28.36
CA ASP C 358 4.83 -14.27 -28.55
C ASP C 358 4.60 -13.11 -29.52
N PRO C 359 4.34 -13.40 -30.78
CA PRO C 359 4.01 -12.36 -31.76
C PRO C 359 2.56 -11.92 -31.59
N GLU C 360 2.37 -10.74 -31.01
CA GLU C 360 1.03 -10.20 -30.78
C GLU C 360 0.50 -9.51 -32.03
N GLN C 361 0.42 -10.29 -33.11
CA GLN C 361 -0.10 -9.79 -34.37
C GLN C 361 -1.62 -9.77 -34.28
N GLN C 362 -2.28 -9.60 -35.42
CA GLN C 362 -3.74 -9.67 -35.52
C GLN C 362 -4.39 -8.53 -34.72
N GLN C 363 -3.91 -7.32 -34.94
CA GLN C 363 -4.71 -6.16 -34.60
C GLN C 363 -5.76 -5.99 -35.68
N SER C 364 -6.96 -5.57 -35.29
CA SER C 364 -8.06 -5.48 -36.23
C SER C 364 -8.71 -4.11 -36.11
N ASP C 365 -8.70 -3.38 -37.21
CA ASP C 365 -9.53 -2.19 -37.37
C ASP C 365 -10.93 -2.65 -37.70
N GLY C 366 -11.79 -1.74 -38.16
CA GLY C 366 -13.11 -2.09 -38.62
C GLY C 366 -14.22 -1.70 -37.67
N ASP C 367 -13.92 -1.60 -36.38
CA ASP C 367 -14.90 -1.08 -35.44
C ASP C 367 -15.08 0.41 -35.73
N ALA C 368 -16.33 0.83 -35.86
CA ALA C 368 -16.63 2.11 -36.50
C ALA C 368 -16.02 3.27 -35.70
N PRO C 369 -15.44 4.26 -36.38
CA PRO C 369 -14.98 5.49 -35.72
C PRO C 369 -16.07 6.54 -35.64
N ILE C 370 -16.99 6.36 -34.68
CA ILE C 370 -18.11 7.27 -34.52
C ILE C 370 -17.59 8.62 -34.06
N ALA C 371 -17.77 9.64 -34.90
CA ALA C 371 -17.29 10.98 -34.64
C ALA C 371 -18.11 11.73 -33.61
N GLN C 372 -18.97 11.03 -32.87
CA GLN C 372 -19.89 11.67 -31.93
C GLN C 372 -19.30 11.79 -30.53
N LEU C 373 -17.97 11.93 -30.41
CA LEU C 373 -17.38 12.19 -29.10
C LEU C 373 -18.05 13.37 -28.41
N THR C 374 -18.52 14.35 -29.19
CA THR C 374 -19.41 15.39 -28.69
C THR C 374 -20.18 15.95 -29.87
N HIS C 375 -21.50 15.74 -29.88
CA HIS C 375 -22.33 16.17 -31.00
C HIS C 375 -22.90 17.55 -30.73
N LEU C 376 -23.23 18.24 -31.83
CA LEU C 376 -23.75 19.59 -31.75
C LEU C 376 -25.26 19.57 -31.50
N GLU C 377 -25.70 20.38 -30.55
CA GLU C 377 -27.10 20.61 -30.22
C GLU C 377 -27.38 22.11 -30.27
N ILE C 378 -26.99 22.73 -31.38
CA ILE C 378 -26.86 24.18 -31.47
C ILE C 378 -28.21 24.87 -31.22
N LEU C 379 -28.30 25.53 -30.07
CA LEU C 379 -29.46 26.34 -29.69
C LEU C 379 -29.07 27.17 -28.48
N PRO C 380 -29.22 28.49 -28.56
CA PRO C 380 -28.72 29.41 -27.54
C PRO C 380 -27.24 29.11 -27.24
N SER C 381 -26.42 29.31 -28.28
CA SER C 381 -25.00 28.97 -28.28
C SER C 381 -24.19 29.65 -27.18
N PRO C 382 -24.24 30.99 -27.00
CA PRO C 382 -23.23 31.64 -26.15
C PRO C 382 -23.52 31.49 -24.66
N LEU C 383 -23.58 30.24 -24.20
CA LEU C 383 -23.71 29.93 -22.79
C LEU C 383 -22.63 28.92 -22.40
N GLY C 384 -22.37 28.83 -21.09
CA GLY C 384 -21.24 28.07 -20.59
C GLY C 384 -21.41 26.56 -20.59
N GLU C 385 -21.85 26.00 -21.70
CA GLU C 385 -21.94 24.56 -21.88
C GLU C 385 -20.65 24.04 -22.52
N THR C 386 -20.69 22.81 -23.05
CA THR C 386 -19.61 22.16 -23.78
C THR C 386 -18.35 21.98 -22.94
N PRO C 387 -18.37 21.06 -21.98
CA PRO C 387 -17.13 20.72 -21.26
C PRO C 387 -16.26 19.78 -22.10
N GLN C 388 -15.11 19.43 -21.54
CA GLN C 388 -14.14 18.57 -22.20
C GLN C 388 -13.96 17.28 -21.41
N THR C 389 -13.70 16.19 -22.12
CA THR C 389 -13.53 14.90 -21.48
C THR C 389 -12.40 14.94 -20.45
N VAL C 390 -12.65 14.36 -19.29
CA VAL C 390 -11.70 14.37 -18.18
C VAL C 390 -11.31 12.96 -17.75
N LEU C 391 -12.28 12.06 -17.64
CA LEU C 391 -11.84 10.75 -17.21
C LEU C 391 -11.80 9.79 -18.39
N PRO C 392 -10.79 8.94 -18.44
CA PRO C 392 -10.65 8.03 -19.57
C PRO C 392 -11.89 7.20 -19.75
N PRO C 393 -12.26 6.86 -20.98
CA PRO C 393 -13.42 6.00 -21.18
C PRO C 393 -13.09 4.59 -20.72
N VAL C 394 -13.57 4.20 -19.56
CA VAL C 394 -13.27 2.88 -19.02
C VAL C 394 -14.18 1.87 -19.68
N ILE C 395 -13.59 0.80 -20.20
CA ILE C 395 -14.36 -0.22 -20.89
C ILE C 395 -15.00 -1.14 -19.85
N LEU C 396 -16.32 -1.25 -19.89
CA LEU C 396 -17.03 -2.23 -19.08
C LEU C 396 -17.09 -3.53 -19.87
N ALA C 397 -16.31 -4.51 -19.44
CA ALA C 397 -16.19 -5.76 -20.18
C ALA C 397 -17.55 -6.46 -20.26
N VAL C 398 -17.61 -7.51 -21.07
CA VAL C 398 -18.87 -8.23 -21.22
C VAL C 398 -18.99 -9.21 -20.06
N ARG C 399 -19.48 -8.70 -18.93
CA ARG C 399 -19.80 -9.51 -17.77
C ARG C 399 -21.30 -9.76 -17.67
N SER C 400 -22.03 -9.54 -18.75
CA SER C 400 -23.48 -9.64 -18.74
C SER C 400 -23.96 -11.04 -18.39
N TYR C 401 -23.66 -12.00 -19.26
CA TYR C 401 -24.17 -13.37 -19.15
C TYR C 401 -25.64 -13.38 -18.73
N LEU C 402 -26.49 -12.80 -19.58
CA LEU C 402 -27.90 -12.95 -19.37
C LEU C 402 -28.28 -14.41 -19.55
N PRO C 403 -29.32 -14.90 -18.82
CA PRO C 403 -29.54 -16.35 -18.67
C PRO C 403 -29.35 -17.18 -19.93
N GLN C 404 -29.76 -16.65 -21.08
CA GLN C 404 -29.57 -17.36 -22.35
C GLN C 404 -28.10 -17.53 -22.70
N GLU C 405 -27.42 -16.43 -22.99
CA GLU C 405 -26.02 -16.47 -23.43
C GLU C 405 -25.41 -15.09 -23.20
N GLY C 406 -24.24 -14.87 -23.80
CA GLY C 406 -23.55 -13.60 -23.64
C GLY C 406 -24.23 -12.47 -24.37
N SER C 407 -23.87 -11.24 -23.97
CA SER C 407 -24.49 -10.03 -24.51
C SER C 407 -23.46 -9.04 -25.02
N LEU C 408 -23.91 -7.82 -25.30
CA LEU C 408 -23.09 -6.79 -25.92
C LEU C 408 -22.34 -5.97 -24.88
N TYR C 409 -21.20 -5.42 -25.31
CA TYR C 409 -20.30 -4.66 -24.44
C TYR C 409 -20.83 -3.23 -24.27
N ALA C 410 -20.03 -2.37 -23.64
CA ALA C 410 -20.38 -0.96 -23.48
C ALA C 410 -19.12 -0.18 -23.16
N ALA C 411 -18.74 0.73 -24.05
CA ALA C 411 -17.54 1.56 -23.88
C ALA C 411 -18.01 2.99 -23.65
N HIS C 412 -18.22 3.35 -22.39
CA HIS C 412 -18.89 4.60 -22.07
C HIS C 412 -17.89 5.73 -21.84
N GLN C 413 -18.19 6.88 -22.43
CA GLN C 413 -17.39 8.08 -22.26
C GLN C 413 -17.67 8.69 -20.90
N GLU C 414 -16.65 8.72 -20.06
CA GLU C 414 -16.70 9.20 -18.69
C GLU C 414 -16.95 10.71 -18.73
N PRO C 415 -17.13 11.40 -17.58
CA PRO C 415 -17.83 12.70 -17.61
C PRO C 415 -17.11 13.82 -18.35
N PHE C 416 -17.76 14.98 -18.38
CA PHE C 416 -17.28 16.16 -19.08
C PHE C 416 -16.86 17.28 -18.12
N THR C 417 -17.69 17.58 -17.12
CA THR C 417 -17.28 18.35 -15.94
C THR C 417 -16.74 19.74 -16.31
N VAL C 418 -17.63 20.59 -16.80
CA VAL C 418 -17.26 22.01 -16.92
C VAL C 418 -17.06 22.58 -15.52
N ILE C 419 -16.13 23.52 -15.41
CA ILE C 419 -15.82 24.18 -14.14
C ILE C 419 -15.66 25.67 -14.42
N ASP C 420 -16.53 26.48 -13.82
CA ASP C 420 -16.58 27.90 -14.16
C ASP C 420 -15.30 28.61 -13.74
N ARG C 421 -14.93 29.62 -14.53
CA ARG C 421 -13.75 30.42 -14.24
C ARG C 421 -14.13 31.86 -13.97
N THR C 426 -23.77 34.61 -15.84
CA THR C 426 -24.24 34.64 -14.46
C THR C 426 -23.27 33.90 -13.53
N ASP C 427 -23.78 33.43 -12.39
CA ASP C 427 -22.94 32.70 -11.45
C ASP C 427 -22.35 31.44 -12.08
N GLN C 428 -23.20 30.67 -12.77
CA GLN C 428 -22.79 29.46 -13.47
C GLN C 428 -22.03 28.51 -12.55
N PRO C 429 -22.70 27.84 -11.62
CA PRO C 429 -22.00 26.88 -10.76
C PRO C 429 -21.43 25.73 -11.57
N LYS C 430 -20.51 25.00 -10.93
CA LYS C 430 -19.86 23.87 -11.58
C LYS C 430 -20.88 22.94 -12.25
N ALA C 431 -21.71 22.29 -11.44
CA ALA C 431 -23.00 21.74 -11.86
C ALA C 431 -23.02 21.01 -13.20
N PHE C 432 -22.00 20.19 -13.50
CA PHE C 432 -22.02 19.50 -14.78
C PHE C 432 -21.16 18.25 -14.73
N HIS C 433 -21.71 17.13 -15.18
CA HIS C 433 -20.92 16.02 -15.70
C HIS C 433 -21.77 15.02 -16.49
N PRO C 434 -22.14 15.33 -17.73
CA PRO C 434 -22.84 14.32 -18.52
C PRO C 434 -21.95 13.14 -18.81
N ALA C 435 -22.50 11.93 -18.64
CA ALA C 435 -21.77 10.69 -18.86
C ALA C 435 -22.39 9.97 -20.05
N PHE C 436 -21.63 9.84 -21.14
CA PHE C 436 -22.17 9.28 -22.36
C PHE C 436 -21.92 7.77 -22.41
N GLU C 437 -22.81 7.05 -23.09
CA GLU C 437 -22.78 5.60 -23.10
C GLU C 437 -22.95 5.12 -24.55
N GLN C 438 -22.07 4.23 -24.98
CA GLN C 438 -22.10 3.72 -26.35
C GLN C 438 -21.79 2.23 -26.35
N LEU C 439 -22.67 1.43 -26.93
CA LEU C 439 -22.49 -0.01 -27.04
C LEU C 439 -22.40 -0.42 -28.50
N GLY C 440 -21.85 -1.61 -28.75
CA GLY C 440 -21.67 -2.08 -30.10
C GLY C 440 -22.36 -3.40 -30.40
N ALA C 441 -23.39 -3.35 -31.24
CA ALA C 441 -24.17 -4.50 -31.64
C ALA C 441 -23.77 -4.96 -33.03
N LYS C 442 -24.40 -6.04 -33.50
CA LYS C 442 -24.17 -6.59 -34.82
C LYS C 442 -25.51 -6.84 -35.49
N ASN C 443 -25.79 -6.09 -36.55
CA ASN C 443 -27.04 -6.19 -37.28
C ASN C 443 -26.76 -6.55 -38.73
N SER C 444 -27.80 -7.03 -39.43
CA SER C 444 -27.66 -7.50 -40.79
C SER C 444 -28.83 -7.02 -41.65
N ALA C 445 -28.58 -5.98 -42.45
CA ALA C 445 -29.43 -5.68 -43.60
C ALA C 445 -28.83 -6.20 -44.89
N SER C 446 -27.50 -6.31 -44.92
CA SER C 446 -26.72 -6.87 -46.00
C SER C 446 -25.47 -7.48 -45.36
N SER C 447 -24.41 -7.67 -46.13
CA SER C 447 -23.10 -8.01 -45.58
C SER C 447 -22.84 -7.19 -44.33
N GLN C 448 -22.61 -7.87 -43.21
CA GLN C 448 -22.84 -7.29 -41.88
C GLN C 448 -21.65 -6.49 -41.40
N PRO C 449 -21.80 -5.17 -41.20
CA PRO C 449 -20.78 -4.41 -40.46
C PRO C 449 -21.15 -4.26 -38.99
N SER C 450 -20.20 -3.85 -38.16
CA SER C 450 -20.50 -3.54 -36.78
C SER C 450 -20.97 -2.09 -36.66
N ALA C 451 -21.58 -1.76 -35.52
CA ALA C 451 -22.15 -0.44 -35.34
C ALA C 451 -22.14 -0.06 -33.87
N MET C 452 -22.11 1.25 -33.62
CA MET C 452 -22.19 1.80 -32.28
C MET C 452 -23.35 2.78 -32.20
N GLN C 453 -23.99 2.83 -31.03
CA GLN C 453 -25.16 3.68 -30.85
C GLN C 453 -25.12 4.35 -29.49
N THR C 454 -25.25 5.68 -29.48
CA THR C 454 -25.31 6.42 -28.22
C THR C 454 -26.66 6.19 -27.54
N LEU C 455 -26.62 5.85 -26.26
CA LEU C 455 -27.85 5.48 -25.56
C LEU C 455 -28.63 6.70 -25.08
N ARG C 456 -28.05 7.46 -24.15
CA ARG C 456 -28.69 8.63 -23.57
C ARG C 456 -27.74 9.34 -22.61
N LYS C 457 -28.18 10.44 -22.03
CA LYS C 457 -27.33 11.25 -21.16
C LYS C 457 -28.01 11.52 -19.83
N LEU C 458 -27.20 11.90 -18.85
CA LEU C 458 -27.68 12.27 -17.52
C LEU C 458 -26.62 13.15 -16.87
N ASP C 459 -27.06 14.10 -16.03
CA ASP C 459 -26.12 15.07 -15.52
C ASP C 459 -26.50 15.63 -14.15
N PRO C 460 -25.82 15.19 -13.09
CA PRO C 460 -26.00 15.83 -11.77
C PRO C 460 -25.34 17.19 -11.67
N VAL C 461 -25.29 17.76 -10.47
CA VAL C 461 -24.97 19.16 -10.25
C VAL C 461 -23.70 19.31 -9.41
N VAL C 462 -22.75 18.38 -9.58
CA VAL C 462 -21.49 18.37 -8.85
C VAL C 462 -20.35 18.05 -9.81
N ILE C 463 -19.14 17.93 -9.28
CA ILE C 463 -17.97 17.58 -10.08
C ILE C 463 -17.40 16.23 -9.66
N PRO C 464 -17.61 15.19 -10.44
CA PRO C 464 -16.92 13.92 -10.20
C PRO C 464 -15.57 13.89 -10.88
N GLY C 465 -14.93 12.74 -10.89
CA GLY C 465 -13.71 12.54 -11.64
C GLY C 465 -12.51 12.21 -10.78
N LYS C 466 -12.63 12.23 -9.46
CA LYS C 466 -11.51 11.85 -8.61
C LYS C 466 -11.13 10.40 -8.87
N VAL C 467 -12.07 9.47 -8.68
CA VAL C 467 -11.89 8.07 -9.03
C VAL C 467 -13.21 7.52 -9.56
N VAL C 468 -13.10 6.43 -10.31
CA VAL C 468 -14.25 5.63 -10.76
C VAL C 468 -13.82 4.17 -10.70
N VAL C 469 -14.50 3.38 -9.86
CA VAL C 469 -14.15 1.99 -9.64
C VAL C 469 -15.41 1.14 -9.75
N THR C 470 -15.30 0.01 -10.44
CA THR C 470 -16.42 -0.89 -10.65
C THR C 470 -16.41 -1.98 -9.58
N VAL C 471 -17.52 -2.13 -8.87
CA VAL C 471 -17.65 -3.12 -7.81
C VAL C 471 -18.55 -4.25 -8.28
N ASN C 472 -18.35 -5.42 -7.67
CA ASN C 472 -19.20 -6.60 -7.89
C ASN C 472 -19.06 -7.16 -9.29
N THR C 473 -18.31 -6.48 -10.16
CA THR C 473 -18.09 -6.85 -11.55
C THR C 473 -19.40 -6.78 -12.35
N LEU C 474 -20.50 -6.48 -11.67
CA LEU C 474 -21.81 -6.34 -12.31
C LEU C 474 -22.33 -4.91 -12.22
N GLN C 475 -22.41 -4.37 -11.00
CA GLN C 475 -22.99 -3.06 -10.76
C GLN C 475 -21.86 -2.04 -10.67
N PHE C 476 -21.68 -1.27 -11.73
CA PHE C 476 -20.76 -0.14 -11.73
C PHE C 476 -21.20 0.88 -10.69
N GLY C 477 -20.33 1.82 -10.40
CA GLY C 477 -20.71 2.93 -9.56
C GLY C 477 -19.51 3.43 -8.77
N ARG C 478 -19.79 3.84 -7.53
CA ARG C 478 -18.81 4.48 -6.67
C ARG C 478 -18.16 5.66 -7.39
N VAL C 479 -18.95 6.34 -8.22
CA VAL C 479 -18.52 7.59 -8.82
C VAL C 479 -18.49 8.64 -7.73
N VAL C 480 -17.30 9.02 -7.28
CA VAL C 480 -17.15 10.01 -6.22
C VAL C 480 -17.40 11.39 -6.80
N CYS C 481 -18.04 12.26 -6.02
CA CYS C 481 -18.44 13.57 -6.49
C CYS C 481 -17.58 14.69 -5.91
N PHE C 482 -16.46 14.37 -5.26
CA PHE C 482 -15.43 15.34 -4.89
C PHE C 482 -15.90 16.32 -3.82
N GLY C 483 -17.19 16.30 -3.49
CA GLY C 483 -17.66 17.09 -2.37
C GLY C 483 -17.45 16.35 -1.07
N PHE C 484 -16.50 15.40 -1.10
CA PHE C 484 -16.18 14.47 -0.02
C PHE C 484 -17.27 13.43 0.13
N SER C 485 -18.38 13.60 -0.57
CA SER C 485 -19.50 12.67 -0.50
C SER C 485 -19.21 11.51 -1.44
N ASP C 486 -18.55 10.50 -0.90
CA ASP C 486 -18.18 9.33 -1.70
C ASP C 486 -19.42 8.58 -2.14
N GLY C 487 -19.63 8.49 -3.44
CA GLY C 487 -20.55 7.52 -3.97
C GLY C 487 -21.95 8.01 -4.28
N THR C 488 -22.23 8.17 -5.56
CA THR C 488 -23.58 8.04 -6.08
C THR C 488 -23.51 6.85 -7.02
N LEU C 489 -23.62 5.65 -6.44
CA LEU C 489 -23.40 4.42 -7.17
C LEU C 489 -24.64 4.06 -7.97
N GLN C 490 -24.49 3.89 -9.28
CA GLN C 490 -25.59 3.71 -10.19
C GLN C 490 -25.42 2.41 -10.97
N TYR C 491 -26.54 1.74 -11.22
CA TYR C 491 -26.49 0.42 -11.83
C TYR C 491 -25.85 0.46 -13.21
N ARG C 492 -25.45 -0.72 -13.70
CA ARG C 492 -24.83 -0.81 -15.02
C ARG C 492 -25.89 -0.67 -16.12
N ASP C 493 -27.05 -1.26 -15.90
CA ASP C 493 -28.17 -1.12 -16.82
C ASP C 493 -29.13 -0.05 -16.30
N ARG C 494 -29.48 0.89 -17.17
CA ARG C 494 -30.44 1.98 -17.00
C ARG C 494 -29.92 3.10 -16.10
N PHE C 495 -28.80 2.90 -15.41
CA PHE C 495 -28.10 3.95 -14.66
C PHE C 495 -29.06 4.78 -13.79
N THR C 496 -29.63 4.09 -12.81
CA THR C 496 -30.36 4.74 -11.74
C THR C 496 -29.62 4.51 -10.43
N MET C 497 -29.88 5.37 -9.46
CA MET C 497 -29.17 5.28 -8.19
C MET C 497 -29.56 4.01 -7.46
N ASN C 498 -28.59 3.41 -6.78
CA ASN C 498 -28.76 2.08 -6.22
C ASN C 498 -28.35 2.09 -4.76
N GLU C 499 -28.83 1.08 -4.03
CA GLU C 499 -28.52 0.86 -2.62
C GLU C 499 -28.78 2.13 -1.80
N VAL C 500 -30.05 2.52 -1.78
CA VAL C 500 -30.46 3.75 -1.11
C VAL C 500 -31.67 3.47 -0.23
N TYR C 501 -31.98 2.19 -0.02
CA TYR C 501 -33.18 1.82 0.72
C TYR C 501 -32.88 0.60 1.58
N THR C 502 -32.87 0.78 2.89
CA THR C 502 -32.57 -0.31 3.81
C THR C 502 -33.70 -1.32 3.83
N GLU C 503 -33.35 -2.61 3.80
CA GLU C 503 -34.28 -3.71 3.87
C GLU C 503 -33.49 -4.99 4.07
N GLN C 504 -34.09 -5.95 4.77
CA GLN C 504 -33.40 -7.18 5.15
C GLN C 504 -34.11 -8.45 4.72
N ALA C 505 -35.44 -8.46 4.65
CA ALA C 505 -36.20 -9.71 4.52
C ALA C 505 -35.93 -10.44 3.20
N THR C 506 -35.04 -9.90 2.38
CA THR C 506 -34.72 -10.51 1.10
C THR C 506 -33.26 -10.22 0.80
N THR C 507 -32.86 -10.37 -0.46
CA THR C 507 -31.47 -10.31 -0.89
C THR C 507 -30.79 -9.00 -0.50
N ASN C 508 -29.79 -9.08 0.38
CA ASN C 508 -28.91 -7.96 0.66
C ASN C 508 -27.50 -8.37 0.24
N ILE C 509 -26.97 -7.71 -0.79
CA ILE C 509 -25.73 -8.11 -1.41
C ILE C 509 -24.54 -7.30 -0.93
N THR C 510 -24.75 -6.35 -0.03
CA THR C 510 -23.66 -5.49 0.40
C THR C 510 -23.82 -5.19 1.89
N SER C 511 -22.69 -5.11 2.59
CA SER C 511 -22.74 -4.92 4.03
C SER C 511 -23.40 -3.62 4.45
N PRO C 512 -23.04 -2.45 3.90
CA PRO C 512 -23.64 -1.22 4.43
C PRO C 512 -24.91 -0.82 3.72
N LEU C 513 -25.50 0.28 4.16
CA LEU C 513 -26.53 0.99 3.41
C LEU C 513 -27.81 0.19 3.29
N GLN C 514 -27.81 -1.04 3.77
CA GLN C 514 -28.98 -1.91 3.74
C GLN C 514 -29.39 -2.41 5.11
N VAL C 515 -28.43 -2.61 6.01
CA VAL C 515 -28.73 -3.11 7.35
C VAL C 515 -28.56 -2.04 8.41
N GLY C 516 -28.01 -0.87 8.07
CA GLY C 516 -27.92 0.21 9.03
C GLY C 516 -26.67 1.05 8.96
N PHE C 517 -25.61 0.51 8.35
CA PHE C 517 -24.35 1.23 8.27
C PHE C 517 -24.50 2.51 7.46
N GLN C 518 -23.51 3.39 7.58
CA GLN C 518 -23.52 4.67 6.87
C GLN C 518 -22.10 5.17 6.73
N TRP C 519 -21.91 6.06 5.75
CA TRP C 519 -20.61 6.68 5.53
C TRP C 519 -20.42 7.86 6.48
N GLU C 520 -19.27 8.51 6.34
CA GLU C 520 -18.96 9.74 7.08
C GLU C 520 -18.08 10.61 6.20
N THR C 521 -18.44 11.88 6.07
CA THR C 521 -17.68 12.78 5.22
C THR C 521 -16.56 13.44 6.00
N GLU C 522 -15.39 13.54 5.35
CA GLU C 522 -14.22 14.13 5.99
C GLU C 522 -13.99 15.56 5.53
N GLY C 523 -13.83 15.76 4.23
CA GLY C 523 -13.53 17.05 3.68
C GLY C 523 -13.14 16.97 2.22
N PRO C 524 -13.13 18.11 1.52
CA PRO C 524 -12.81 18.10 0.09
C PRO C 524 -11.48 17.41 -0.18
N CYS C 525 -11.42 16.67 -1.28
CA CYS C 525 -10.29 15.81 -1.58
C CYS C 525 -9.87 15.99 -3.03
N LEU C 526 -8.84 15.25 -3.43
CA LEU C 526 -8.33 15.27 -4.79
C LEU C 526 -8.21 13.89 -5.43
N GLN C 527 -7.82 12.87 -4.66
CA GLN C 527 -7.74 11.51 -5.17
C GLN C 527 -8.16 10.54 -4.07
N MET C 528 -8.60 9.36 -4.51
CA MET C 528 -9.09 8.32 -3.61
C MET C 528 -8.48 6.97 -4.00
N ALA C 529 -8.72 5.98 -3.16
CA ALA C 529 -8.29 4.61 -3.41
C ALA C 529 -9.06 3.69 -2.47
N PHE C 530 -9.75 2.70 -3.03
CA PHE C 530 -10.66 1.87 -2.26
C PHE C 530 -9.96 0.60 -1.76
N ALA C 531 -10.49 0.06 -0.66
CA ALA C 531 -9.96 -1.16 -0.09
C ALA C 531 -10.27 -2.35 -1.01
N PRO C 532 -9.59 -3.48 -0.81
CA PRO C 532 -9.91 -4.66 -1.62
C PRO C 532 -11.33 -5.17 -1.41
N THR C 533 -11.90 -4.97 -0.23
CA THR C 533 -13.26 -5.39 0.06
C THR C 533 -14.29 -4.31 -0.22
N ASN C 534 -13.85 -3.14 -0.70
CA ASN C 534 -14.74 -2.02 -1.00
C ASN C 534 -15.59 -1.67 0.23
N CYS C 535 -14.95 -1.68 1.41
CA CYS C 535 -15.60 -1.33 2.66
C CYS C 535 -14.93 -0.14 3.31
N SER C 536 -14.06 0.56 2.58
CA SER C 536 -13.32 1.70 3.08
C SER C 536 -12.51 2.29 1.93
N PHE C 537 -12.00 3.50 2.14
CA PHE C 537 -11.14 4.14 1.16
C PHE C 537 -10.22 5.12 1.85
N VAL C 538 -9.12 5.46 1.19
CA VAL C 538 -8.16 6.44 1.67
C VAL C 538 -8.10 7.57 0.66
N GLN C 539 -8.16 8.80 1.15
CA GLN C 539 -8.21 9.98 0.30
C GLN C 539 -6.99 10.86 0.54
N VAL C 540 -6.71 11.73 -0.42
CA VAL C 540 -5.68 12.75 -0.28
C VAL C 540 -6.32 14.12 -0.41
N SER C 541 -6.38 14.84 0.70
CA SER C 541 -6.95 16.18 0.72
C SER C 541 -5.91 17.16 0.18
N GLU C 542 -6.15 18.47 0.35
CA GLU C 542 -5.21 19.45 -0.15
C GLU C 542 -3.81 19.27 0.43
N ASP C 543 -3.72 19.07 1.74
CA ASP C 543 -2.42 19.07 2.39
C ASP C 543 -1.85 17.67 2.57
N GLY C 544 -2.55 16.80 3.32
CA GLY C 544 -1.99 15.52 3.68
C GLY C 544 -2.93 14.36 3.39
N SER C 545 -2.36 13.16 3.46
CA SER C 545 -3.10 11.92 3.20
C SER C 545 -3.89 11.57 4.45
N VAL C 546 -5.10 12.12 4.55
CA VAL C 546 -5.95 11.87 5.71
C VAL C 546 -6.22 10.37 5.83
N LYS C 547 -6.33 9.91 7.08
CA LYS C 547 -6.54 8.50 7.38
C LYS C 547 -7.77 7.97 6.65
N TRP C 548 -7.83 6.64 6.55
CA TRP C 548 -8.88 6.01 5.77
C TRP C 548 -10.24 6.34 6.35
N VAL C 549 -11.20 6.60 5.46
CA VAL C 549 -12.53 7.04 5.87
C VAL C 549 -13.42 5.79 5.85
N LYS C 550 -13.78 5.33 7.04
CA LYS C 550 -14.45 4.06 7.20
C LYS C 550 -15.94 4.25 7.49
N LEU C 551 -16.69 3.17 7.30
CA LEU C 551 -18.09 3.12 7.70
C LEU C 551 -18.19 3.10 9.22
N ARG C 552 -19.41 3.28 9.74
CA ARG C 552 -19.65 3.16 11.16
C ARG C 552 -21.12 2.91 11.42
N TYR C 553 -21.41 2.00 12.34
CA TYR C 553 -22.78 1.69 12.70
C TYR C 553 -23.29 2.70 13.73
N PRO C 554 -24.53 3.15 13.60
CA PRO C 554 -25.10 4.10 14.59
C PRO C 554 -25.45 3.42 15.90
N VAL C 555 -24.42 2.94 16.61
CA VAL C 555 -24.64 2.26 17.88
C VAL C 555 -25.01 3.28 18.96
N ASP C 556 -25.74 2.79 19.98
CA ASP C 556 -26.33 3.46 21.16
C ASP C 556 -27.70 4.05 20.85
N ASP C 557 -28.24 3.81 19.66
CA ASP C 557 -29.58 4.26 19.34
C ASP C 557 -30.60 3.45 20.15
N PRO C 558 -31.69 4.08 20.58
CA PRO C 558 -32.67 3.35 21.39
C PRO C 558 -33.24 2.11 20.73
N ASN C 559 -33.57 2.16 19.44
CA ASN C 559 -34.19 1.03 18.76
C ASN C 559 -33.33 0.47 17.63
N MET C 560 -32.00 0.49 17.80
CA MET C 560 -31.09 -0.18 16.88
C MET C 560 -30.18 -1.15 17.63
N THR C 561 -30.68 -1.76 18.70
CA THR C 561 -29.88 -2.65 19.51
C THR C 561 -29.69 -3.99 18.81
N LEU C 562 -28.55 -4.63 19.06
CA LEU C 562 -28.20 -5.88 18.37
C LEU C 562 -28.55 -7.07 19.27
N GLN C 563 -29.80 -7.52 19.13
CA GLN C 563 -30.27 -8.69 19.86
C GLN C 563 -31.52 -9.22 19.18
N GLY C 564 -31.57 -10.54 19.02
CA GLY C 564 -32.69 -11.18 18.37
C GLY C 564 -32.47 -11.37 16.89
N PRO C 565 -33.48 -11.03 16.09
CA PRO C 565 -33.34 -11.13 14.62
C PRO C 565 -32.57 -9.98 13.99
N LYS C 566 -32.34 -8.90 14.72
CA LYS C 566 -31.56 -7.78 14.24
C LYS C 566 -30.06 -8.08 14.25
N LEU C 567 -29.65 -9.18 14.85
CA LEU C 567 -28.26 -9.61 14.86
C LEU C 567 -27.88 -10.35 13.58
N LYS C 568 -28.67 -10.16 12.52
CA LYS C 568 -28.29 -10.66 11.21
C LYS C 568 -27.80 -9.50 10.35
N ALA C 569 -27.24 -8.49 11.02
CA ALA C 569 -26.34 -7.54 10.41
C ALA C 569 -24.94 -8.11 10.27
N VAL C 570 -24.78 -9.41 10.50
CA VAL C 570 -23.51 -10.08 10.34
C VAL C 570 -23.40 -10.82 9.01
N ALA C 571 -24.48 -11.41 8.50
CA ALA C 571 -24.43 -11.99 7.16
C ALA C 571 -24.13 -10.94 6.12
N ALA C 572 -24.57 -9.70 6.35
CA ALA C 572 -24.23 -8.61 5.44
C ALA C 572 -22.74 -8.33 5.45
N SER C 573 -22.15 -8.19 6.64
CA SER C 573 -20.72 -7.93 6.73
C SER C 573 -19.90 -9.13 6.28
N LEU C 574 -20.53 -10.30 6.20
CA LEU C 574 -19.83 -11.50 5.72
C LEU C 574 -19.85 -11.57 4.20
N ALA C 575 -21.02 -11.38 3.58
CA ALA C 575 -21.17 -11.58 2.15
C ALA C 575 -20.32 -10.63 1.32
N VAL C 576 -19.58 -9.72 1.95
CA VAL C 576 -18.67 -8.84 1.24
C VAL C 576 -17.22 -9.27 1.39
N ALA C 577 -16.93 -10.19 2.31
CA ALA C 577 -15.57 -10.67 2.53
C ALA C 577 -15.09 -11.63 1.45
N SER C 578 -15.91 -11.93 0.45
CA SER C 578 -15.53 -12.79 -0.66
C SER C 578 -15.64 -11.99 -1.96
N VAL C 579 -14.49 -11.65 -2.54
CA VAL C 579 -14.43 -10.86 -3.77
C VAL C 579 -13.56 -11.59 -4.77
N GLY C 580 -13.31 -10.95 -5.91
CA GLY C 580 -12.49 -11.51 -6.97
C GLY C 580 -11.21 -12.17 -6.52
N ALA C 581 -11.09 -13.47 -6.78
CA ALA C 581 -9.93 -14.29 -6.39
C ALA C 581 -9.75 -14.31 -4.87
N ASN C 582 -10.78 -14.82 -4.18
CA ASN C 582 -10.73 -15.00 -2.73
C ASN C 582 -11.27 -16.38 -2.38
N ILE C 583 -10.37 -17.37 -2.36
CA ILE C 583 -10.64 -18.67 -1.76
C ILE C 583 -9.56 -19.05 -0.74
N ALA C 584 -8.35 -18.51 -0.87
CA ALA C 584 -7.35 -18.59 0.18
C ALA C 584 -7.76 -17.59 1.27
N GLY C 585 -8.69 -18.04 2.12
CA GLY C 585 -9.33 -17.20 3.10
C GLY C 585 -8.46 -16.28 3.91
N PRO C 586 -7.35 -16.76 4.51
CA PRO C 586 -6.62 -15.91 5.47
C PRO C 586 -5.93 -14.71 4.86
N ASN C 587 -6.71 -13.74 4.38
CA ASN C 587 -6.25 -12.39 4.12
C ASN C 587 -7.44 -11.44 4.20
N ILE C 588 -7.61 -10.79 5.36
CA ILE C 588 -8.80 -10.01 5.66
C ILE C 588 -8.41 -8.76 6.42
N HIS C 589 -9.00 -7.63 6.06
CA HIS C 589 -8.70 -6.34 6.69
C HIS C 589 -9.89 -5.72 7.39
N ASN C 590 -11.11 -6.16 7.08
CA ASN C 590 -12.30 -5.51 7.61
C ASN C 590 -12.57 -5.85 9.07
N HIS C 591 -11.58 -6.44 9.76
CA HIS C 591 -11.65 -6.52 11.22
C HIS C 591 -11.81 -5.14 11.83
N CYS C 592 -11.47 -4.09 11.07
CA CYS C 592 -11.53 -2.73 11.59
C CYS C 592 -12.97 -2.23 11.62
N ASP C 593 -13.84 -2.99 12.28
CA ASP C 593 -15.20 -2.56 12.61
C ASP C 593 -15.51 -3.22 13.95
N ASP C 594 -15.23 -2.50 15.03
CA ASP C 594 -15.28 -3.03 16.38
C ASP C 594 -16.48 -2.45 17.11
N VAL C 595 -17.51 -3.27 17.27
CA VAL C 595 -18.66 -2.93 18.09
C VAL C 595 -18.59 -3.77 19.37
N MET C 596 -17.99 -3.21 20.41
CA MET C 596 -17.80 -3.92 21.67
C MET C 596 -18.60 -3.29 22.80
N ALA C 597 -19.64 -2.52 22.47
CA ALA C 597 -20.68 -2.18 23.42
C ALA C 597 -21.83 -3.17 23.37
N ILE C 598 -21.70 -4.22 22.55
CA ILE C 598 -22.70 -5.27 22.43
C ILE C 598 -22.15 -6.62 22.84
N ALA C 599 -20.91 -6.92 22.46
CA ALA C 599 -20.10 -8.09 22.85
C ALA C 599 -20.53 -9.38 22.17
N ARG C 600 -21.61 -9.38 21.39
CA ARG C 600 -22.02 -10.60 20.70
C ARG C 600 -21.21 -10.86 19.43
N PRO C 601 -21.08 -9.90 18.50
CA PRO C 601 -20.33 -10.19 17.27
C PRO C 601 -18.89 -10.61 17.49
N LEU C 602 -18.41 -10.57 18.73
CA LEU C 602 -17.13 -11.20 19.06
C LEU C 602 -17.03 -12.59 18.46
N ALA C 603 -18.03 -13.43 18.71
CA ALA C 603 -18.07 -14.78 18.20
C ALA C 603 -19.50 -15.28 18.23
N LYS C 604 -19.68 -16.52 17.82
CA LYS C 604 -20.97 -17.22 17.84
C LYS C 604 -21.95 -16.61 16.83
N LYS C 605 -21.58 -15.49 16.21
CA LYS C 605 -22.28 -15.03 15.02
C LYS C 605 -21.35 -14.89 13.83
N PHE C 606 -20.28 -14.11 13.95
CA PHE C 606 -19.39 -13.85 12.83
C PHE C 606 -18.46 -15.01 12.55
N LYS C 607 -18.33 -15.96 13.48
CA LYS C 607 -17.73 -17.24 13.21
C LYS C 607 -18.75 -18.35 12.99
N ASP C 608 -19.97 -18.16 13.49
CA ASP C 608 -21.03 -19.14 13.27
C ASP C 608 -21.49 -19.13 11.81
N PHE C 609 -21.46 -17.98 11.18
CA PHE C 609 -22.00 -17.89 9.81
C PHE C 609 -21.05 -18.42 8.74
N PRO C 610 -19.74 -18.17 8.81
CA PRO C 610 -18.83 -18.81 7.83
C PRO C 610 -18.95 -20.32 7.83
N THR C 611 -19.38 -20.93 8.94
CA THR C 611 -19.65 -22.36 8.94
C THR C 611 -20.80 -22.69 8.00
N ALA C 612 -21.96 -22.07 8.22
CA ALA C 612 -23.10 -22.25 7.33
C ALA C 612 -22.84 -21.69 5.93
N TRP C 613 -21.68 -21.09 5.71
CA TRP C 613 -21.30 -20.46 4.45
C TRP C 613 -20.44 -21.36 3.58
N VAL C 614 -19.40 -21.97 4.16
CA VAL C 614 -18.47 -22.77 3.38
C VAL C 614 -18.30 -24.19 3.93
N ARG C 615 -19.21 -24.61 4.81
CA ARG C 615 -19.31 -26.01 5.26
C ARG C 615 -17.98 -26.48 5.88
N GLU C 616 -17.67 -25.89 7.03
CA GLU C 616 -16.39 -26.15 7.69
C GLU C 616 -16.19 -27.63 7.99
N PHE C 617 -17.22 -28.31 8.52
CA PHE C 617 -17.17 -29.74 8.82
C PHE C 617 -16.03 -30.05 9.81
N VAL C 618 -16.23 -29.57 11.05
CA VAL C 618 -15.21 -29.59 12.09
C VAL C 618 -15.46 -30.67 13.12
N THR C 619 -16.08 -31.78 12.72
CA THR C 619 -16.30 -32.91 13.62
C THR C 619 -15.26 -34.00 13.32
N MET C 620 -14.07 -33.83 13.90
CA MET C 620 -12.94 -34.72 13.68
C MET C 620 -12.72 -35.70 14.83
N PHE C 621 -13.79 -36.19 15.46
CA PHE C 621 -13.70 -37.09 16.58
C PHE C 621 -14.16 -38.50 16.21
N LYS C 622 -13.82 -38.95 15.02
CA LYS C 622 -14.30 -40.25 14.58
C LYS C 622 -13.21 -41.19 14.09
N ILE C 623 -12.19 -40.68 13.42
CA ILE C 623 -11.31 -41.59 12.67
C ILE C 623 -9.85 -41.49 13.09
N THR C 624 -9.20 -40.37 12.84
CA THR C 624 -7.74 -40.27 12.98
C THR C 624 -7.38 -38.79 13.10
N VAL C 625 -6.07 -38.50 13.16
CA VAL C 625 -5.54 -37.16 13.35
C VAL C 625 -4.66 -36.78 12.17
N ASP C 626 -5.00 -37.32 10.99
CA ASP C 626 -4.12 -37.24 9.83
C ASP C 626 -4.33 -36.00 8.98
N TYR C 627 -5.54 -35.77 8.48
CA TYR C 627 -5.80 -34.69 7.53
C TYR C 627 -6.40 -33.46 8.21
N SER C 628 -5.96 -33.15 9.42
CA SER C 628 -6.54 -32.08 10.22
C SER C 628 -5.96 -30.71 9.90
N GLU C 629 -5.44 -30.52 8.68
CA GLU C 629 -4.85 -29.26 8.26
C GLU C 629 -5.73 -28.62 7.18
N GLU C 630 -6.68 -27.80 7.61
CA GLU C 630 -7.53 -27.04 6.70
C GLU C 630 -6.99 -25.64 6.49
N ALA C 631 -7.25 -25.08 5.31
CA ALA C 631 -6.79 -23.74 4.99
C ALA C 631 -7.65 -22.65 5.64
N HIS C 632 -8.93 -22.92 5.89
CA HIS C 632 -9.82 -21.92 6.46
C HIS C 632 -10.28 -22.22 7.87
N HIS C 633 -10.28 -23.48 8.31
CA HIS C 633 -10.52 -23.75 9.71
C HIS C 633 -9.42 -23.16 10.59
N ASP C 634 -8.22 -23.01 10.04
CA ASP C 634 -7.14 -22.30 10.72
C ASP C 634 -7.45 -20.82 10.91
N GLN C 635 -8.44 -20.28 10.22
CA GLN C 635 -8.81 -18.88 10.36
C GLN C 635 -9.51 -18.69 11.70
N LEU C 636 -8.69 -18.51 12.73
CA LEU C 636 -9.18 -18.21 14.09
C LEU C 636 -8.96 -16.73 14.31
N MET C 637 -10.02 -15.95 14.09
CA MET C 637 -10.03 -14.52 14.30
C MET C 637 -10.32 -14.16 15.75
N ARG C 638 -10.78 -15.12 16.55
CA ARG C 638 -11.09 -14.84 17.95
C ARG C 638 -9.85 -14.42 18.71
N ASN C 639 -8.67 -14.85 18.25
CA ASN C 639 -7.43 -14.33 18.77
C ASN C 639 -7.27 -12.83 18.52
N SER C 640 -7.72 -12.35 17.35
CA SER C 640 -7.58 -10.93 17.04
C SER C 640 -8.43 -10.04 17.92
N LEU C 641 -9.43 -10.59 18.61
CA LEU C 641 -10.20 -9.83 19.60
C LEU C 641 -9.65 -10.16 20.99
N LEU C 642 -8.42 -9.69 21.21
CA LEU C 642 -7.68 -9.93 22.44
C LEU C 642 -7.88 -8.84 23.49
N GLN C 643 -8.53 -7.74 23.12
CA GLN C 643 -9.11 -6.78 24.07
C GLN C 643 -8.04 -5.94 24.79
N PHE C 644 -6.78 -6.32 24.61
CA PHE C 644 -5.63 -5.66 25.24
C PHE C 644 -4.30 -6.26 24.79
N CYS C 645 -3.21 -5.54 25.02
CA CYS C 645 -1.87 -6.01 24.69
C CYS C 645 -0.90 -5.60 25.79
N LEU C 646 -0.13 -6.57 26.29
CA LEU C 646 0.74 -6.51 27.46
C LEU C 646 -0.06 -6.38 28.74
N SER C 647 -1.39 -6.25 28.65
CA SER C 647 -2.29 -6.30 29.78
C SER C 647 -2.93 -7.68 29.85
N ILE C 648 -3.93 -7.82 30.72
CA ILE C 648 -4.63 -9.09 30.83
C ILE C 648 -5.33 -9.41 29.52
N LEU C 649 -5.15 -10.64 29.05
CA LEU C 649 -5.78 -11.08 27.81
C LEU C 649 -7.15 -11.66 28.12
N ASN C 650 -8.11 -11.37 27.25
CA ASN C 650 -9.48 -11.82 27.47
C ASN C 650 -9.53 -13.35 27.57
N HIS C 651 -9.95 -13.84 28.73
CA HIS C 651 -10.06 -15.28 28.91
C HIS C 651 -11.17 -15.84 28.04
N PHE C 652 -11.02 -17.09 27.65
CA PHE C 652 -11.80 -17.80 26.63
C PHE C 652 -11.58 -17.14 25.27
N GLY C 653 -10.62 -16.25 25.14
CA GLY C 653 -10.18 -15.74 23.86
C GLY C 653 -8.73 -16.11 23.63
N PHE C 654 -8.18 -16.93 24.53
CA PHE C 654 -6.86 -17.52 24.32
C PHE C 654 -6.91 -19.04 24.27
N ASN C 655 -8.09 -19.64 24.46
CA ASN C 655 -8.29 -21.00 23.97
C ASN C 655 -7.97 -21.06 22.49
N GLY C 656 -8.32 -20.02 21.75
CA GLY C 656 -7.92 -19.88 20.37
C GLY C 656 -6.52 -19.33 20.16
N ASP C 657 -5.77 -19.11 21.24
CA ASP C 657 -4.37 -18.72 21.14
C ASP C 657 -3.41 -19.87 21.41
N PHE C 658 -3.78 -20.77 22.31
CA PHE C 658 -2.96 -21.94 22.56
C PHE C 658 -2.89 -22.88 21.35
N GLN C 659 -3.87 -22.84 20.47
CA GLN C 659 -3.92 -23.77 19.35
C GLN C 659 -2.97 -23.41 18.22
N PRO C 660 -2.92 -22.15 17.76
CA PRO C 660 -1.95 -21.83 16.70
C PRO C 660 -0.52 -22.13 17.07
N ARG C 661 -0.16 -22.04 18.36
CA ARG C 661 1.19 -22.38 18.78
C ARG C 661 1.46 -23.86 18.57
N THR C 662 0.66 -24.72 19.22
CA THR C 662 0.80 -26.15 19.07
C THR C 662 0.47 -26.63 17.66
N PHE C 663 0.07 -25.74 16.77
CA PHE C 663 -0.09 -26.07 15.36
C PHE C 663 1.19 -25.76 14.58
N SER C 664 1.62 -24.50 14.61
CA SER C 664 2.80 -24.08 13.85
C SER C 664 4.06 -24.75 14.38
N GLY C 665 4.36 -24.50 15.66
CA GLY C 665 5.60 -25.02 16.21
C GLY C 665 5.65 -26.52 16.32
N LYS C 666 4.56 -27.20 16.02
CA LYS C 666 4.51 -28.66 16.12
C LYS C 666 4.16 -29.32 14.80
N PHE C 667 4.02 -28.55 13.72
CA PHE C 667 4.21 -29.12 12.39
C PHE C 667 5.56 -28.71 11.81
N ALA C 668 6.26 -27.75 12.42
CA ALA C 668 7.62 -27.43 11.99
C ALA C 668 8.52 -28.67 12.04
N ASN C 669 8.32 -29.53 13.04
CA ASN C 669 9.15 -30.72 13.17
C ASN C 669 9.00 -31.64 11.96
N LEU C 670 7.75 -31.93 11.58
CA LEU C 670 7.54 -32.78 10.41
C LEU C 670 7.94 -32.07 9.12
N ALA C 671 7.88 -30.73 9.11
CA ALA C 671 8.39 -29.99 7.96
C ALA C 671 9.89 -30.17 7.83
N LEU C 672 10.60 -30.30 8.94
CA LEU C 672 12.03 -30.55 8.91
C LEU C 672 12.34 -31.97 8.46
N PRO C 697 18.27 -35.00 5.48
CA PRO C 697 19.61 -34.42 5.51
C PRO C 697 19.61 -32.91 5.26
N LEU C 698 19.07 -32.15 6.21
CA LEU C 698 19.05 -30.71 6.13
C LEU C 698 20.35 -30.13 6.67
N ASP C 699 20.43 -28.80 6.74
CA ASP C 699 21.61 -28.14 7.29
C ASP C 699 21.74 -28.50 8.77
N GLU C 700 22.70 -29.37 9.08
CA GLU C 700 22.69 -30.04 10.38
C GLU C 700 23.02 -29.11 11.53
N PRO C 701 24.21 -28.49 11.59
CA PRO C 701 24.66 -27.91 12.86
C PRO C 701 23.93 -26.66 13.30
N GLU C 702 22.82 -26.31 12.64
CA GLU C 702 22.10 -25.09 13.00
C GLU C 702 20.61 -25.28 13.21
N VAL C 703 19.99 -26.33 12.69
CA VAL C 703 18.56 -26.55 12.91
C VAL C 703 18.28 -27.44 14.11
N VAL C 704 19.27 -28.22 14.56
CA VAL C 704 19.04 -29.13 15.67
C VAL C 704 18.79 -28.34 16.96
N ASP C 705 19.48 -27.22 17.13
CA ASP C 705 19.26 -26.42 18.34
C ASP C 705 17.86 -25.80 18.33
N ALA C 706 17.36 -25.40 17.15
CA ALA C 706 15.99 -24.90 17.08
C ALA C 706 14.99 -26.00 17.40
N LEU C 707 15.23 -27.22 16.91
CA LEU C 707 14.38 -28.34 17.26
C LEU C 707 14.35 -28.56 18.78
N ALA C 708 15.52 -28.50 19.42
CA ALA C 708 15.58 -28.66 20.87
C ALA C 708 14.82 -27.54 21.57
N SER C 709 14.99 -26.30 21.10
CA SER C 709 14.31 -25.18 21.73
C SER C 709 12.81 -25.26 21.58
N CYS C 710 12.32 -25.92 20.52
CA CYS C 710 10.88 -26.12 20.40
C CYS C 710 10.40 -27.26 21.29
N ALA C 711 11.17 -28.34 21.37
CA ALA C 711 10.82 -29.44 22.25
C ALA C 711 10.73 -28.98 23.71
N LYS C 712 11.57 -28.03 24.09
CA LYS C 712 11.49 -27.48 25.45
C LYS C 712 10.11 -26.88 25.73
N TRP C 713 9.63 -26.05 24.81
CA TRP C 713 8.32 -25.44 24.98
C TRP C 713 7.21 -26.49 24.98
N GLY C 714 7.37 -27.52 24.15
CA GLY C 714 6.38 -28.59 24.15
C GLY C 714 6.28 -29.27 25.52
N PHE C 715 7.42 -29.65 26.08
CA PHE C 715 7.40 -30.27 27.40
C PHE C 715 6.86 -29.31 28.47
N ASP C 716 7.13 -28.02 28.31
CA ASP C 716 6.57 -27.04 29.24
C ASP C 716 5.05 -27.05 29.19
N LEU C 717 4.47 -27.09 27.99
CA LEU C 717 3.02 -27.12 27.88
C LEU C 717 2.45 -28.40 28.48
N LEU C 718 3.11 -29.53 28.24
CA LEU C 718 2.64 -30.77 28.86
C LEU C 718 2.64 -30.66 30.38
N ALA C 719 3.71 -30.09 30.95
CA ALA C 719 3.76 -29.93 32.40
C ALA C 719 2.64 -29.03 32.90
N TRP C 720 2.38 -27.92 32.20
CA TRP C 720 1.32 -27.02 32.66
C TRP C 720 -0.04 -27.70 32.63
N LEU C 721 -0.31 -28.48 31.59
CA LEU C 721 -1.60 -29.16 31.52
C LEU C 721 -1.75 -30.21 32.61
N THR C 722 -0.71 -31.03 32.81
CA THR C 722 -0.82 -32.04 33.85
C THR C 722 -0.79 -31.42 35.25
N ASP C 723 -0.40 -30.15 35.38
CA ASP C 723 -0.56 -29.46 36.65
C ASP C 723 -1.99 -28.97 36.82
N ARG C 724 -2.54 -28.31 35.80
CA ARG C 724 -3.89 -27.78 35.93
C ARG C 724 -4.95 -28.88 36.05
N LEU C 725 -4.64 -30.11 35.61
CA LEU C 725 -5.58 -31.20 35.85
C LEU C 725 -5.72 -31.48 37.34
N LEU C 726 -4.59 -31.55 38.05
CA LEU C 726 -4.61 -31.51 39.49
C LEU C 726 -5.13 -30.16 39.96
N ALA C 727 -5.42 -30.07 41.25
CA ALA C 727 -6.03 -28.88 41.85
C ALA C 727 -7.39 -28.60 41.25
N LEU C 728 -7.84 -29.47 40.35
CA LEU C 728 -9.18 -29.45 39.79
C LEU C 728 -9.76 -30.84 39.96
N SER C 729 -8.88 -31.84 40.00
CA SER C 729 -9.33 -33.19 40.30
C SER C 729 -9.92 -33.33 41.70
N THR C 730 -9.76 -32.32 42.56
CA THR C 730 -10.24 -32.41 43.94
C THR C 730 -10.94 -31.12 44.35
N ASP C 731 -11.75 -30.56 43.46
CA ASP C 731 -12.48 -29.33 43.75
C ASP C 731 -13.86 -29.69 44.30
N GLN C 732 -14.72 -28.69 44.43
CA GLN C 732 -16.12 -28.90 44.86
C GLN C 732 -17.05 -28.92 43.65
N THR C 733 -16.88 -29.96 42.83
CA THR C 733 -17.74 -30.21 41.68
C THR C 733 -18.73 -31.31 42.03
N ILE C 734 -20.02 -31.03 41.83
CA ILE C 734 -21.10 -31.95 42.17
C ILE C 734 -21.97 -32.13 40.93
N LYS C 735 -22.29 -33.38 40.61
CA LYS C 735 -23.07 -33.66 39.40
C LYS C 735 -24.57 -33.51 39.66
N ALA C 736 -25.13 -34.38 40.51
CA ALA C 736 -26.48 -34.26 41.05
C ALA C 736 -27.59 -34.32 40.00
N MET C 737 -27.21 -34.42 38.72
CA MET C 737 -28.14 -34.61 37.60
C MET C 737 -29.07 -33.41 37.39
N LEU C 738 -28.98 -32.42 38.28
CA LEU C 738 -29.68 -31.16 38.12
C LEU C 738 -28.74 -29.98 38.07
N ALA C 739 -27.53 -30.13 38.62
CA ALA C 739 -26.38 -29.30 38.27
C ALA C 739 -25.85 -29.81 36.94
N ASP C 740 -24.62 -29.43 36.60
CA ASP C 740 -23.96 -29.67 35.31
C ASP C 740 -24.46 -28.63 34.31
N GLN C 741 -25.32 -27.71 34.72
CA GLN C 741 -25.53 -26.48 33.98
C GLN C 741 -24.60 -25.37 34.45
N LYS C 742 -24.12 -25.47 35.69
CA LYS C 742 -23.13 -24.55 36.23
C LYS C 742 -21.81 -24.60 35.47
N ARG C 743 -21.61 -25.59 34.62
CA ARG C 743 -20.27 -25.91 34.11
C ARG C 743 -19.62 -24.71 33.43
N PHE C 744 -20.35 -24.05 32.53
CA PHE C 744 -19.77 -22.87 31.87
C PHE C 744 -19.59 -21.70 32.81
N PRO C 745 -20.59 -21.27 33.60
CA PRO C 745 -20.34 -20.15 34.52
C PRO C 745 -19.26 -20.43 35.54
N ASP C 746 -19.23 -21.63 36.12
CA ASP C 746 -18.22 -21.92 37.13
C ASP C 746 -16.82 -21.97 36.55
N LEU C 747 -16.68 -22.15 35.24
CA LEU C 747 -15.36 -22.13 34.63
C LEU C 747 -14.99 -20.72 34.17
N ALA C 748 -15.96 -19.96 33.67
CA ALA C 748 -15.68 -18.58 33.27
C ALA C 748 -15.49 -17.66 34.46
N ARG C 749 -15.96 -18.04 35.64
CA ARG C 749 -15.66 -17.26 36.84
C ARG C 749 -14.18 -17.34 37.18
N TYR C 750 -13.63 -18.55 37.18
CA TYR C 750 -12.20 -18.74 37.44
C TYR C 750 -11.33 -18.42 36.23
N LEU C 751 -11.94 -18.24 35.05
CA LEU C 751 -11.22 -17.86 33.85
C LEU C 751 -10.14 -18.90 33.54
N HIS C 752 -10.57 -20.15 33.45
CA HIS C 752 -9.70 -21.33 33.49
C HIS C 752 -10.06 -22.26 32.35
N SER C 753 -9.36 -22.10 31.23
CA SER C 753 -9.64 -22.88 30.02
C SER C 753 -8.64 -24.04 29.89
N LYS C 754 -8.72 -24.98 30.83
CA LYS C 754 -7.89 -26.18 30.79
C LYS C 754 -8.72 -27.45 30.65
N ASN C 755 -10.03 -27.34 30.52
CA ASN C 755 -10.90 -28.48 30.29
C ASN C 755 -11.58 -28.43 28.94
N ASP C 756 -12.07 -27.25 28.54
CA ASP C 756 -12.66 -27.07 27.23
C ASP C 756 -11.65 -27.21 26.09
N VAL C 757 -10.38 -27.45 26.40
CA VAL C 757 -9.37 -27.67 25.38
C VAL C 757 -8.82 -29.09 25.43
N SER C 758 -8.86 -29.76 26.58
CA SER C 758 -8.36 -31.12 26.71
C SER C 758 -9.46 -32.16 26.62
N LEU C 759 -10.72 -31.76 26.72
CA LEU C 759 -11.83 -32.73 26.66
C LEU C 759 -12.63 -32.56 25.37
N HIS C 760 -13.26 -31.41 25.16
CA HIS C 760 -14.22 -31.28 24.10
C HIS C 760 -13.58 -30.57 22.92
N LEU C 761 -14.42 -30.12 21.98
CA LEU C 761 -14.02 -29.45 20.75
C LEU C 761 -13.43 -30.44 19.75
N LEU C 762 -13.24 -31.68 20.20
CA LEU C 762 -13.08 -32.84 19.34
C LEU C 762 -11.89 -32.78 18.40
N LEU C 763 -11.10 -31.71 18.47
CA LEU C 763 -9.95 -31.59 17.58
C LEU C 763 -8.67 -31.14 18.29
N CYS C 764 -8.74 -30.47 19.44
CA CYS C 764 -7.52 -30.23 20.20
C CYS C 764 -6.99 -31.53 20.78
N SER C 765 -7.90 -32.43 21.17
CA SER C 765 -7.55 -33.76 21.66
C SER C 765 -6.95 -34.59 20.53
N SER C 766 -6.92 -34.03 19.32
CA SER C 766 -6.23 -34.64 18.19
C SER C 766 -4.95 -33.92 17.83
N THR C 767 -4.97 -32.59 17.86
CA THR C 767 -3.74 -31.82 17.65
C THR C 767 -2.65 -32.25 18.64
N ARG C 768 -2.98 -32.28 19.93
CA ARG C 768 -1.97 -32.69 20.90
C ARG C 768 -1.73 -34.18 20.85
N GLY C 769 -2.74 -34.97 20.49
CA GLY C 769 -2.54 -36.40 20.28
C GLY C 769 -1.56 -36.70 19.18
N LEU C 770 -1.40 -35.79 18.23
CA LEU C 770 -0.38 -35.93 17.18
C LEU C 770 0.95 -35.31 17.60
N LEU C 771 0.89 -34.21 18.34
CA LEU C 771 2.11 -33.60 18.86
C LEU C 771 2.88 -34.58 19.74
N SER C 772 2.18 -35.38 20.54
CA SER C 772 2.87 -36.35 21.38
C SER C 772 3.56 -37.41 20.52
N ALA C 773 2.89 -37.87 19.46
CA ALA C 773 3.51 -38.83 18.56
C ALA C 773 4.69 -38.26 17.81
N VAL C 774 4.73 -36.94 17.61
CA VAL C 774 5.89 -36.31 16.98
C VAL C 774 7.05 -36.16 17.97
N CYS C 775 6.76 -35.76 19.22
CA CYS C 775 7.80 -35.67 20.22
C CYS C 775 8.43 -37.03 20.50
N ARG C 776 7.62 -38.09 20.46
CA ARG C 776 8.16 -39.43 20.69
C ARG C 776 9.11 -39.84 19.56
N ARG C 777 8.88 -39.33 18.36
CA ARG C 777 9.83 -39.57 17.27
C ARG C 777 11.08 -38.72 17.45
N LEU C 778 10.90 -37.48 17.92
CA LEU C 778 12.05 -36.59 18.08
C LEU C 778 13.01 -37.10 19.14
N GLN C 779 12.50 -37.68 20.22
CA GLN C 779 13.38 -38.05 21.32
C GLN C 779 14.27 -39.25 21.00
N VAL C 780 14.09 -39.91 19.86
CA VAL C 780 14.89 -41.09 19.55
C VAL C 780 16.12 -40.76 18.70
N VAL C 781 16.13 -39.62 18.01
CA VAL C 781 17.27 -39.28 17.16
C VAL C 781 18.53 -39.09 17.99
N GLU C 782 18.40 -38.56 19.21
CA GLU C 782 19.56 -38.38 20.06
C GLU C 782 20.21 -39.72 20.41
N SER C 783 19.40 -40.68 20.87
CA SER C 783 19.93 -42.00 21.20
C SER C 783 20.41 -42.74 19.96
N LEU C 784 19.88 -42.42 18.79
CA LEU C 784 20.35 -43.06 17.57
C LEU C 784 21.68 -42.48 17.09
N ALA C 785 21.92 -41.19 17.33
CA ALA C 785 23.10 -40.52 16.81
C ALA C 785 24.28 -40.55 17.77
N HIS C 786 24.03 -40.60 19.09
CA HIS C 786 25.14 -40.56 20.01
C HIS C 786 25.99 -41.83 19.96
N ARG C 787 25.42 -42.95 19.50
CA ARG C 787 26.25 -44.14 19.31
C ARG C 787 27.27 -43.91 18.20
N ALA C 788 26.86 -43.28 17.11
CA ALA C 788 27.81 -42.94 16.06
C ALA C 788 28.80 -41.89 16.54
N THR C 789 28.37 -40.97 17.40
CA THR C 789 29.26 -39.92 17.88
C THR C 789 30.33 -40.47 18.81
N VAL C 790 29.92 -41.00 19.96
CA VAL C 790 30.86 -41.49 20.97
C VAL C 790 30.90 -43.02 20.86
N TYR C 791 31.97 -43.53 20.24
CA TYR C 791 32.18 -44.96 20.11
C TYR C 791 33.66 -45.32 20.29
N TYR C 792 34.38 -44.55 21.10
CA TYR C 792 35.80 -44.78 21.34
C TYR C 792 36.02 -45.70 22.53
N VAL C 822 38.80 -34.50 17.84
CA VAL C 822 39.30 -34.39 19.21
C VAL C 822 38.95 -33.01 19.74
N THR C 823 38.36 -32.17 18.90
CA THR C 823 38.05 -30.80 19.31
C THR C 823 36.85 -30.28 18.51
N ALA C 824 35.68 -30.26 19.15
CA ALA C 824 34.52 -29.51 18.70
C ALA C 824 34.07 -29.92 17.29
N SER C 825 33.58 -31.16 17.20
CA SER C 825 32.96 -31.62 15.96
C SER C 825 31.87 -30.67 15.48
N LEU C 826 31.28 -29.89 16.39
CA LEU C 826 30.36 -28.76 16.18
C LEU C 826 28.94 -29.21 15.84
N VAL C 827 28.68 -30.49 15.63
CA VAL C 827 27.32 -31.00 15.50
C VAL C 827 26.93 -31.87 16.70
N LYS C 828 27.88 -32.64 17.22
CA LYS C 828 27.65 -33.25 18.52
C LYS C 828 27.44 -32.20 19.59
N ALA C 829 27.94 -30.99 19.38
CA ALA C 829 27.69 -29.89 20.30
C ALA C 829 26.21 -29.57 20.44
N SER C 830 25.39 -29.96 19.47
CA SER C 830 23.96 -29.78 19.55
C SER C 830 23.20 -31.08 19.81
N ASP C 831 23.73 -32.21 19.33
CA ASP C 831 23.13 -33.49 19.70
C ASP C 831 23.19 -33.71 21.20
N PHE C 832 24.31 -33.32 21.83
CA PHE C 832 24.40 -33.40 23.29
C PHE C 832 23.33 -32.56 23.95
N ASP C 833 23.11 -31.35 23.46
CA ASP C 833 22.09 -30.48 24.04
C ASP C 833 20.70 -31.09 23.89
N LYS C 834 20.42 -31.69 22.72
CA LYS C 834 19.11 -32.29 22.52
C LYS C 834 18.89 -33.47 23.47
N LEU C 835 19.90 -34.32 23.63
CA LEU C 835 19.74 -35.42 24.59
C LEU C 835 19.61 -34.90 26.01
N LEU C 836 20.32 -33.81 26.34
CA LEU C 836 20.25 -33.26 27.69
C LEU C 836 18.88 -32.66 27.97
N THR C 837 18.22 -32.10 26.97
CA THR C 837 16.88 -31.54 27.19
C THR C 837 15.77 -32.56 26.99
N ALA C 838 16.04 -33.70 26.37
CA ALA C 838 15.04 -34.77 26.26
C ALA C 838 15.04 -35.72 27.44
N LEU C 839 15.63 -35.31 28.57
CA LEU C 839 15.57 -36.09 29.80
C LEU C 839 15.19 -35.24 31.00
N SER C 840 14.99 -33.94 30.82
CA SER C 840 14.59 -33.07 31.92
C SER C 840 13.08 -32.97 32.07
N ARG C 841 12.32 -33.65 31.20
CA ARG C 841 10.90 -33.83 31.48
C ARG C 841 10.75 -34.55 32.81
N ASP C 842 9.75 -34.14 33.59
CA ASP C 842 9.73 -34.57 34.99
C ASP C 842 9.60 -36.09 35.09
N ILE C 843 8.43 -36.63 34.78
CA ILE C 843 8.26 -38.06 34.55
C ILE C 843 7.36 -38.25 33.34
N GLN C 844 7.04 -37.15 32.65
CA GLN C 844 6.10 -37.16 31.53
C GLN C 844 6.39 -38.31 30.57
N THR C 845 7.59 -38.32 29.97
CA THR C 845 8.06 -39.36 29.07
C THR C 845 7.25 -39.40 27.77
N ALA C 846 6.20 -38.58 27.67
CA ALA C 846 5.36 -38.45 26.49
C ALA C 846 4.74 -39.78 26.04
N TYR C 847 4.84 -40.82 26.86
CA TYR C 847 4.23 -42.10 26.55
C TYR C 847 2.90 -42.32 27.25
N ILE C 848 2.59 -41.49 28.24
CA ILE C 848 1.36 -41.64 29.00
C ILE C 848 0.34 -40.55 28.66
N GLN C 849 0.78 -39.36 28.25
CA GLN C 849 -0.12 -38.34 27.77
C GLN C 849 -0.82 -38.75 26.47
N THR C 850 -0.38 -39.83 25.84
CA THR C 850 -1.07 -40.39 24.69
C THR C 850 -2.07 -41.48 25.10
N PHE C 851 -1.73 -42.29 26.10
CA PHE C 851 -2.70 -43.26 26.61
C PHE C 851 -3.88 -42.55 27.25
N SER C 852 -3.61 -41.49 28.03
CA SER C 852 -4.67 -40.71 28.64
C SER C 852 -5.37 -39.79 27.66
N GLY C 853 -4.99 -39.83 26.38
CA GLY C 853 -5.68 -39.06 25.36
C GLY C 853 -6.45 -39.98 24.45
N VAL C 854 -6.03 -41.24 24.41
CA VAL C 854 -6.74 -42.26 23.63
C VAL C 854 -7.86 -42.89 24.45
N ALA C 855 -7.67 -43.05 25.76
CA ALA C 855 -8.69 -43.64 26.60
C ALA C 855 -9.98 -42.84 26.55
N THR C 856 -9.88 -41.52 26.79
CA THR C 856 -11.09 -40.69 26.77
C THR C 856 -11.68 -40.59 25.37
N GLN C 857 -10.84 -40.61 24.33
CA GLN C 857 -11.36 -40.48 22.97
C GLN C 857 -12.11 -41.73 22.55
N ILE C 858 -11.72 -42.89 23.06
CA ILE C 858 -12.52 -44.10 22.85
C ILE C 858 -13.74 -44.14 23.77
N ARG C 859 -13.63 -43.62 24.98
CA ARG C 859 -14.76 -43.61 25.91
C ARG C 859 -15.89 -42.72 25.39
N GLN C 860 -15.55 -41.63 24.71
CA GLN C 860 -16.59 -40.73 24.20
C GLN C 860 -17.53 -41.45 23.24
N HIS C 861 -17.00 -42.40 22.46
CA HIS C 861 -17.83 -43.11 21.49
C HIS C 861 -18.98 -43.87 22.15
N ALA C 862 -18.73 -44.43 23.35
CA ALA C 862 -19.76 -45.22 24.02
C ALA C 862 -21.02 -44.39 24.25
N SER C 863 -20.86 -43.07 24.37
CA SER C 863 -22.03 -42.21 24.57
C SER C 863 -22.46 -41.56 23.26
N GLY C 864 -21.50 -41.22 22.40
CA GLY C 864 -21.84 -40.61 21.12
C GLY C 864 -22.67 -41.52 20.25
N SER C 865 -22.45 -42.84 20.35
CA SER C 865 -23.21 -43.82 19.60
C SER C 865 -24.24 -44.53 20.45
N GLY C 866 -24.66 -43.91 21.55
CA GLY C 866 -25.71 -44.47 22.37
C GLY C 866 -26.68 -43.40 22.84
N GLY C 867 -26.40 -42.16 22.47
CA GLY C 867 -27.31 -41.05 22.70
C GLY C 867 -27.97 -40.53 21.43
N GLN C 868 -27.30 -40.62 20.29
CA GLN C 868 -27.84 -40.17 19.01
C GLN C 868 -28.46 -41.34 18.23
N PRO C 869 -28.97 -42.34 18.95
CA PRO C 869 -29.66 -43.47 18.35
C PRO C 869 -31.16 -43.23 18.42
N LEU C 870 -31.78 -42.94 17.28
CA LEU C 870 -33.19 -42.59 17.21
C LEU C 870 -33.92 -43.59 16.33
N THR C 871 -35.10 -44.00 16.76
CA THR C 871 -35.92 -44.94 16.00
C THR C 871 -36.58 -44.25 14.82
N ILE C 883 -36.02 -49.89 1.38
CA ILE C 883 -34.74 -49.53 1.99
C ILE C 883 -34.23 -48.20 1.45
N LYS C 884 -32.92 -48.08 1.33
CA LYS C 884 -32.26 -46.87 0.81
C LYS C 884 -32.62 -45.64 1.63
N LYS C 885 -32.95 -45.83 2.91
CA LYS C 885 -33.25 -44.72 3.81
C LYS C 885 -31.95 -44.02 4.18
N ALA C 886 -31.85 -42.72 3.86
CA ALA C 886 -30.63 -41.97 4.08
C ALA C 886 -30.26 -41.96 5.56
N GLN C 887 -31.08 -41.31 6.39
CA GLN C 887 -30.87 -41.21 7.83
C GLN C 887 -29.43 -40.83 8.15
N SER C 888 -29.05 -39.64 7.69
CA SER C 888 -27.68 -39.16 7.88
C SER C 888 -27.37 -38.99 9.36
N HIS C 889 -28.07 -38.06 10.01
CA HIS C 889 -27.88 -37.75 11.43
C HIS C 889 -26.41 -37.67 11.82
N VAL C 890 -25.60 -37.03 10.98
CA VAL C 890 -24.28 -36.57 11.37
C VAL C 890 -24.28 -35.08 11.64
N GLU C 891 -25.32 -34.36 11.20
CA GLU C 891 -25.42 -32.94 11.51
C GLU C 891 -25.53 -32.72 13.01
N LEU C 892 -26.10 -33.68 13.74
CA LEU C 892 -26.17 -33.55 15.19
C LEU C 892 -24.78 -33.61 15.81
N ASP C 893 -23.98 -34.61 15.43
CA ASP C 893 -22.60 -34.69 15.89
C ASP C 893 -21.83 -33.44 15.48
N MET C 894 -22.17 -32.84 14.35
CA MET C 894 -21.51 -31.61 13.94
C MET C 894 -21.88 -30.46 14.88
N LEU C 895 -23.18 -30.29 15.14
CA LEU C 895 -23.64 -29.09 15.83
C LEU C 895 -23.30 -29.13 17.32
N LEU C 896 -23.62 -30.23 17.99
CA LEU C 896 -23.36 -30.29 19.43
C LEU C 896 -21.87 -30.41 19.75
N GLY C 897 -21.04 -30.63 18.75
CA GLY C 897 -19.60 -30.66 18.95
C GLY C 897 -18.94 -29.42 18.38
N GLN C 898 -19.72 -28.60 17.68
CA GLN C 898 -19.25 -27.34 17.14
C GLN C 898 -19.57 -26.15 18.01
N ASN C 899 -20.68 -26.19 18.75
CA ASN C 899 -20.91 -25.03 19.62
C ASN C 899 -19.91 -24.83 20.78
N PRO C 900 -19.06 -25.79 21.17
CA PRO C 900 -18.08 -25.49 22.24
C PRO C 900 -16.93 -24.61 21.81
N PRO C 901 -16.38 -24.73 20.59
CA PRO C 901 -15.27 -23.83 20.18
C PRO C 901 -15.56 -22.37 20.50
N PRO C 902 -16.79 -21.87 20.28
CA PRO C 902 -17.21 -20.67 21.00
C PRO C 902 -17.70 -21.08 22.38
N GLY C 903 -16.94 -20.72 23.41
CA GLY C 903 -17.17 -21.26 24.74
C GLY C 903 -18.61 -21.40 25.18
N PHE C 904 -19.03 -22.65 25.39
CA PHE C 904 -20.36 -22.97 25.92
C PHE C 904 -20.24 -24.24 26.74
N ARG C 905 -21.38 -24.86 27.02
CA ARG C 905 -21.46 -25.99 27.91
C ARG C 905 -21.46 -27.31 27.14
N GLU C 906 -21.48 -28.40 27.89
CA GLU C 906 -21.45 -29.74 27.34
C GLU C 906 -22.85 -30.13 26.85
N VAL C 907 -23.05 -31.42 26.59
CA VAL C 907 -24.23 -31.88 25.86
C VAL C 907 -25.15 -32.72 26.72
N LEU C 908 -25.22 -32.40 28.01
CA LEU C 908 -26.17 -32.96 28.98
C LEU C 908 -26.04 -34.47 29.13
N ALA C 909 -25.07 -35.06 28.44
CA ALA C 909 -24.76 -36.47 28.59
C ALA C 909 -23.29 -36.76 28.80
N CYS C 910 -22.41 -35.80 28.52
CA CYS C 910 -21.00 -35.97 28.79
C CYS C 910 -20.69 -35.66 30.24
N PHE C 911 -21.46 -36.25 31.16
CA PHE C 911 -21.10 -36.23 32.57
C PHE C 911 -21.16 -37.64 33.16
N PHE C 912 -21.38 -38.65 32.32
CA PHE C 912 -20.96 -40.00 32.61
C PHE C 912 -19.53 -40.26 32.14
N GLY C 913 -19.18 -39.81 30.94
CA GLY C 913 -17.82 -39.89 30.45
C GLY C 913 -16.92 -38.91 31.14
N ASN C 914 -16.85 -39.01 32.46
CA ASN C 914 -16.10 -38.10 33.33
C ASN C 914 -15.36 -38.86 34.42
N ILE C 915 -14.83 -40.03 34.10
CA ILE C 915 -14.40 -40.98 35.13
C ILE C 915 -13.01 -40.53 35.57
N PHE C 916 -12.99 -39.58 36.51
CA PHE C 916 -11.76 -39.18 37.19
C PHE C 916 -11.15 -40.35 37.94
N PRO C 917 -11.95 -41.27 38.54
CA PRO C 917 -11.35 -42.48 39.12
C PRO C 917 -10.55 -43.34 38.16
N ALA C 918 -11.12 -43.73 37.02
CA ALA C 918 -10.49 -44.78 36.22
C ALA C 918 -9.36 -44.23 35.34
N PHE C 919 -9.67 -43.35 34.39
CA PHE C 919 -8.68 -42.95 33.41
C PHE C 919 -7.71 -41.90 33.92
N ARG C 920 -7.75 -41.55 35.20
CA ARG C 920 -6.86 -40.51 35.70
C ARG C 920 -6.01 -40.97 36.87
N ALA C 921 -6.53 -41.81 37.75
CA ALA C 921 -5.72 -42.32 38.84
C ALA C 921 -4.66 -43.31 38.38
N THR C 922 -4.52 -43.50 37.07
CA THR C 922 -3.44 -44.31 36.52
C THR C 922 -2.32 -43.45 35.94
N VAL C 923 -2.64 -42.26 35.43
CA VAL C 923 -1.59 -41.29 35.13
C VAL C 923 -1.14 -40.58 36.40
N ASP C 924 -1.95 -40.63 37.47
CA ASP C 924 -1.52 -40.04 38.73
C ASP C 924 -0.19 -40.61 39.22
N PRO C 925 0.03 -41.95 39.30
CA PRO C 925 1.33 -42.48 39.74
C PRO C 925 2.34 -42.62 38.60
N ARG C 926 2.48 -41.57 37.79
CA ARG C 926 3.60 -41.41 36.88
C ARG C 926 4.11 -39.98 36.97
N SER C 927 3.96 -39.39 38.15
CA SER C 927 4.44 -38.06 38.50
C SER C 927 4.60 -38.03 40.02
N VAL C 928 4.78 -36.84 40.59
CA VAL C 928 4.94 -36.69 42.02
C VAL C 928 3.99 -35.60 42.49
N PHE C 929 3.70 -35.63 43.79
CA PHE C 929 2.86 -34.60 44.40
C PHE C 929 3.49 -33.22 44.21
N PHE C 930 4.67 -33.00 44.78
CA PHE C 930 5.28 -31.69 44.84
C PHE C 930 6.56 -31.59 44.02
N ALA C 931 6.62 -32.31 42.91
CA ALA C 931 7.74 -32.17 41.98
C ALA C 931 7.37 -31.38 40.73
N ASP C 932 6.16 -31.57 40.19
CA ASP C 932 5.71 -30.83 39.03
C ASP C 932 4.69 -29.76 39.39
N TRP C 933 4.64 -29.36 40.65
CA TRP C 933 3.80 -28.24 41.07
C TRP C 933 4.61 -26.99 41.39
N SER C 934 5.94 -27.07 41.33
CA SER C 934 6.82 -25.94 41.57
C SER C 934 7.86 -25.91 40.45
N LEU C 935 7.53 -25.22 39.36
CA LEU C 935 8.44 -25.11 38.22
C LEU C 935 8.62 -23.66 37.80
N LEU C 936 9.24 -23.45 36.64
CA LEU C 936 9.50 -22.10 36.12
C LEU C 936 8.32 -21.58 35.31
N GLU C 937 7.86 -22.35 34.32
CA GLU C 937 6.65 -22.04 33.55
C GLU C 937 6.70 -20.63 32.96
N GLU C 938 7.63 -20.45 32.02
CA GLU C 938 7.77 -19.20 31.28
C GLU C 938 6.63 -18.96 30.27
N ILE C 939 5.58 -19.78 30.30
CA ILE C 939 4.41 -19.62 29.45
C ILE C 939 3.53 -18.51 30.03
N VAL C 940 4.05 -17.80 31.02
CA VAL C 940 3.29 -16.81 31.78
C VAL C 940 2.89 -15.64 30.88
N ALA C 941 3.36 -15.65 29.64
CA ALA C 941 3.04 -14.57 28.71
C ALA C 941 1.54 -14.52 28.39
N GLU C 942 0.87 -15.67 28.39
CA GLU C 942 -0.54 -15.72 28.03
C GLU C 942 -1.47 -15.66 29.24
N ASP C 943 -1.27 -16.55 30.21
CA ASP C 943 -2.27 -16.84 31.24
C ASP C 943 -1.75 -16.46 32.62
N GLU C 944 -1.90 -15.18 32.99
CA GLU C 944 -1.64 -14.73 34.35
C GLU C 944 -2.08 -13.27 34.47
N ARG C 945 -2.71 -12.92 35.59
CA ARG C 945 -2.95 -11.51 35.92
C ARG C 945 -2.75 -11.28 37.42
N THR C 946 -1.50 -11.03 37.81
CA THR C 946 -1.17 -10.44 39.10
C THR C 946 -0.07 -9.39 39.04
N LEU C 947 0.76 -9.39 38.00
CA LEU C 947 2.06 -8.72 38.03
C LEU C 947 2.27 -7.88 36.80
N LYS C 948 2.98 -6.76 36.99
CA LYS C 948 3.48 -5.93 35.91
C LYS C 948 5.00 -5.94 35.84
N ARG C 949 5.65 -6.89 36.51
CA ARG C 949 7.11 -6.96 36.52
C ARG C 949 7.68 -7.18 35.12
N ARG C 950 6.88 -7.71 34.19
CA ARG C 950 7.36 -7.96 32.85
C ARG C 950 7.54 -6.69 32.03
N ARG C 951 6.99 -5.56 32.49
CA ARG C 951 7.12 -4.27 31.81
C ARG C 951 8.16 -3.39 32.49
N GLU C 952 9.21 -4.00 33.03
CA GLU C 952 10.19 -3.24 33.80
C GLU C 952 11.00 -2.30 32.92
N GLY C 953 11.60 -2.82 31.86
CA GLY C 953 12.39 -2.01 30.96
C GLY C 953 11.81 -1.98 29.56
N GLY C 954 12.48 -2.65 28.62
CA GLY C 954 11.96 -2.80 27.28
C GLY C 954 11.10 -4.04 27.15
N GLY C 955 10.51 -4.47 28.27
CA GLY C 955 9.67 -5.65 28.27
C GLY C 955 10.47 -6.93 28.07
N ARG C 956 9.73 -8.04 28.06
CA ARG C 956 10.30 -9.36 27.82
C ARG C 956 9.34 -10.13 26.91
N TYR C 957 9.65 -10.19 25.63
CA TYR C 957 8.82 -10.86 24.65
C TYR C 957 9.34 -12.27 24.38
N VAL C 958 8.46 -13.10 23.82
CA VAL C 958 8.78 -14.48 23.49
C VAL C 958 8.87 -14.60 21.98
N ASP C 959 9.88 -15.34 21.51
CA ASP C 959 10.09 -15.53 20.09
C ASP C 959 8.95 -16.37 19.50
N VAL C 960 8.98 -16.53 18.18
CA VAL C 960 8.01 -17.36 17.47
C VAL C 960 8.68 -18.50 16.71
N PHE C 961 9.80 -18.23 16.05
CA PHE C 961 10.51 -19.28 15.33
C PHE C 961 11.28 -20.18 16.29
N LYS C 962 12.15 -19.60 17.11
CA LYS C 962 12.96 -20.36 18.05
C LYS C 962 12.25 -20.61 19.38
N ARG C 963 11.29 -19.77 19.74
CA ARG C 963 10.55 -19.88 21.01
C ARG C 963 11.50 -19.76 22.20
N VAL C 964 12.16 -18.61 22.29
CA VAL C 964 13.06 -18.28 23.39
C VAL C 964 12.66 -16.93 23.95
N GLU C 965 13.41 -16.48 24.96
CA GLU C 965 13.17 -15.18 25.55
C GLU C 965 13.77 -14.08 24.68
N LEU C 966 13.23 -12.88 24.80
CA LEU C 966 13.70 -11.74 24.03
C LEU C 966 13.47 -10.46 24.82
N CYS C 967 14.44 -9.55 24.76
CA CYS C 967 14.33 -8.23 25.35
C CYS C 967 14.46 -7.19 24.25
N GLY C 968 13.72 -6.10 24.38
CA GLY C 968 13.65 -5.07 23.34
C GLY C 968 13.99 -3.71 23.96
N ARG C 969 15.28 -3.39 24.00
CA ARG C 969 15.73 -2.11 24.52
C ARG C 969 17.04 -1.70 23.87
N GLN D 88 30.83 -23.94 94.35
CA GLN D 88 31.80 -23.83 93.27
C GLN D 88 31.26 -24.45 91.99
N ARG D 89 30.51 -25.55 92.14
CA ARG D 89 29.87 -26.16 90.98
C ARG D 89 28.92 -25.17 90.30
N CYS D 90 28.29 -24.28 91.07
CA CYS D 90 27.54 -23.18 90.46
C CYS D 90 28.45 -22.31 89.60
N ALA D 91 29.60 -21.92 90.14
CA ALA D 91 30.52 -21.06 89.43
C ALA D 91 31.19 -21.75 88.24
N VAL D 92 31.09 -23.07 88.13
CA VAL D 92 31.61 -23.78 86.97
C VAL D 92 30.53 -23.96 85.91
N ALA D 93 29.36 -24.46 86.32
CA ALA D 93 28.25 -24.60 85.40
C ALA D 93 27.91 -23.26 84.76
N ALA D 94 27.88 -22.21 85.55
CA ALA D 94 27.97 -20.87 84.98
C ALA D 94 29.36 -20.71 84.39
N LEU D 95 29.41 -20.21 83.16
CA LEU D 95 30.53 -20.13 82.23
C LEU D 95 30.84 -21.48 81.55
N ASN D 96 30.31 -22.61 82.04
CA ASN D 96 30.29 -23.78 81.16
C ASN D 96 29.18 -23.64 80.13
N LEU D 97 28.00 -23.22 80.59
CA LEU D 97 26.96 -22.83 79.65
C LEU D 97 27.45 -21.74 78.72
N GLU D 98 28.35 -20.88 79.20
CA GLU D 98 28.89 -19.83 78.34
C GLU D 98 29.85 -20.40 77.31
N LYS D 99 30.71 -21.34 77.70
CA LYS D 99 31.58 -21.98 76.72
C LYS D 99 30.77 -22.66 75.62
N GLN D 100 29.64 -23.26 75.99
CA GLN D 100 28.87 -23.96 74.96
C GLN D 100 28.10 -22.97 74.08
N ILE D 101 27.51 -21.93 74.67
CA ILE D 101 26.87 -20.90 73.84
C ILE D 101 27.88 -20.26 72.90
N PHE D 102 29.13 -20.13 73.35
CA PHE D 102 30.15 -19.48 72.52
C PHE D 102 30.64 -20.38 71.41
N GLN D 103 30.80 -21.68 71.68
CA GLN D 103 31.15 -22.61 70.61
C GLN D 103 30.01 -22.75 69.61
N ASN D 104 28.76 -22.58 70.07
CA ASN D 104 27.66 -22.42 69.15
C ASN D 104 27.86 -21.14 68.33
N ALA D 105 27.10 -21.05 67.23
CA ALA D 105 27.16 -19.97 66.25
C ALA D 105 28.41 -20.08 65.40
N GLN D 106 29.34 -20.95 65.80
CA GLN D 106 30.44 -21.29 64.90
C GLN D 106 29.93 -22.11 63.73
N ASP D 107 29.05 -23.07 64.01
CA ASP D 107 28.38 -23.79 62.93
C ASP D 107 27.56 -22.83 62.07
N LYS D 108 26.89 -21.87 62.71
CA LYS D 108 26.03 -20.97 61.95
C LYS D 108 26.84 -20.02 61.08
N ALA D 109 28.08 -19.71 61.47
CA ALA D 109 28.96 -18.94 60.61
C ALA D 109 29.74 -19.78 59.63
N SER D 110 29.83 -21.09 59.85
CA SER D 110 30.55 -22.00 58.96
C SER D 110 29.65 -22.68 57.96
N TYR D 111 28.32 -22.57 58.11
CA TYR D 111 27.40 -23.10 57.10
C TYR D 111 27.72 -22.57 55.70
N ASP D 112 28.32 -21.40 55.60
CA ASP D 112 28.61 -20.81 54.31
C ASP D 112 30.06 -21.08 53.92
N GLN D 113 30.34 -20.82 52.64
CA GLN D 113 31.69 -21.00 52.10
C GLN D 113 32.05 -19.80 51.23
N ALA D 114 31.05 -19.04 50.79
CA ALA D 114 31.22 -17.73 50.16
C ALA D 114 32.21 -17.77 48.99
N MET D 115 32.12 -18.79 48.15
CA MET D 115 32.97 -18.90 46.96
C MET D 115 32.56 -17.82 45.97
N ALA D 116 33.31 -16.72 45.98
CA ALA D 116 33.02 -15.58 45.12
C ALA D 116 34.19 -15.36 44.17
N LYS D 117 34.07 -15.89 42.96
CA LYS D 117 35.06 -15.59 41.93
C LYS D 117 34.65 -14.39 41.09
N LYS D 118 33.36 -14.27 40.81
CA LYS D 118 32.85 -13.16 40.01
C LYS D 118 32.84 -11.86 40.82
N ASN D 129 48.85 -14.25 35.36
CA ASN D 129 47.99 -13.09 35.15
C ASN D 129 47.36 -12.63 36.46
N GLY D 130 46.71 -11.47 36.41
CA GLY D 130 46.02 -10.91 37.55
C GLY D 130 44.97 -11.82 38.15
N PRO D 131 43.98 -12.23 37.34
CA PRO D 131 42.90 -13.07 37.90
C PRO D 131 43.38 -14.37 38.51
N ALA D 132 44.40 -14.99 37.94
CA ALA D 132 44.96 -16.21 38.53
C ALA D 132 45.78 -15.85 39.77
N LEU D 133 46.40 -16.87 40.36
CA LEU D 133 47.28 -16.73 41.52
C LEU D 133 46.57 -16.21 42.76
N GLN D 134 45.25 -16.02 42.70
CA GLN D 134 44.46 -15.67 43.87
C GLN D 134 43.31 -16.63 44.13
N ASN D 135 42.96 -17.48 43.17
CA ASN D 135 42.05 -18.58 43.48
C ASN D 135 42.64 -19.47 44.57
N GLN D 136 43.95 -19.65 44.56
CA GLN D 136 44.60 -20.39 45.64
C GLN D 136 44.51 -19.64 46.96
N VAL D 137 44.47 -18.30 46.94
CA VAL D 137 44.30 -17.57 48.19
C VAL D 137 42.85 -17.61 48.66
N ILE D 138 41.90 -17.68 47.73
CA ILE D 138 40.51 -17.95 48.11
C ILE D 138 40.41 -19.29 48.83
N THR D 139 40.98 -20.33 48.22
CA THR D 139 41.02 -21.63 48.88
C THR D 139 41.79 -21.56 50.20
N ASP D 140 42.80 -20.69 50.28
CA ASP D 140 43.55 -20.51 51.51
C ASP D 140 42.64 -20.01 52.62
N ALA D 141 41.92 -18.91 52.37
CA ALA D 141 40.99 -18.39 53.37
C ALA D 141 39.89 -19.39 53.68
N GLN D 142 39.50 -20.19 52.68
CA GLN D 142 38.48 -21.22 52.91
C GLN D 142 38.97 -22.23 53.94
N ARG D 143 40.13 -22.83 53.68
CA ARG D 143 40.69 -23.79 54.63
C ARG D 143 41.03 -23.12 55.96
N GLN D 144 41.37 -21.84 55.93
CA GLN D 144 41.59 -21.09 57.16
C GLN D 144 40.34 -21.12 58.04
N ALA D 145 39.23 -20.59 57.51
CA ALA D 145 37.98 -20.57 58.27
C ALA D 145 37.53 -21.99 58.63
N GLN D 146 37.88 -22.98 57.81
CA GLN D 146 37.49 -24.35 58.11
C GLN D 146 38.24 -24.89 59.31
N ILE D 147 39.57 -24.95 59.23
CA ILE D 147 40.39 -25.41 60.35
C ILE D 147 40.25 -24.42 61.48
N GLN D 148 40.72 -24.79 62.67
CA GLN D 148 40.56 -24.15 63.97
C GLN D 148 39.18 -24.42 64.57
N GLN D 149 38.28 -25.07 63.84
CA GLN D 149 37.10 -25.64 64.46
C GLN D 149 37.43 -26.93 65.17
N GLN D 150 38.40 -27.69 64.64
CA GLN D 150 38.71 -28.99 65.21
C GLN D 150 39.41 -28.88 66.56
N ILE D 151 40.31 -27.91 66.71
CA ILE D 151 40.98 -27.73 67.99
C ILE D 151 39.99 -27.29 69.06
N GLN D 152 39.02 -26.45 68.68
CA GLN D 152 37.98 -26.07 69.63
C GLN D 152 37.10 -27.26 69.99
N LEU D 153 36.82 -28.13 69.02
CA LEU D 153 36.11 -29.36 69.32
C LEU D 153 36.88 -30.20 70.33
N ALA D 154 38.20 -30.29 70.18
CA ALA D 154 39.00 -31.04 71.14
C ALA D 154 38.98 -30.39 72.51
N GLN D 155 39.03 -29.06 72.57
CA GLN D 155 38.95 -28.37 73.84
C GLN D 155 37.60 -28.58 74.52
N ALA D 156 36.52 -28.68 73.74
CA ALA D 156 35.22 -28.99 74.33
C ALA D 156 35.16 -30.43 74.80
N GLN D 157 35.69 -31.36 74.01
CA GLN D 157 35.76 -32.76 74.43
C GLN D 157 36.67 -32.94 75.63
N GLN D 158 37.50 -31.95 75.94
CA GLN D 158 38.24 -31.98 77.20
C GLN D 158 37.28 -31.96 78.39
N ARG D 159 36.56 -30.86 78.59
CA ARG D 159 35.57 -30.80 79.66
C ARG D 159 34.17 -31.12 79.15
N GLN D 160 34.06 -32.16 78.35
CA GLN D 160 32.78 -32.83 78.11
C GLN D 160 32.48 -33.72 79.32
N GLN D 161 31.58 -33.26 80.17
CA GLN D 161 31.25 -33.93 81.42
C GLN D 161 29.77 -34.33 81.47
N GLN D 162 29.27 -34.89 80.36
CA GLN D 162 27.89 -35.33 80.28
C GLN D 162 27.74 -36.83 80.05
N GLN D 163 28.80 -37.50 79.59
CA GLN D 163 28.82 -38.96 79.61
C GLN D 163 28.67 -39.51 81.03
N LEU D 164 28.98 -38.71 82.03
CA LEU D 164 28.86 -39.12 83.42
C LEU D 164 27.51 -38.76 84.03
N MET D 165 26.73 -37.91 83.37
CA MET D 165 25.40 -37.55 83.85
C MET D 165 24.29 -38.23 83.06
N LEU D 166 24.57 -38.72 81.86
CA LEU D 166 23.57 -39.49 81.13
C LEU D 166 23.16 -40.72 81.92
N ASN D 167 24.06 -41.26 82.73
CA ASN D 167 23.72 -42.41 83.57
C ASN D 167 22.57 -42.10 84.52
N ARG D 168 22.71 -41.01 85.29
CA ARG D 168 21.61 -40.59 86.16
C ARG D 168 20.41 -40.13 85.35
N MET D 169 20.63 -39.67 84.12
CA MET D 169 19.54 -39.24 83.25
C MET D 169 18.74 -40.42 82.73
N ALA D 170 19.29 -41.63 82.77
CA ALA D 170 18.70 -42.79 82.11
C ALA D 170 17.24 -43.00 82.51
N ALA D 171 16.99 -43.24 83.79
CA ALA D 171 15.67 -43.70 84.23
C ALA D 171 14.59 -42.65 84.04
N GLN D 172 14.71 -41.52 84.72
CA GLN D 172 13.73 -40.44 84.64
C GLN D 172 14.44 -39.09 84.61
N GLY D 173 15.43 -38.97 83.72
CA GLY D 173 16.20 -37.74 83.62
C GLY D 173 15.37 -36.49 83.45
N LEU D 174 15.89 -35.36 83.94
CA LEU D 174 15.19 -34.08 83.79
C LEU D 174 14.91 -33.77 82.32
N THR D 175 15.97 -33.66 81.52
CA THR D 175 15.88 -33.50 80.08
C THR D 175 15.02 -32.29 79.70
N GLN D 176 15.47 -31.11 80.13
CA GLN D 176 14.79 -29.88 79.78
C GLN D 176 15.58 -29.18 78.67
N PRO D 177 15.06 -29.11 77.45
CA PRO D 177 15.83 -28.50 76.38
C PRO D 177 15.96 -27.00 76.58
N PRO D 178 17.07 -26.40 76.14
CA PRO D 178 17.21 -24.95 76.28
C PRO D 178 16.42 -24.21 75.21
N GLN D 179 15.29 -23.63 75.61
CA GLN D 179 14.49 -22.83 74.70
C GLN D 179 14.93 -21.37 74.84
N PRO D 180 15.60 -20.80 73.84
CA PRO D 180 16.07 -19.40 73.99
C PRO D 180 14.98 -18.41 74.31
N ALA D 181 13.71 -18.80 74.24
CA ALA D 181 12.65 -17.98 74.80
C ALA D 181 12.73 -17.86 76.31
N PHE D 182 13.70 -18.53 76.95
CA PHE D 182 13.88 -18.49 78.39
C PHE D 182 15.07 -17.66 78.83
N GLN D 183 16.17 -17.69 78.06
CA GLN D 183 17.40 -16.99 78.41
C GLN D 183 17.66 -15.93 77.35
N PRO D 184 17.03 -14.75 77.46
CA PRO D 184 17.15 -13.74 76.41
C PRO D 184 18.54 -13.15 76.27
N MET D 185 19.48 -13.49 77.15
CA MET D 185 20.84 -13.00 77.00
C MET D 185 21.48 -13.50 75.72
N GLN D 186 21.75 -14.81 75.66
CA GLN D 186 22.44 -15.43 74.52
C GLN D 186 23.60 -14.58 74.04
N ASN D 187 24.30 -13.94 74.98
CA ASN D 187 25.32 -12.95 74.63
C ASN D 187 26.35 -12.90 75.75
N PRO D 188 27.27 -11.95 75.65
CA PRO D 188 28.35 -11.81 76.62
C PRO D 188 27.84 -11.15 77.90
N GLY D 189 28.72 -11.07 78.89
CA GLY D 189 28.38 -10.49 80.17
C GLY D 189 29.40 -9.45 80.59
N MET D 249 32.83 -38.50 66.09
CA MET D 249 34.13 -39.11 66.29
C MET D 249 35.19 -38.46 65.40
N ARG D 250 34.74 -37.86 64.30
CA ARG D 250 35.63 -37.20 63.35
C ARG D 250 34.89 -36.05 62.71
N ARG D 251 35.64 -34.99 62.38
CA ARG D 251 35.12 -33.91 61.55
C ARG D 251 36.03 -33.64 60.36
N VAL D 252 37.05 -34.47 60.14
CA VAL D 252 37.86 -34.40 58.94
C VAL D 252 37.04 -34.73 57.69
N ASN D 253 35.81 -35.22 57.87
CA ASN D 253 34.89 -35.34 56.76
C ASN D 253 34.69 -33.99 56.06
N SER D 254 34.80 -32.89 56.79
CA SER D 254 34.69 -31.58 56.16
C SER D 254 35.82 -31.34 55.17
N THR D 255 37.05 -31.68 55.54
CA THR D 255 38.17 -31.53 54.62
C THR D 255 38.04 -32.50 53.46
N THR D 256 37.65 -33.74 53.73
CA THR D 256 37.41 -34.70 52.66
C THR D 256 36.33 -34.21 51.71
N GLU D 257 35.37 -33.43 52.21
CA GLU D 257 34.31 -32.90 51.37
C GLU D 257 34.79 -31.73 50.53
N ASN D 258 35.56 -30.82 51.14
CA ASN D 258 36.12 -29.71 50.38
C ASN D 258 37.09 -30.20 49.31
N SER D 259 37.73 -31.35 49.55
CA SER D 259 38.69 -31.88 48.57
C SER D 259 38.04 -32.23 47.25
N LYS D 260 36.72 -32.39 47.21
CA LYS D 260 36.00 -32.68 45.97
C LYS D 260 35.46 -31.43 45.30
N MET D 261 36.11 -30.28 45.48
CA MET D 261 35.78 -29.07 44.74
C MET D 261 36.97 -28.48 44.00
N GLN D 262 38.18 -28.99 44.20
CA GLN D 262 39.28 -28.66 43.31
C GLN D 262 39.25 -29.54 42.06
N ILE D 263 38.97 -30.83 42.22
CA ILE D 263 39.02 -31.74 41.09
C ILE D 263 37.80 -31.56 40.18
N ARG D 264 36.61 -31.41 40.74
CA ARG D 264 35.43 -31.16 39.93
C ARG D 264 35.27 -29.69 39.59
N GLN D 265 36.34 -28.92 39.73
CA GLN D 265 36.50 -27.61 39.14
C GLN D 265 37.54 -27.62 38.03
N LEU D 266 38.64 -28.34 38.23
CA LEU D 266 39.55 -28.64 37.13
C LEU D 266 38.81 -29.32 35.98
N MET D 267 37.96 -30.29 36.30
CA MET D 267 37.20 -30.97 35.26
C MET D 267 36.12 -30.09 34.64
N GLN D 268 35.87 -28.91 35.20
CA GLN D 268 34.95 -27.96 34.58
C GLN D 268 35.67 -26.88 33.79
N GLN D 269 36.90 -26.56 34.17
CA GLN D 269 37.71 -25.60 33.41
C GLN D 269 38.51 -26.26 32.29
N ARG D 270 38.60 -27.59 32.28
CA ARG D 270 39.23 -28.28 31.15
C ARG D 270 38.23 -28.42 30.02
N LEU D 271 37.62 -27.31 29.60
CA LEU D 271 36.66 -27.32 28.50
C LEU D 271 36.96 -26.22 27.48
N THR D 272 38.20 -25.75 27.42
CA THR D 272 38.58 -24.86 26.33
C THR D 272 38.70 -25.65 25.03
N PRO D 273 39.12 -26.96 25.03
CA PRO D 273 38.93 -27.82 23.85
C PRO D 273 37.49 -28.30 23.72
N ALA D 274 36.55 -27.36 23.77
CA ALA D 274 35.13 -27.68 23.77
C ALA D 274 34.34 -26.43 23.40
N GLN D 275 33.04 -26.49 23.62
CA GLN D 275 32.15 -25.38 23.28
C GLN D 275 32.20 -24.32 24.38
N ILE D 276 31.28 -23.37 24.34
CA ILE D 276 31.25 -22.25 25.28
C ILE D 276 30.15 -22.42 26.33
N SER D 277 28.95 -22.83 25.89
CA SER D 277 27.80 -22.92 26.77
C SER D 277 27.43 -24.36 27.08
N GLU D 278 28.42 -25.25 27.07
CA GLU D 278 28.21 -26.64 27.45
C GLU D 278 29.12 -27.08 28.58
N ALA D 279 30.12 -26.27 28.94
CA ALA D 279 30.93 -26.55 30.12
C ALA D 279 30.17 -26.36 31.40
N ASN D 280 28.89 -26.01 31.31
CA ASN D 280 28.05 -25.82 32.49
C ASN D 280 27.53 -27.16 33.01
N ALA D 281 28.48 -28.04 33.34
CA ALA D 281 28.18 -29.21 34.14
C ALA D 281 27.92 -28.86 35.59
N SER D 282 27.94 -27.58 35.94
CA SER D 282 27.60 -27.08 37.26
C SER D 282 26.10 -27.13 37.54
N GLY D 283 25.33 -27.77 36.66
CA GLY D 283 24.07 -28.33 37.10
C GLY D 283 24.24 -29.41 38.16
N LYS D 284 25.47 -29.90 38.32
CA LYS D 284 25.91 -30.67 39.47
C LYS D 284 26.21 -29.71 40.61
N ASP D 285 26.91 -30.21 41.63
CA ASP D 285 27.26 -29.56 42.90
C ASP D 285 26.07 -29.45 43.84
N LEU D 286 24.92 -30.01 43.46
CA LEU D 286 23.80 -30.17 44.36
C LEU D 286 23.92 -31.43 45.21
N VAL D 287 25.13 -31.97 45.32
CA VAL D 287 25.42 -33.05 46.24
C VAL D 287 26.34 -32.61 47.36
N TYR D 288 27.27 -31.70 47.06
CA TYR D 288 28.19 -31.20 48.08
C TYR D 288 27.46 -30.37 49.12
N LEU D 289 26.52 -29.53 48.68
CA LEU D 289 25.71 -28.79 49.63
C LEU D 289 25.00 -29.72 50.59
N TYR D 290 24.36 -30.75 50.05
CA TYR D 290 23.67 -31.72 50.90
C TYR D 290 24.64 -32.37 51.87
N PHE D 291 25.80 -32.81 51.38
CA PHE D 291 26.71 -33.57 52.22
C PHE D 291 27.26 -32.70 53.35
N GLN D 292 27.65 -31.47 53.05
CA GLN D 292 28.12 -30.58 54.12
C GLN D 292 26.99 -30.28 55.08
N ASN D 293 25.90 -29.68 54.58
CA ASN D 293 24.76 -29.33 55.43
C ASN D 293 24.22 -30.52 56.21
N GLN D 294 24.66 -31.74 55.89
CA GLN D 294 24.35 -32.89 56.73
C GLN D 294 25.45 -33.20 57.73
N VAL D 295 26.72 -33.19 57.30
CA VAL D 295 27.83 -33.54 58.20
C VAL D 295 27.92 -32.54 59.35
N VAL D 296 27.81 -31.26 59.03
CA VAL D 296 27.96 -30.24 60.08
C VAL D 296 26.82 -30.34 61.08
N GLN D 297 25.59 -30.57 60.61
CA GLN D 297 24.45 -30.53 61.50
C GLN D 297 24.27 -31.81 62.30
N VAL D 298 24.64 -32.96 61.73
CA VAL D 298 24.49 -34.22 62.45
C VAL D 298 25.36 -34.25 63.70
N PHE D 299 26.40 -33.42 63.74
CA PHE D 299 27.20 -33.25 64.94
C PHE D 299 26.92 -31.95 65.67
N ARG D 300 26.28 -30.98 65.01
CA ARG D 300 25.72 -29.85 65.75
C ARG D 300 24.65 -30.31 66.71
N ALA D 301 23.92 -31.37 66.36
CA ALA D 301 22.92 -31.94 67.26
C ALA D 301 23.51 -32.32 68.61
N THR D 302 24.82 -32.59 68.67
CA THR D 302 25.44 -32.96 69.93
C THR D 302 25.44 -31.81 70.92
N MET D 303 25.60 -30.57 70.45
CA MET D 303 25.54 -29.42 71.34
C MET D 303 24.19 -29.32 72.01
N LEU D 304 23.11 -29.45 71.24
CA LEU D 304 21.78 -29.43 71.84
C LEU D 304 21.54 -30.64 72.71
N GLN D 305 22.20 -31.76 72.41
CA GLN D 305 22.01 -32.96 73.22
C GLN D 305 22.70 -32.86 74.56
N ALA D 306 23.81 -32.11 74.62
CA ALA D 306 24.58 -31.99 75.86
C ALA D 306 24.23 -30.77 76.69
N GLN D 307 23.82 -29.67 76.04
CA GLN D 307 23.41 -28.49 76.80
C GLN D 307 22.23 -28.79 77.71
N GLU D 308 21.38 -29.74 77.31
CA GLU D 308 20.29 -30.17 78.18
C GLU D 308 20.82 -30.87 79.42
N LYS D 309 21.72 -31.84 79.22
CA LYS D 309 22.30 -32.56 80.35
C LYS D 309 23.09 -31.65 81.26
N ALA D 310 23.54 -30.50 80.76
CA ALA D 310 24.33 -29.57 81.58
C ALA D 310 23.60 -29.21 82.88
N GLN D 311 22.33 -28.80 82.80
CA GLN D 311 21.58 -28.35 83.97
C GLN D 311 20.75 -29.45 84.61
N GLN D 312 21.02 -30.71 84.28
CA GLN D 312 20.35 -31.80 84.98
C GLN D 312 20.72 -31.82 86.47
N VAL D 313 21.91 -31.33 86.80
CA VAL D 313 22.39 -31.32 88.18
C VAL D 313 22.30 -29.95 88.84
N ALA D 314 22.23 -28.88 88.05
CA ALA D 314 22.17 -27.51 88.55
C ALA D 314 20.75 -26.97 88.55
N GLN D 315 19.77 -27.81 88.91
CA GLN D 315 18.37 -27.43 88.80
C GLN D 315 18.07 -26.13 89.53
N VAL D 316 18.28 -26.09 90.85
CA VAL D 316 18.17 -24.86 91.64
C VAL D 316 19.46 -24.76 92.44
N GLN D 317 20.50 -24.16 91.85
CA GLN D 317 21.77 -23.89 92.51
C GLN D 317 22.36 -25.11 93.20
N GLN D 318 21.89 -26.31 92.84
CA GLN D 318 22.36 -27.57 93.40
C GLN D 318 22.15 -27.65 94.91
N ALA D 319 21.49 -26.66 95.49
CA ALA D 319 21.32 -26.61 96.95
C ALA D 319 19.87 -26.44 97.37
N LEU D 320 19.09 -25.65 96.65
CA LEU D 320 17.70 -25.41 97.01
C LEU D 320 16.76 -25.92 95.92
N UNK E 1 23.74 -5.08 9.82
CA UNK E 1 23.48 -6.50 10.06
C UNK E 1 24.68 -7.17 10.73
N UNK E 2 24.68 -7.19 12.05
CA UNK E 2 25.76 -7.82 12.80
C UNK E 2 25.75 -9.32 12.58
N UNK E 3 26.94 -9.89 12.38
CA UNK E 3 27.10 -11.32 12.12
C UNK E 3 27.67 -11.97 13.38
N UNK E 4 26.79 -12.50 14.22
CA UNK E 4 27.20 -13.22 15.44
C UNK E 4 26.57 -14.61 15.35
N UNK E 5 27.24 -15.50 14.62
CA UNK E 5 26.81 -16.88 14.41
C UNK E 5 27.85 -17.59 13.56
N UNK E 6 27.62 -18.87 13.27
CA UNK E 6 28.46 -19.55 12.29
C UNK E 6 28.16 -19.12 10.87
N UNK E 7 26.90 -19.20 10.44
CA UNK E 7 26.49 -18.80 9.10
C UNK E 7 25.15 -18.06 9.14
N UNK E 8 25.01 -17.11 10.07
CA UNK E 8 23.77 -16.35 10.19
C UNK E 8 24.12 -14.90 10.47
N UNK E 9 23.12 -14.11 10.84
CA UNK E 9 23.29 -12.68 11.08
C UNK E 9 22.08 -12.17 11.85
N UNK E 10 21.96 -10.85 11.98
CA UNK E 10 20.82 -10.22 12.63
C UNK E 10 20.47 -8.96 11.83
N UNK E 11 19.54 -8.16 12.35
CA UNK E 11 19.03 -7.03 11.59
C UNK E 11 18.90 -5.72 12.36
N UNK E 12 19.05 -5.70 13.68
CA UNK E 12 18.89 -4.49 14.49
C UNK E 12 17.52 -3.84 14.29
N UNK E 13 16.51 -4.65 14.02
CA UNK E 13 15.13 -4.18 13.83
C UNK E 13 14.20 -5.39 13.96
N UNK E 14 13.01 -5.13 14.49
CA UNK E 14 12.11 -6.22 14.84
C UNK E 14 11.11 -6.46 13.72
N UNK E 15 10.28 -7.49 13.86
CA UNK E 15 9.29 -7.83 12.84
C UNK E 15 7.97 -8.14 13.55
N UNK E 16 7.05 -7.18 13.54
CA UNK E 16 5.73 -7.41 14.10
C UNK E 16 4.89 -8.25 13.15
N UNK E 17 3.66 -8.58 13.58
CA UNK E 17 2.85 -9.49 12.80
C UNK E 17 1.39 -9.03 12.69
N UNK E 18 1.15 -7.73 12.86
CA UNK E 18 -0.18 -7.13 12.68
C UNK E 18 -1.25 -7.80 13.54
N UNK E 19 -0.84 -8.63 14.50
CA UNK E 19 -1.74 -9.17 15.51
C UNK E 19 -1.08 -9.28 16.88
N UNK E 20 0.15 -8.81 17.03
CA UNK E 20 0.89 -8.90 18.28
C UNK E 20 1.78 -10.12 18.28
N UNK E 21 3.07 -9.94 18.05
CA UNK E 21 4.05 -11.02 18.01
C UNK E 21 5.44 -10.39 17.94
N UNK E 22 6.45 -11.22 17.75
CA UNK E 22 7.81 -10.75 17.56
C UNK E 22 8.64 -11.86 16.93
N UNK E 23 9.69 -11.46 16.23
CA UNK E 23 10.63 -12.40 15.63
C UNK E 23 11.95 -11.67 15.41
N UNK E 24 12.84 -12.27 14.64
CA UNK E 24 14.13 -11.66 14.35
C UNK E 24 14.63 -12.17 13.02
N UNK E 25 14.96 -11.24 12.11
CA UNK E 25 15.45 -11.61 10.80
C UNK E 25 16.78 -12.35 10.91
N UNK E 26 17.16 -13.01 9.82
CA UNK E 26 18.39 -13.80 9.80
C UNK E 26 18.71 -14.15 8.35
N UNK E 27 19.82 -14.87 8.17
CA UNK E 27 20.22 -15.39 6.87
C UNK E 27 20.89 -16.74 7.09
N UNK E 28 21.18 -17.43 6.00
CA UNK E 28 21.71 -18.78 6.10
C UNK E 28 22.45 -19.11 4.80
N UNK E 29 22.77 -20.41 4.63
CA UNK E 29 23.45 -20.90 3.44
C UNK E 29 22.56 -21.84 2.63
N UNK E 30 22.03 -22.89 3.25
CA UNK E 30 21.15 -23.80 2.54
C UNK E 30 19.93 -24.21 3.37
N UNK E 31 19.66 -23.50 4.48
CA UNK E 31 18.51 -23.77 5.32
C UNK E 31 17.31 -22.91 4.97
N UNK E 32 17.22 -22.46 3.71
CA UNK E 32 16.08 -21.63 3.32
C UNK E 32 14.78 -22.43 3.33
N UNK E 33 14.85 -23.74 3.11
CA UNK E 33 13.64 -24.56 3.18
C UNK E 33 13.10 -24.63 4.59
N UNK E 34 13.97 -24.49 5.60
CA UNK E 34 13.52 -24.52 6.98
C UNK E 34 12.91 -23.19 7.42
N UNK E 35 13.11 -22.13 6.64
CA UNK E 35 12.47 -20.84 6.94
C UNK E 35 11.15 -20.76 6.18
N UNK E 36 10.28 -21.73 6.49
CA UNK E 36 8.96 -21.80 5.89
C UNK E 36 7.93 -20.97 6.64
N UNK E 37 8.36 -20.09 7.52
CA UNK E 37 7.47 -19.19 8.24
C UNK E 37 7.38 -17.84 7.51
N UNK E 38 6.88 -17.89 6.28
CA UNK E 38 6.72 -16.67 5.51
C UNK E 38 5.70 -15.74 6.16
N UNK E 39 4.52 -16.26 6.45
CA UNK E 39 3.47 -15.52 7.14
C UNK E 39 3.38 -16.00 8.58
N UNK E 40 3.14 -15.07 9.50
CA UNK E 40 3.14 -15.38 10.91
C UNK E 40 2.09 -16.44 11.24
N UNK E 41 2.20 -16.99 12.45
CA UNK E 41 1.30 -18.06 12.85
C UNK E 41 -0.11 -17.55 13.06
N UNK E 42 -0.28 -16.26 13.42
CA UNK E 42 -1.61 -15.77 13.72
C UNK E 42 -2.52 -15.84 12.50
N UNK E 43 -2.27 -14.98 11.50
CA UNK E 43 -2.83 -15.24 10.18
C UNK E 43 -1.83 -15.00 9.06
N UNK E 44 -1.12 -13.87 9.12
CA UNK E 44 -0.28 -13.41 8.01
C UNK E 44 0.44 -12.13 8.43
N UNK E 45 1.10 -11.51 7.46
CA UNK E 45 1.52 -10.11 7.51
C UNK E 45 2.65 -9.80 8.48
N UNK E 46 3.73 -10.56 8.42
CA UNK E 46 4.94 -10.17 9.14
C UNK E 46 5.52 -8.91 8.50
N UNK E 47 5.63 -7.84 9.28
CA UNK E 47 6.09 -6.55 8.78
C UNK E 47 7.24 -6.03 9.63
N UNK E 48 8.28 -5.53 8.95
CA UNK E 48 9.53 -5.10 9.60
C UNK E 48 9.36 -3.69 10.14
N UNK E 49 9.72 -3.51 11.42
CA UNK E 49 9.64 -2.22 12.08
C UNK E 49 10.90 -2.00 12.91
N UNK E 50 11.04 -0.78 13.45
CA UNK E 50 12.22 -0.37 14.20
C UNK E 50 11.87 -0.39 15.68
N UNK E 51 12.12 -1.52 16.34
CA UNK E 51 11.90 -1.66 17.76
C UNK E 51 13.17 -1.98 18.54
N UNK E 52 13.93 -2.98 18.09
CA UNK E 52 15.15 -3.40 18.76
C UNK E 52 15.96 -4.36 17.90
#